data_7JIO
# 
_entry.id   7JIO 
# 
_audit_conform.dict_name       mmcif_pdbx.dic 
_audit_conform.dict_version    5.380 
_audit_conform.dict_location   http://mmcif.pdb.org/dictionaries/ascii/mmcif_pdbx.dic 
# 
loop_
_database_2.database_id 
_database_2.database_code 
_database_2.pdbx_database_accession 
_database_2.pdbx_DOI 
PDB   7JIO         pdb_00007jio 10.2210/pdb7jio/pdb 
WWPDB D_1000250819 ?            ?                   
# 
_pdbx_database_status.status_code                     REL 
_pdbx_database_status.status_code_sf                  REL 
_pdbx_database_status.status_code_mr                  ? 
_pdbx_database_status.entry_id                        7JIO 
_pdbx_database_status.recvd_initial_deposition_date   2020-07-23 
_pdbx_database_status.SG_entry                        N 
_pdbx_database_status.deposit_site                    RCSB 
_pdbx_database_status.process_site                    RCSB 
_pdbx_database_status.status_code_cs                  ? 
_pdbx_database_status.status_code_nmr_data            ? 
_pdbx_database_status.methods_development_category    ? 
_pdbx_database_status.pdb_format_compatible           Y 
# 
loop_
_audit_author.name 
_audit_author.pdbx_ordinal 
_audit_author.identifier_ORCID 
'Simmons, C.R.'      1 0000-0002-2290-6132 
'MacCulloch, T.'     2 0000-0001-5875-3361 
'Stephanopoulos, N.' 3 0000-0001-7859-410X 
'Yan, H.'            4 0000-0001-7397-9852 
# 
_citation.abstract                  ? 
_citation.abstract_id_CAS           ? 
_citation.book_id_ISBN              ? 
_citation.book_publisher            ? 
_citation.book_publisher_city       ? 
_citation.book_title                ? 
_citation.coordinate_linkage        ? 
_citation.country                   UK 
_citation.database_id_Medline       ? 
_citation.details                   ? 
_citation.id                        primary 
_citation.journal_abbrev            'Nat Commun' 
_citation.journal_id_ASTM           ? 
_citation.journal_id_CSD            ? 
_citation.journal_id_ISSN           2041-1723 
_citation.journal_full              ? 
_citation.journal_issue             ? 
_citation.journal_volume            13 
_citation.language                  ? 
_citation.page_first                3112 
_citation.page_last                 3112 
_citation.title                     'The influence of Holliday junction sequence and dynamics on DNA crystal self-assembly.' 
_citation.year                      2022 
_citation.database_id_CSD           ? 
_citation.pdbx_database_id_DOI      10.1038/s41467-022-30779-6 
_citation.pdbx_database_id_PubMed   35662248 
_citation.unpublished_flag          ? 
# 
loop_
_citation_author.citation_id 
_citation_author.name 
_citation_author.ordinal 
_citation_author.identifier_ORCID 
primary 'Simmons, C.R.'      1  ?                   
primary 'MacCulloch, T.'     2  ?                   
primary 'Krepl, M.'          3  0000-0002-9833-4281 
primary 'Matthies, M.'       4  ?                   
primary 'Buchberger, A.'     5  ?                   
primary 'Crawford, I.'       6  ?                   
primary 'Sponer, J.'         7  0000-0001-6558-6186 
primary 'Sulc, P.'           8  0000-0003-1565-6769 
primary 'Stephanopoulos, N.' 9  0000-0001-7859-410X 
primary 'Yan, H.'            10 0000-0001-7397-9852 
# 
_cell.angle_alpha                  90.000 
_cell.angle_alpha_esd              ? 
_cell.angle_beta                   90.000 
_cell.angle_beta_esd               ? 
_cell.angle_gamma                  120.000 
_cell.angle_gamma_esd              ? 
_cell.entry_id                     7JIO 
_cell.details                      ? 
_cell.formula_units_Z              ? 
_cell.length_a                     114.257 
_cell.length_a_esd                 ? 
_cell.length_b                     114.257 
_cell.length_b_esd                 ? 
_cell.length_c                     51.464 
_cell.length_c_esd                 ? 
_cell.volume                       ? 
_cell.volume_esd                   ? 
_cell.Z_PDB                        9 
_cell.reciprocal_angle_alpha       ? 
_cell.reciprocal_angle_beta        ? 
_cell.reciprocal_angle_gamma       ? 
_cell.reciprocal_angle_alpha_esd   ? 
_cell.reciprocal_angle_beta_esd    ? 
_cell.reciprocal_angle_gamma_esd   ? 
_cell.reciprocal_length_a          ? 
_cell.reciprocal_length_b          ? 
_cell.reciprocal_length_c          ? 
_cell.reciprocal_length_a_esd      ? 
_cell.reciprocal_length_b_esd      ? 
_cell.reciprocal_length_c_esd      ? 
_cell.pdbx_unique_axis             ? 
# 
_symmetry.entry_id                         7JIO 
_symmetry.cell_setting                     ? 
_symmetry.Int_Tables_number                146 
_symmetry.space_group_name_Hall            ? 
_symmetry.space_group_name_H-M             'H 3' 
_symmetry.pdbx_full_space_group_name_H-M   ? 
# 
loop_
_entity.id 
_entity.type 
_entity.src_method 
_entity.pdbx_description 
_entity.formula_weight 
_entity.pdbx_number_of_molecules 
_entity.pdbx_ec 
_entity.pdbx_mutation 
_entity.pdbx_fragment 
_entity.details 
1 polymer     syn 
;DNA (5'-D(*GP*AP*AP*CP*GP*AP*CP*AP*CP*TP*GP*A)-3')
;
3680.432 1 ? ? ? ? 
2 polymer     syn 
;DNA (5'-D(P*CP*GP*AP*CP*GP*AP*CP*TP*C)-3')
;
2700.788 1 ? ? ? ? 
3 polymer     syn 
;DNA (5'-D(P*TP*CP*AP*TP*CP*G)-3')
;
1784.204 1 ? ? ? ? 
4 polymer     syn 
;DNA (5'-D(*TP*CP*GP*AP*GP*TP*CP*GP*GP*TP*GP*TP*CP*GP*T)-3')
;
4631.993 1 ? ? ? ? 
5 non-polymer syn 'MAGNESIUM ION'                                               24.305   4 ? ? ? ? 
# 
loop_
_entity_poly.entity_id 
_entity_poly.type 
_entity_poly.nstd_linkage 
_entity_poly.nstd_monomer 
_entity_poly.pdbx_seq_one_letter_code 
_entity_poly.pdbx_seq_one_letter_code_can 
_entity_poly.pdbx_strand_id 
_entity_poly.pdbx_target_identifier 
1 polydeoxyribonucleotide no no '(DG)(DA)(DA)(DC)(DG)(DA)(DC)(DA)(DC)(DT)(DG)(DA)'             GAACGACACTGA    A ? 
2 polydeoxyribonucleotide no no '(DC)(DG)(DA)(DC)(DG)(DA)(DC)(DT)(DC)'                         CGACGACTC       B ? 
3 polydeoxyribonucleotide no no '(DT)(DC)(DA)(DT)(DC)(DG)'                                     TCATCG          C ? 
4 polydeoxyribonucleotide no no '(DT)(DC)(DG)(DA)(DG)(DT)(DC)(DG)(DG)(DT)(DG)(DT)(DC)(DG)(DT)' TCGAGTCGGTGTCGT D ? 
# 
loop_
_entity_poly_seq.entity_id 
_entity_poly_seq.num 
_entity_poly_seq.mon_id 
_entity_poly_seq.hetero 
1 1  DG n 
1 2  DA n 
1 3  DA n 
1 4  DC n 
1 5  DG n 
1 6  DA n 
1 7  DC n 
1 8  DA n 
1 9  DC n 
1 10 DT n 
1 11 DG n 
1 12 DA n 
2 1  DC n 
2 2  DG n 
2 3  DA n 
2 4  DC n 
2 5  DG n 
2 6  DA n 
2 7  DC n 
2 8  DT n 
2 9  DC n 
3 1  DT n 
3 2  DC n 
3 3  DA n 
3 4  DT n 
3 5  DC n 
3 6  DG n 
4 1  DT n 
4 2  DC n 
4 3  DG n 
4 4  DA n 
4 5  DG n 
4 6  DT n 
4 7  DC n 
4 8  DG n 
4 9  DG n 
4 10 DT n 
4 11 DG n 
4 12 DT n 
4 13 DC n 
4 14 DG n 
4 15 DT n 
# 
loop_
_pdbx_entity_src_syn.entity_id 
_pdbx_entity_src_syn.pdbx_src_id 
_pdbx_entity_src_syn.pdbx_alt_source_flag 
_pdbx_entity_src_syn.pdbx_beg_seq_num 
_pdbx_entity_src_syn.pdbx_end_seq_num 
_pdbx_entity_src_syn.organism_scientific 
_pdbx_entity_src_syn.organism_common_name 
_pdbx_entity_src_syn.ncbi_taxonomy_id 
_pdbx_entity_src_syn.details 
1 1 sample 1 12 'synthetic construct' ? 32630 ? 
2 1 sample 1 9  'synthetic construct' ? 32630 ? 
3 1 sample 1 6  'synthetic construct' ? 32630 ? 
4 1 sample 1 15 'synthetic construct' ? 32630 ? 
# 
loop_
_struct_ref.id 
_struct_ref.db_name 
_struct_ref.db_code 
_struct_ref.pdbx_db_accession 
_struct_ref.pdbx_db_isoform 
_struct_ref.entity_id 
_struct_ref.pdbx_seq_one_letter_code 
_struct_ref.pdbx_align_begin 
1 PDB 7JIO 7JIO ? 1 ? 1 
2 PDB 7JIO 7JIO ? 2 ? 1 
3 PDB 7JIO 7JIO ? 3 ? 1 
4 PDB 7JIO 7JIO ? 4 ? 1 
# 
loop_
_struct_ref_seq.align_id 
_struct_ref_seq.ref_id 
_struct_ref_seq.pdbx_PDB_id_code 
_struct_ref_seq.pdbx_strand_id 
_struct_ref_seq.seq_align_beg 
_struct_ref_seq.pdbx_seq_align_beg_ins_code 
_struct_ref_seq.seq_align_end 
_struct_ref_seq.pdbx_seq_align_end_ins_code 
_struct_ref_seq.pdbx_db_accession 
_struct_ref_seq.db_align_beg 
_struct_ref_seq.pdbx_db_align_beg_ins_code 
_struct_ref_seq.db_align_end 
_struct_ref_seq.pdbx_db_align_end_ins_code 
_struct_ref_seq.pdbx_auth_seq_align_beg 
_struct_ref_seq.pdbx_auth_seq_align_end 
1 1 7JIO A 1 ? 12 ? 7JIO 1  ? 12 ? 1  12 
2 2 7JIO B 1 ? 9  ? 7JIO 12 ? 20 ? 12 20 
3 3 7JIO C 1 ? 6  ? 7JIO 0  ? 5  ? 0  5  
4 4 7JIO D 1 ? 15 ? 7JIO 2  ? 16 ? 2  16 
# 
loop_
_chem_comp.id 
_chem_comp.type 
_chem_comp.mon_nstd_flag 
_chem_comp.name 
_chem_comp.pdbx_synonyms 
_chem_comp.formula 
_chem_comp.formula_weight 
DA 'DNA linking' y "2'-DEOXYADENOSINE-5'-MONOPHOSPHATE" ? 'C10 H14 N5 O6 P' 331.222 
DC 'DNA linking' y "2'-DEOXYCYTIDINE-5'-MONOPHOSPHATE"  ? 'C9 H14 N3 O7 P'  307.197 
DG 'DNA linking' y "2'-DEOXYGUANOSINE-5'-MONOPHOSPHATE" ? 'C10 H14 N5 O7 P' 347.221 
DT 'DNA linking' y "THYMIDINE-5'-MONOPHOSPHATE"         ? 'C10 H15 N2 O8 P' 322.208 
MG non-polymer   . 'MAGNESIUM ION'                      ? 'Mg 2'            24.305  
# 
_exptl.absorpt_coefficient_mu     ? 
_exptl.absorpt_correction_T_max   ? 
_exptl.absorpt_correction_T_min   ? 
_exptl.absorpt_correction_type    ? 
_exptl.absorpt_process_details    ? 
_exptl.entry_id                   7JIO 
_exptl.crystals_number            1 
_exptl.details                    ? 
_exptl.method                     'X-RAY DIFFRACTION' 
_exptl.method_details             ? 
# 
_exptl_crystal.colour                      ? 
_exptl_crystal.density_diffrn              ? 
_exptl_crystal.density_Matthews            5.05 
_exptl_crystal.density_method              ? 
_exptl_crystal.density_percent_sol         75.65 
_exptl_crystal.description                 ? 
_exptl_crystal.F_000                       ? 
_exptl_crystal.id                          1 
_exptl_crystal.preparation                 ? 
_exptl_crystal.size_max                    ? 
_exptl_crystal.size_mid                    ? 
_exptl_crystal.size_min                    ? 
_exptl_crystal.size_rad                    ? 
_exptl_crystal.colour_lustre               ? 
_exptl_crystal.colour_modifier             ? 
_exptl_crystal.colour_primary              ? 
_exptl_crystal.density_meas                ? 
_exptl_crystal.density_meas_esd            ? 
_exptl_crystal.density_meas_gt             ? 
_exptl_crystal.density_meas_lt             ? 
_exptl_crystal.density_meas_temp           ? 
_exptl_crystal.density_meas_temp_esd       ? 
_exptl_crystal.density_meas_temp_gt        ? 
_exptl_crystal.density_meas_temp_lt        ? 
_exptl_crystal.pdbx_crystal_image_url      ? 
_exptl_crystal.pdbx_crystal_image_format   ? 
_exptl_crystal.pdbx_mosaicity              ? 
_exptl_crystal.pdbx_mosaicity_esd          ? 
# 
_exptl_crystal_grow.apparatus       ? 
_exptl_crystal_grow.atmosphere      ? 
_exptl_crystal_grow.crystal_id      1 
_exptl_crystal_grow.details         ? 
_exptl_crystal_grow.method          'VAPOR DIFFUSION, SITTING DROP' 
_exptl_crystal_grow.method_ref      ? 
_exptl_crystal_grow.pH              ? 
_exptl_crystal_grow.pressure        ? 
_exptl_crystal_grow.pressure_esd    ? 
_exptl_crystal_grow.seeding         ? 
_exptl_crystal_grow.seeding_ref     ? 
_exptl_crystal_grow.temp            298 
_exptl_crystal_grow.temp_details    'temperature gradient generated from 60 to 25 C at 0.3 degrees per hour' 
_exptl_crystal_grow.temp_esd        ? 
_exptl_crystal_grow.time            ? 
_exptl_crystal_grow.pdbx_details    
;0.5 mL of 0.05 M HEPES pH 7.5 with 80 mM MgCl2 and 2.5 mM spermine was added to the reservoir with 2 uL added to the drop containing 4 uL of DNA stock
;
_exptl_crystal_grow.pdbx_pH_range   ? 
# 
_diffrn.ambient_environment              ? 
_diffrn.ambient_temp                     100 
_diffrn.ambient_temp_details             ? 
_diffrn.ambient_temp_esd                 ? 
_diffrn.crystal_id                       1 
_diffrn.crystal_support                  ? 
_diffrn.crystal_treatment                ? 
_diffrn.details                          ? 
_diffrn.id                               1 
_diffrn.ambient_pressure                 ? 
_diffrn.ambient_pressure_esd             ? 
_diffrn.ambient_pressure_gt              ? 
_diffrn.ambient_pressure_lt              ? 
_diffrn.ambient_temp_gt                  ? 
_diffrn.ambient_temp_lt                  ? 
_diffrn.pdbx_serial_crystal_experiment   N 
# 
_diffrn_detector.details                      ? 
_diffrn_detector.detector                     PIXEL 
_diffrn_detector.diffrn_id                    1 
_diffrn_detector.type                         'DECTRIS PILATUS3 6M' 
_diffrn_detector.area_resol_mean              ? 
_diffrn_detector.dtime                        ? 
_diffrn_detector.pdbx_frames_total            ? 
_diffrn_detector.pdbx_collection_time_total   ? 
_diffrn_detector.pdbx_collection_date         2019-08-15 
_diffrn_detector.pdbx_frequency               ? 
# 
_diffrn_radiation.collimation                      ? 
_diffrn_radiation.diffrn_id                        1 
_diffrn_radiation.filter_edge                      ? 
_diffrn_radiation.inhomogeneity                    ? 
_diffrn_radiation.monochromator                    ? 
_diffrn_radiation.polarisn_norm                    ? 
_diffrn_radiation.polarisn_ratio                   ? 
_diffrn_radiation.probe                            ? 
_diffrn_radiation.type                             ? 
_diffrn_radiation.xray_symbol                      ? 
_diffrn_radiation.wavelength_id                    1 
_diffrn_radiation.pdbx_monochromatic_or_laue_m_l   M 
_diffrn_radiation.pdbx_wavelength_list             ? 
_diffrn_radiation.pdbx_wavelength                  ? 
_diffrn_radiation.pdbx_diffrn_protocol             'SINGLE WAVELENGTH' 
_diffrn_radiation.pdbx_analyzer                    ? 
_diffrn_radiation.pdbx_scattering_type             x-ray 
# 
_diffrn_radiation_wavelength.id           1 
_diffrn_radiation_wavelength.wavelength   1 
_diffrn_radiation_wavelength.wt           1.0 
# 
_diffrn_source.current                     ? 
_diffrn_source.details                     ? 
_diffrn_source.diffrn_id                   1 
_diffrn_source.power                       ? 
_diffrn_source.size                        ? 
_diffrn_source.source                      SYNCHROTRON 
_diffrn_source.target                      ? 
_diffrn_source.type                        'APS BEAMLINE 19-ID' 
_diffrn_source.voltage                     ? 
_diffrn_source.take-off_angle              ? 
_diffrn_source.pdbx_wavelength_list        1 
_diffrn_source.pdbx_wavelength             ? 
_diffrn_source.pdbx_synchrotron_beamline   19-ID 
_diffrn_source.pdbx_synchrotron_site       APS 
# 
_reflns.B_iso_Wilson_estimate            ? 
_reflns.entry_id                         7JIO 
_reflns.data_reduction_details           ? 
_reflns.data_reduction_method            ? 
_reflns.d_resolution_high                3.000 
_reflns.d_resolution_low                 57.13 
_reflns.details                          ? 
_reflns.limit_h_max                      ? 
_reflns.limit_h_min                      ? 
_reflns.limit_k_max                      ? 
_reflns.limit_k_min                      ? 
_reflns.limit_l_max                      ? 
_reflns.limit_l_min                      ? 
_reflns.number_all                       ? 
_reflns.number_obs                       4894 
_reflns.observed_criterion               ? 
_reflns.observed_criterion_F_max         ? 
_reflns.observed_criterion_F_min         ? 
_reflns.observed_criterion_I_max         ? 
_reflns.observed_criterion_I_min         ? 
_reflns.observed_criterion_sigma_F       ? 
_reflns.observed_criterion_sigma_I       ? 
_reflns.percent_possible_obs             99.700 
_reflns.R_free_details                   ? 
_reflns.Rmerge_F_all                     ? 
_reflns.Rmerge_F_obs                     ? 
_reflns.Friedel_coverage                 ? 
_reflns.number_gt                        ? 
_reflns.threshold_expression             ? 
_reflns.pdbx_redundancy                  10.400 
_reflns.pdbx_Rmerge_I_obs                0.102 
_reflns.pdbx_Rmerge_I_all                ? 
_reflns.pdbx_Rsym_value                  ? 
_reflns.pdbx_netI_over_av_sigmaI         ? 
_reflns.pdbx_netI_over_sigmaI            8.700 
_reflns.pdbx_res_netI_over_av_sigmaI_2   ? 
_reflns.pdbx_res_netI_over_sigmaI_2      ? 
_reflns.pdbx_chi_squared                 4.645 
_reflns.pdbx_scaling_rejects             ? 
_reflns.pdbx_d_res_high_opt              ? 
_reflns.pdbx_d_res_low_opt               ? 
_reflns.pdbx_d_res_opt_method            ? 
_reflns.phase_calculation_details        ? 
_reflns.pdbx_Rrim_I_all                  0.107 
_reflns.pdbx_Rpim_I_all                  0.034 
_reflns.pdbx_d_opt                       ? 
_reflns.pdbx_number_measured_all         ? 
_reflns.pdbx_diffrn_id                   1 
_reflns.pdbx_ordinal                     1 
_reflns.pdbx_CC_half                     1 
_reflns.pdbx_CC_star                     ? 
_reflns.pdbx_R_split                     ? 
# 
loop_
_reflns_shell.d_res_high 
_reflns_shell.d_res_low 
_reflns_shell.meanI_over_sigI_all 
_reflns_shell.meanI_over_sigI_obs 
_reflns_shell.number_measured_all 
_reflns_shell.number_measured_obs 
_reflns_shell.number_possible 
_reflns_shell.number_unique_all 
_reflns_shell.number_unique_obs 
_reflns_shell.percent_possible_all 
_reflns_shell.percent_possible_obs 
_reflns_shell.Rmerge_F_all 
_reflns_shell.Rmerge_F_obs 
_reflns_shell.Rmerge_I_all 
_reflns_shell.Rmerge_I_obs 
_reflns_shell.meanI_over_sigI_gt 
_reflns_shell.meanI_over_uI_all 
_reflns_shell.meanI_over_uI_gt 
_reflns_shell.number_measured_gt 
_reflns_shell.number_unique_gt 
_reflns_shell.percent_possible_gt 
_reflns_shell.Rmerge_F_gt 
_reflns_shell.Rmerge_I_gt 
_reflns_shell.pdbx_redundancy 
_reflns_shell.pdbx_Rsym_value 
_reflns_shell.pdbx_chi_squared 
_reflns_shell.pdbx_netI_over_sigmaI_all 
_reflns_shell.pdbx_netI_over_sigmaI_obs 
_reflns_shell.pdbx_Rrim_I_all 
_reflns_shell.pdbx_Rpim_I_all 
_reflns_shell.pdbx_rejects 
_reflns_shell.pdbx_ordinal 
_reflns_shell.pdbx_diffrn_id 
_reflns_shell.pdbx_CC_half 
_reflns_shell.pdbx_CC_star 
_reflns_shell.pdbx_R_split 
3.000 3.050  ? ? ? ? ? ? 255 100.000 ? ? ? ? 0.667 ? ? ? ? ? ? ? ? 9.300  ? 0.477  ? ? 0.705 0.225 ? 1  1 0.920 ? ? 
3.050 3.110  ? ? ? ? ? ? 247 100.000 ? ? ? ? 0.378 ? ? ? ? ? ? ? ? 10.200 ? 0.548  ? ? 0.397 0.121 ? 2  1 0.980 ? ? 
3.110 3.170  ? ? ? ? ? ? 240 100.000 ? ? ? ? 0.145 ? ? ? ? ? ? ? ? 10.100 ? 0.744  ? ? 0.152 0.046 ? 3  1 0.997 ? ? 
3.170 3.230  ? ? ? ? ? ? 251 100.000 ? ? ? ? 0.114 ? ? ? ? ? ? ? ? 10.700 ? 0.861  ? ? 0.119 0.035 ? 4  1 0.999 ? ? 
3.230 3.300  ? ? ? ? ? ? 225 100.000 ? ? ? ? 0.132 ? ? ? ? ? ? ? ? 10.600 ? 1.007  ? ? 0.138 0.041 ? 5  1 0.997 ? ? 
3.300 3.380  ? ? ? ? ? ? 272 100.000 ? ? ? ? 0.109 ? ? ? ? ? ? ? ? 10.300 ? 1.182  ? ? 0.115 0.036 ? 6  1 0.997 ? ? 
3.380 3.460  ? ? ? ? ? ? 224 100.000 ? ? ? ? 0.116 ? ? ? ? ? ? ? ? 10.600 ? 1.189  ? ? 0.122 0.037 ? 7  1 0.998 ? ? 
3.460 3.560  ? ? ? ? ? ? 257 100.000 ? ? ? ? 0.121 ? ? ? ? ? ? ? ? 10.400 ? 1.806  ? ? 0.127 0.039 ? 8  1 0.996 ? ? 
3.560 3.660  ? ? ? ? ? ? 236 98.700  ? ? ? ? 0.172 ? ? ? ? ? ? ? ? 9.700  ? 2.038  ? ? 0.181 0.058 ? 9  1 0.991 ? ? 
3.660 3.780  ? ? ? ? ? ? 247 99.600  ? ? ? ? 0.165 ? ? ? ? ? ? ? ? 10.000 ? 1.478  ? ? 0.174 0.055 ? 10 1 0.989 ? ? 
3.780 3.910  ? ? ? ? ? ? 245 100.000 ? ? ? ? 0.145 ? ? ? ? ? ? ? ? 10.800 ? 1.724  ? ? 0.152 0.046 ? 11 1 0.991 ? ? 
3.910 4.070  ? ? ? ? ? ? 234 100.000 ? ? ? ? 0.118 ? ? ? ? ? ? ? ? 10.900 ? 2.230  ? ? 0.124 0.037 ? 12 1 0.995 ? ? 
4.070 4.260  ? ? ? ? ? ? 259 100.000 ? ? ? ? 0.120 ? ? ? ? ? ? ? ? 10.500 ? 3.276  ? ? 0.126 0.039 ? 13 1 0.992 ? ? 
4.260 4.480  ? ? ? ? ? ? 242 100.000 ? ? ? ? 0.119 ? ? ? ? ? ? ? ? 10.800 ? 3.854  ? ? 0.124 0.037 ? 14 1 0.988 ? ? 
4.480 4.760  ? ? ? ? ? ? 241 100.000 ? ? ? ? 0.109 ? ? ? ? ? ? ? ? 10.000 ? 4.916  ? ? 0.115 0.036 ? 15 1 0.991 ? ? 
4.760 5.130  ? ? ? ? ? ? 249 99.600  ? ? ? ? 0.111 ? ? ? ? ? ? ? ? 10.000 ? 8.620  ? ? 0.117 0.036 ? 16 1 0.991 ? ? 
5.130 5.640  ? ? ? ? ? ? 254 100.000 ? ? ? ? 0.094 ? ? ? ? ? ? ? ? 11.200 ? 5.477  ? ? 0.099 0.030 ? 17 1 0.993 ? ? 
5.640 6.460  ? ? ? ? ? ? 232 100.000 ? ? ? ? 0.093 ? ? ? ? ? ? ? ? 10.800 ? 9.869  ? ? 0.097 0.030 ? 18 1 0.986 ? ? 
6.460 8.130  ? ? ? ? ? ? 240 98.400  ? ? ? ? 0.069 ? ? ? ? ? ? ? ? 10.300 ? 7.602  ? ? 0.072 0.022 ? 19 1 0.996 ? ? 
8.130 50.000 ? ? ? ? ? ? 244 98.400  ? ? ? ? 0.099 ? ? ? ? ? ? ? ? 10.600 ? 33.078 ? ? 0.105 0.034 ? 20 1 0.989 ? ? 
# 
_refine.aniso_B[1][1]                            -0.1700 
_refine.aniso_B[1][2]                            -0.0900 
_refine.aniso_B[1][3]                            0.0000 
_refine.aniso_B[2][2]                            -0.1700 
_refine.aniso_B[2][3]                            0.0000 
_refine.aniso_B[3][3]                            0.5600 
_refine.B_iso_max                                242.430 
_refine.B_iso_mean                               97.8390 
_refine.B_iso_min                                48.080 
_refine.correlation_coeff_Fo_to_Fc               0.9710 
_refine.correlation_coeff_Fo_to_Fc_free          0.9640 
_refine.details                                  
'HYDROGENS HAVE BEEN ADDED IN THE RIDING POSITIONS U VALUES      : REFINED INDIVIDUALLY' 
_refine.diff_density_max                         ? 
_refine.diff_density_max_esd                     ? 
_refine.diff_density_min                         ? 
_refine.diff_density_min_esd                     ? 
_refine.diff_density_rms                         ? 
_refine.diff_density_rms_esd                     ? 
_refine.entry_id                                 7JIO 
_refine.pdbx_refine_id                           'X-RAY DIFFRACTION' 
_refine.ls_abs_structure_details                 ? 
_refine.ls_abs_structure_Flack                   ? 
_refine.ls_abs_structure_Flack_esd               ? 
_refine.ls_abs_structure_Rogers                  ? 
_refine.ls_abs_structure_Rogers_esd              ? 
_refine.ls_d_res_high                            3.0200 
_refine.ls_d_res_low                             57.1300 
_refine.ls_extinction_coef                       ? 
_refine.ls_extinction_coef_esd                   ? 
_refine.ls_extinction_expression                 ? 
_refine.ls_extinction_method                     ? 
_refine.ls_goodness_of_fit_all                   ? 
_refine.ls_goodness_of_fit_all_esd               ? 
_refine.ls_goodness_of_fit_obs                   ? 
_refine.ls_goodness_of_fit_obs_esd               ? 
_refine.ls_hydrogen_treatment                    ? 
_refine.ls_matrix_type                           ? 
_refine.ls_number_constraints                    ? 
_refine.ls_number_parameters                     ? 
_refine.ls_number_reflns_all                     ? 
_refine.ls_number_reflns_obs                     4581 
_refine.ls_number_reflns_R_free                  241 
_refine.ls_number_reflns_R_work                  ? 
_refine.ls_number_restraints                     ? 
_refine.ls_percent_reflns_obs                    97.7500 
_refine.ls_percent_reflns_R_free                 5.0000 
_refine.ls_R_factor_all                          ? 
_refine.ls_R_factor_obs                          0.1888 
_refine.ls_R_factor_R_free                       0.2249 
_refine.ls_R_factor_R_free_error                 ? 
_refine.ls_R_factor_R_free_error_details         ? 
_refine.ls_R_factor_R_work                       0.1868 
_refine.ls_R_Fsqd_factor_obs                     ? 
_refine.ls_R_I_factor_obs                        ? 
_refine.ls_redundancy_reflns_all                 ? 
_refine.ls_redundancy_reflns_obs                 ? 
_refine.ls_restrained_S_all                      ? 
_refine.ls_restrained_S_obs                      ? 
_refine.ls_shift_over_esd_max                    ? 
_refine.ls_shift_over_esd_mean                   ? 
_refine.ls_structure_factor_coef                 ? 
_refine.ls_weighting_details                     ? 
_refine.ls_weighting_scheme                      ? 
_refine.ls_wR_factor_all                         ? 
_refine.ls_wR_factor_obs                         ? 
_refine.ls_wR_factor_R_free                      ? 
_refine.ls_wR_factor_R_work                      ? 
_refine.occupancy_max                            ? 
_refine.occupancy_min                            ? 
_refine.solvent_model_details                    MASK 
_refine.solvent_model_param_bsol                 ? 
_refine.solvent_model_param_ksol                 ? 
_refine.pdbx_R_complete                          ? 
_refine.ls_R_factor_gt                           ? 
_refine.ls_goodness_of_fit_gt                    ? 
_refine.ls_goodness_of_fit_ref                   ? 
_refine.ls_shift_over_su_max                     ? 
_refine.ls_shift_over_su_max_lt                  ? 
_refine.ls_shift_over_su_mean                    ? 
_refine.ls_shift_over_su_mean_lt                 ? 
_refine.pdbx_ls_sigma_I                          ? 
_refine.pdbx_ls_sigma_F                          0.000 
_refine.pdbx_ls_sigma_Fsqd                       ? 
_refine.pdbx_data_cutoff_high_absF               ? 
_refine.pdbx_data_cutoff_high_rms_absF           ? 
_refine.pdbx_data_cutoff_low_absF                ? 
_refine.pdbx_isotropic_thermal_model             ? 
_refine.pdbx_ls_cross_valid_method               THROUGHOUT 
_refine.pdbx_method_to_determine_struct          'MOLECULAR REPLACEMENT' 
_refine.pdbx_starting_model                      6XNA 
_refine.pdbx_stereochemistry_target_values       'MAXIMUM LIKELIHOOD' 
_refine.pdbx_R_Free_selection_details            RANDOM 
_refine.pdbx_stereochem_target_val_spec_case     ? 
_refine.pdbx_overall_ESU_R                       0.5000 
_refine.pdbx_overall_ESU_R_Free                  0.3010 
_refine.pdbx_solvent_vdw_probe_radii             1.2000 
_refine.pdbx_solvent_ion_probe_radii             0.8000 
_refine.pdbx_solvent_shrinkage_radii             0.8000 
_refine.pdbx_real_space_R                        ? 
_refine.pdbx_density_correlation                 ? 
_refine.pdbx_pd_number_of_powder_patterns        ? 
_refine.pdbx_pd_number_of_points                 ? 
_refine.pdbx_pd_meas_number_of_points            ? 
_refine.pdbx_pd_proc_ls_prof_R_factor            ? 
_refine.pdbx_pd_proc_ls_prof_wR_factor           ? 
_refine.pdbx_pd_Marquardt_correlation_coeff      ? 
_refine.pdbx_pd_Fsqrd_R_factor                   ? 
_refine.pdbx_pd_ls_matrix_band_width             ? 
_refine.pdbx_overall_phase_error                 ? 
_refine.pdbx_overall_SU_R_free_Cruickshank_DPI   ? 
_refine.pdbx_overall_SU_R_free_Blow_DPI          ? 
_refine.pdbx_overall_SU_R_Blow_DPI               ? 
_refine.pdbx_TLS_residual_ADP_flag               ? 
_refine.pdbx_diffrn_id                           1 
_refine.overall_SU_B                             15.3400 
_refine.overall_SU_ML                            0.2440 
_refine.overall_SU_R_Cruickshank_DPI             ? 
_refine.overall_SU_R_free                        ? 
_refine.overall_FOM_free_R_set                   ? 
_refine.overall_FOM_work_R_set                   ? 
_refine.pdbx_average_fsc_overall                 ? 
_refine.pdbx_average_fsc_work                    ? 
_refine.pdbx_average_fsc_free                    ? 
# 
_refine_hist.pdbx_refine_id                   'X-RAY DIFFRACTION' 
_refine_hist.cycle_id                         final 
_refine_hist.details                          ? 
_refine_hist.d_res_high                       3.0200 
_refine_hist.d_res_low                        57.1300 
_refine_hist.number_atoms_solvent             0 
_refine_hist.number_atoms_total               859 
_refine_hist.number_reflns_all                ? 
_refine_hist.number_reflns_obs                ? 
_refine_hist.number_reflns_R_free             ? 
_refine_hist.number_reflns_R_work             ? 
_refine_hist.R_factor_all                     ? 
_refine_hist.R_factor_obs                     ? 
_refine_hist.R_factor_R_free                  ? 
_refine_hist.R_factor_R_work                  ? 
_refine_hist.pdbx_number_residues_total       42 
_refine_hist.pdbx_B_iso_mean_ligand           91.52 
_refine_hist.pdbx_B_iso_mean_solvent          ? 
_refine_hist.pdbx_number_atoms_protein        0 
_refine_hist.pdbx_number_atoms_nucleic_acid   855 
_refine_hist.pdbx_number_atoms_ligand         4 
_refine_hist.pdbx_number_atoms_lipid          ? 
_refine_hist.pdbx_number_atoms_carb           ? 
_refine_hist.pdbx_pseudo_atom_details         ? 
# 
_refine_ls_shell.pdbx_refine_id                   'X-RAY DIFFRACTION' 
_refine_ls_shell.d_res_high                       3.02 
_refine_ls_shell.d_res_low                        3.0960 
_refine_ls_shell.number_reflns_all                ? 
_refine_ls_shell.number_reflns_obs                ? 
_refine_ls_shell.number_reflns_R_free             20 
_refine_ls_shell.number_reflns_R_work             334 
_refine_ls_shell.percent_reflns_obs               92.9100 
_refine_ls_shell.percent_reflns_R_free            ? 
_refine_ls_shell.R_factor_all                     ? 
_refine_ls_shell.R_factor_obs                     ? 
_refine_ls_shell.R_factor_R_free                  0.5060 
_refine_ls_shell.R_factor_R_free_error            0.0000 
_refine_ls_shell.R_factor_R_work                  0.4360 
_refine_ls_shell.redundancy_reflns_all            ? 
_refine_ls_shell.redundancy_reflns_obs            ? 
_refine_ls_shell.wR_factor_all                    ? 
_refine_ls_shell.wR_factor_obs                    ? 
_refine_ls_shell.wR_factor_R_free                 ? 
_refine_ls_shell.wR_factor_R_work                 ? 
_refine_ls_shell.pdbx_R_complete                  ? 
_refine_ls_shell.pdbx_total_number_of_bins_used   ? 
_refine_ls_shell.pdbx_phase_error                 ? 
_refine_ls_shell.pdbx_fsc_work                    ? 
_refine_ls_shell.pdbx_fsc_free                    ? 
# 
_struct.entry_id                     7JIO 
_struct.title                        
;Self-assembly of a 3D DNA crystal lattice (4x6 scramble junction version) containing the J23 immobile Holliday junction with R3 symmetry
;
_struct.pdbx_model_details           ? 
_struct.pdbx_formula_weight          ? 
_struct.pdbx_formula_weight_method   ? 
_struct.pdbx_model_type_details      ? 
_struct.pdbx_CASP_flag               N 
# 
_struct_keywords.entry_id        7JIO 
_struct_keywords.text            
'Structural DNA nanotechnology, immobile Holliday junctions, 3D DNA self-assembly, designer DNA crystals, DNA' 
_struct_keywords.pdbx_keywords   DNA 
# 
loop_
_struct_asym.id 
_struct_asym.pdbx_blank_PDB_chainid_flag 
_struct_asym.pdbx_modified 
_struct_asym.entity_id 
_struct_asym.details 
A N N 1 ? 
B N N 2 ? 
C N N 3 ? 
D N N 4 ? 
E N N 5 ? 
F N N 5 ? 
G N N 5 ? 
H N N 5 ? 
# 
loop_
_struct_conn.id 
_struct_conn.conn_type_id 
_struct_conn.pdbx_leaving_atom_flag 
_struct_conn.pdbx_PDB_id 
_struct_conn.ptnr1_label_asym_id 
_struct_conn.ptnr1_label_comp_id 
_struct_conn.ptnr1_label_seq_id 
_struct_conn.ptnr1_label_atom_id 
_struct_conn.pdbx_ptnr1_label_alt_id 
_struct_conn.pdbx_ptnr1_PDB_ins_code 
_struct_conn.pdbx_ptnr1_standard_comp_id 
_struct_conn.ptnr1_symmetry 
_struct_conn.ptnr2_label_asym_id 
_struct_conn.ptnr2_label_comp_id 
_struct_conn.ptnr2_label_seq_id 
_struct_conn.ptnr2_label_atom_id 
_struct_conn.pdbx_ptnr2_label_alt_id 
_struct_conn.pdbx_ptnr2_PDB_ins_code 
_struct_conn.ptnr1_auth_asym_id 
_struct_conn.ptnr1_auth_comp_id 
_struct_conn.ptnr1_auth_seq_id 
_struct_conn.ptnr2_auth_asym_id 
_struct_conn.ptnr2_auth_comp_id 
_struct_conn.ptnr2_auth_seq_id 
_struct_conn.ptnr2_symmetry 
_struct_conn.pdbx_ptnr3_label_atom_id 
_struct_conn.pdbx_ptnr3_label_seq_id 
_struct_conn.pdbx_ptnr3_label_comp_id 
_struct_conn.pdbx_ptnr3_label_asym_id 
_struct_conn.pdbx_ptnr3_label_alt_id 
_struct_conn.pdbx_ptnr3_PDB_ins_code 
_struct_conn.details 
_struct_conn.pdbx_dist_value 
_struct_conn.pdbx_value_order 
_struct_conn.pdbx_role 
hydrog1  hydrog ? ? A DA 3  N1 ? ? ? 1_555 D DT 15 N3 ? ? A DA 3  D DT 16 1_555 ? ? ? ? ? ? WATSON-CRICK ? ? ? 
hydrog2  hydrog ? ? A DA 3  N6 ? ? ? 1_555 D DT 15 O4 ? ? A DA 3  D DT 16 1_555 ? ? ? ? ? ? WATSON-CRICK ? ? ? 
hydrog3  hydrog ? ? A DC 4  N3 ? ? ? 1_555 D DG 14 N1 ? ? A DC 4  D DG 15 1_555 ? ? ? ? ? ? WATSON-CRICK ? ? ? 
hydrog4  hydrog ? ? A DC 4  N4 ? ? ? 1_555 D DG 14 O6 ? ? A DC 4  D DG 15 1_555 ? ? ? ? ? ? WATSON-CRICK ? ? ? 
hydrog5  hydrog ? ? A DC 4  O2 ? ? ? 1_555 D DG 14 N2 ? ? A DC 4  D DG 15 1_555 ? ? ? ? ? ? WATSON-CRICK ? ? ? 
hydrog6  hydrog ? ? A DG 5  N1 ? ? ? 1_555 D DC 13 N3 ? ? A DG 5  D DC 14 1_555 ? ? ? ? ? ? WATSON-CRICK ? ? ? 
hydrog7  hydrog ? ? A DG 5  N2 ? ? ? 1_555 D DC 13 O2 ? ? A DG 5  D DC 14 1_555 ? ? ? ? ? ? WATSON-CRICK ? ? ? 
hydrog8  hydrog ? ? A DG 5  O6 ? ? ? 1_555 D DC 13 N4 ? ? A DG 5  D DC 14 1_555 ? ? ? ? ? ? WATSON-CRICK ? ? ? 
hydrog9  hydrog ? ? A DA 6  N1 ? ? ? 1_555 D DT 12 N3 ? ? A DA 6  D DT 13 1_555 ? ? ? ? ? ? WATSON-CRICK ? ? ? 
hydrog10 hydrog ? ? A DA 6  N6 ? ? ? 1_555 D DT 12 O4 ? ? A DA 6  D DT 13 1_555 ? ? ? ? ? ? WATSON-CRICK ? ? ? 
hydrog11 hydrog ? ? A DC 7  N3 ? ? ? 1_555 D DG 11 N1 ? ? A DC 7  D DG 12 1_555 ? ? ? ? ? ? WATSON-CRICK ? ? ? 
hydrog12 hydrog ? ? A DC 7  N4 ? ? ? 1_555 D DG 11 O6 ? ? A DC 7  D DG 12 1_555 ? ? ? ? ? ? WATSON-CRICK ? ? ? 
hydrog13 hydrog ? ? A DC 7  O2 ? ? ? 1_555 D DG 11 N2 ? ? A DC 7  D DG 12 1_555 ? ? ? ? ? ? WATSON-CRICK ? ? ? 
hydrog14 hydrog ? ? A DA 8  N1 ? ? ? 1_555 D DT 10 N3 ? ? A DA 8  D DT 11 1_555 ? ? ? ? ? ? WATSON-CRICK ? ? ? 
hydrog15 hydrog ? ? A DA 8  N6 ? ? ? 1_555 D DT 10 O4 ? ? A DA 8  D DT 11 1_555 ? ? ? ? ? ? WATSON-CRICK ? ? ? 
hydrog16 hydrog ? ? A DC 9  N3 ? ? ? 1_555 D DG 9  N1 ? ? A DC 9  D DG 10 1_555 ? ? ? ? ? ? WATSON-CRICK ? ? ? 
hydrog17 hydrog ? ? A DC 9  N4 ? ? ? 1_555 D DG 9  O6 ? ? A DC 9  D DG 10 1_555 ? ? ? ? ? ? WATSON-CRICK ? ? ? 
hydrog18 hydrog ? ? A DC 9  O2 ? ? ? 1_555 D DG 9  N2 ? ? A DC 9  D DG 10 1_555 ? ? ? ? ? ? WATSON-CRICK ? ? ? 
hydrog19 hydrog ? ? A DT 10 N3 ? ? ? 1_555 C DA 3  N1 ? ? A DT 10 C DA 2  1_555 ? ? ? ? ? ? WATSON-CRICK ? ? ? 
hydrog20 hydrog ? ? A DT 10 O4 ? ? ? 1_555 C DA 3  N6 ? ? A DT 10 C DA 2  1_555 ? ? ? ? ? ? WATSON-CRICK ? ? ? 
hydrog21 hydrog ? ? A DG 11 N1 ? ? ? 1_555 C DC 2  N3 ? ? A DG 11 C DC 1  1_555 ? ? ? ? ? ? WATSON-CRICK ? ? ? 
hydrog22 hydrog ? ? A DG 11 N2 ? ? ? 1_555 C DC 2  O2 ? ? A DG 11 C DC 1  1_555 ? ? ? ? ? ? WATSON-CRICK ? ? ? 
hydrog23 hydrog ? ? A DG 11 O6 ? ? ? 1_555 C DC 2  N4 ? ? A DG 11 C DC 1  1_555 ? ? ? ? ? ? WATSON-CRICK ? ? ? 
hydrog24 hydrog ? ? A DA 12 N1 ? ? ? 1_555 C DT 1  N3 ? ? A DA 12 C DT 0  1_555 ? ? ? ? ? ? WATSON-CRICK ? ? ? 
hydrog25 hydrog ? ? A DA 12 N6 ? ? ? 1_555 C DT 1  O4 ? ? A DA 12 C DT 0  1_555 ? ? ? ? ? ? WATSON-CRICK ? ? ? 
hydrog26 hydrog ? ? B DC 1  N3 ? ? ? 1_555 C DG 6  N1 ? ? B DC 12 C DG 5  1_555 ? ? ? ? ? ? WATSON-CRICK ? ? ? 
hydrog27 hydrog ? ? B DC 1  N4 ? ? ? 1_555 C DG 6  O6 ? ? B DC 12 C DG 5  1_555 ? ? ? ? ? ? WATSON-CRICK ? ? ? 
hydrog28 hydrog ? ? B DC 1  O2 ? ? ? 1_555 C DG 6  N2 ? ? B DC 12 C DG 5  1_555 ? ? ? ? ? ? WATSON-CRICK ? ? ? 
hydrog29 hydrog ? ? B DG 2  N1 ? ? ? 1_555 C DC 5  N3 ? ? B DG 13 C DC 4  1_555 ? ? ? ? ? ? WATSON-CRICK ? ? ? 
hydrog30 hydrog ? ? B DG 2  N2 ? ? ? 1_555 C DC 5  O2 ? ? B DG 13 C DC 4  1_555 ? ? ? ? ? ? WATSON-CRICK ? ? ? 
hydrog31 hydrog ? ? B DG 2  O6 ? ? ? 1_555 C DC 5  N4 ? ? B DG 13 C DC 4  1_555 ? ? ? ? ? ? WATSON-CRICK ? ? ? 
hydrog32 hydrog ? ? B DA 3  N1 ? ? ? 1_555 C DT 4  N3 ? ? B DA 14 C DT 3  1_555 ? ? ? ? ? ? WATSON-CRICK ? ? ? 
hydrog33 hydrog ? ? B DA 3  N6 ? ? ? 1_555 C DT 4  O4 ? ? B DA 14 C DT 3  1_555 ? ? ? ? ? ? WATSON-CRICK ? ? ? 
hydrog34 hydrog ? ? B DC 4  N3 ? ? ? 1_555 D DG 8  N1 ? ? B DC 15 D DG 9  1_555 ? ? ? ? ? ? WATSON-CRICK ? ? ? 
hydrog35 hydrog ? ? B DC 4  N4 ? ? ? 1_555 D DG 8  O6 ? ? B DC 15 D DG 9  1_555 ? ? ? ? ? ? WATSON-CRICK ? ? ? 
hydrog36 hydrog ? ? B DC 4  O2 ? ? ? 1_555 D DG 8  N2 ? ? B DC 15 D DG 9  1_555 ? ? ? ? ? ? WATSON-CRICK ? ? ? 
hydrog37 hydrog ? ? B DG 5  N1 ? ? ? 1_555 D DC 7  N3 ? ? B DG 16 D DC 8  1_555 ? ? ? ? ? ? WATSON-CRICK ? ? ? 
hydrog38 hydrog ? ? B DG 5  N2 ? ? ? 1_555 D DC 7  O2 ? ? B DG 16 D DC 8  1_555 ? ? ? ? ? ? WATSON-CRICK ? ? ? 
hydrog39 hydrog ? ? B DG 5  O6 ? ? ? 1_555 D DC 7  N4 ? ? B DG 16 D DC 8  1_555 ? ? ? ? ? ? WATSON-CRICK ? ? ? 
hydrog40 hydrog ? ? B DA 6  N1 ? ? ? 1_555 D DT 6  N3 ? ? B DA 17 D DT 7  1_555 ? ? ? ? ? ? WATSON-CRICK ? ? ? 
hydrog41 hydrog ? ? B DA 6  N6 ? ? ? 1_555 D DT 6  O4 ? ? B DA 17 D DT 7  1_555 ? ? ? ? ? ? WATSON-CRICK ? ? ? 
hydrog42 hydrog ? ? B DC 7  N3 ? ? ? 1_555 D DG 5  N1 ? ? B DC 18 D DG 6  1_555 ? ? ? ? ? ? WATSON-CRICK ? ? ? 
hydrog43 hydrog ? ? B DC 7  N4 ? ? ? 1_555 D DG 5  O6 ? ? B DC 18 D DG 6  1_555 ? ? ? ? ? ? WATSON-CRICK ? ? ? 
hydrog44 hydrog ? ? B DC 7  O2 ? ? ? 1_555 D DG 5  N2 ? ? B DC 18 D DG 6  1_555 ? ? ? ? ? ? WATSON-CRICK ? ? ? 
hydrog45 hydrog ? ? B DT 8  N3 ? ? ? 1_555 D DA 4  N1 ? ? B DT 19 D DA 5  1_555 ? ? ? ? ? ? WATSON-CRICK ? ? ? 
hydrog46 hydrog ? ? B DT 8  O4 ? ? ? 1_555 D DA 4  N6 ? ? B DT 19 D DA 5  1_555 ? ? ? ? ? ? WATSON-CRICK ? ? ? 
hydrog47 hydrog ? ? B DC 9  N3 ? ? ? 1_555 D DG 3  N1 ? ? B DC 20 D DG 4  1_555 ? ? ? ? ? ? WATSON-CRICK ? ? ? 
hydrog48 hydrog ? ? B DC 9  N4 ? ? ? 1_555 D DG 3  O6 ? ? B DC 20 D DG 4  1_555 ? ? ? ? ? ? WATSON-CRICK ? ? ? 
hydrog49 hydrog ? ? B DC 9  O2 ? ? ? 1_555 D DG 3  N2 ? ? B DC 20 D DG 4  1_555 ? ? ? ? ? ? WATSON-CRICK ? ? ? 
# 
_struct_conn_type.id          hydrog 
_struct_conn_type.criteria    ? 
_struct_conn_type.reference   ? 
# 
_atom_sites.entry_id                    7JIO 
_atom_sites.Cartn_transf_matrix[1][1]   ? 
_atom_sites.Cartn_transf_matrix[1][2]   ? 
_atom_sites.Cartn_transf_matrix[1][3]   ? 
_atom_sites.Cartn_transf_matrix[2][1]   ? 
_atom_sites.Cartn_transf_matrix[2][2]   ? 
_atom_sites.Cartn_transf_matrix[2][3]   ? 
_atom_sites.Cartn_transf_matrix[3][1]   ? 
_atom_sites.Cartn_transf_matrix[3][2]   ? 
_atom_sites.Cartn_transf_matrix[3][3]   ? 
_atom_sites.Cartn_transf_vector[1]      ? 
_atom_sites.Cartn_transf_vector[2]      ? 
_atom_sites.Cartn_transf_vector[3]      ? 
_atom_sites.fract_transf_matrix[1][1]   0.00692748 
_atom_sites.fract_transf_matrix[1][2]   0.00602668 
_atom_sites.fract_transf_matrix[1][3]   -0.00422131 
_atom_sites.fract_transf_matrix[2][1]   0.00857145 
_atom_sites.fract_transf_matrix[2][2]   -0.00392759 
_atom_sites.fract_transf_matrix[2][3]   -0.00363808 
_atom_sites.fract_transf_matrix[3][1]   -0.00845915 
_atom_sites.fract_transf_matrix[3][2]   -0.00241219 
_atom_sites.fract_transf_matrix[3][3]   -0.01732593 
_atom_sites.fract_transf_vector[1]      0.324620 
_atom_sites.fract_transf_vector[2]      0.160466 
_atom_sites.fract_transf_vector[3]      -0.094125 
_atom_sites.solution_primary            ? 
_atom_sites.solution_secondary          ? 
_atom_sites.solution_hydrogens          ? 
_atom_sites.special_details             ? 
# 
loop_
_atom_type.symbol 
C  
MG 
N  
O  
P  
# 
loop_
_atom_site.group_PDB 
_atom_site.id 
_atom_site.type_symbol 
_atom_site.label_atom_id 
_atom_site.label_alt_id 
_atom_site.label_comp_id 
_atom_site.label_asym_id 
_atom_site.label_entity_id 
_atom_site.label_seq_id 
_atom_site.pdbx_PDB_ins_code 
_atom_site.Cartn_x 
_atom_site.Cartn_y 
_atom_site.Cartn_z 
_atom_site.occupancy 
_atom_site.B_iso_or_equiv 
_atom_site.pdbx_formal_charge 
_atom_site.auth_seq_id 
_atom_site.auth_comp_id 
_atom_site.auth_asym_id 
_atom_site.auth_atom_id 
_atom_site.pdbx_PDB_model_num 
ATOM   1   O  "O5'" . DG A 1 1  ? -12.811 -18.359 -14.429 1.00 162.91 ? 1   DG A "O5'" 1 
ATOM   2   C  "C5'" . DG A 1 1  ? -13.789 -19.194 -13.771 1.00 153.87 ? 1   DG A "C5'" 1 
ATOM   3   C  "C4'" . DG A 1 1  ? -13.106 -20.365 -13.105 1.00 152.62 ? 1   DG A "C4'" 1 
ATOM   4   O  "O4'" . DG A 1 1  ? -12.377 -21.127 -14.084 1.00 147.33 ? 1   DG A "O4'" 1 
ATOM   5   C  "C3'" . DG A 1 1  ? -12.062 -19.972 -12.071 1.00 149.33 ? 1   DG A "C3'" 1 
ATOM   6   O  "O3'" . DG A 1 1  ? -12.641 -19.945 -10.780 1.00 170.51 ? 1   DG A "O3'" 1 
ATOM   7   C  "C2'" . DG A 1 1  ? -11.077 -21.119 -12.096 1.00 130.95 ? 1   DG A "C2'" 1 
ATOM   8   C  "C1'" . DG A 1 1  ? -11.154 -21.602 -13.527 1.00 124.76 ? 1   DG A "C1'" 1 
ATOM   9   N  N9    . DG A 1 1  ? -10.063 -21.186 -14.400 1.00 109.16 ? 1   DG A N9    1 
ATOM   10  C  C8    . DG A 1 1  ? -10.158 -20.713 -15.691 1.00 115.72 ? 1   DG A C8    1 
ATOM   11  N  N7    . DG A 1 1  ? -8.994  -20.510 -16.249 1.00 103.40 ? 1   DG A N7    1 
ATOM   12  C  C5    . DG A 1 1  ? -8.077  -20.895 -15.278 1.00 96.14  ? 1   DG A C5    1 
ATOM   13  C  C6    . DG A 1 1  ? -6.658  -20.909 -15.311 1.00 97.20  ? 1   DG A C6    1 
ATOM   14  O  O6    . DG A 1 1  ? -5.911  -20.574 -16.238 1.00 95.53  ? 1   DG A O6    1 
ATOM   15  N  N1    . DG A 1 1  ? -6.117  -21.359 -14.105 1.00 82.28  ? 1   DG A N1    1 
ATOM   16  C  C2    . DG A 1 1  ? -6.852  -21.760 -13.013 1.00 106.76 ? 1   DG A C2    1 
ATOM   17  N  N2    . DG A 1 1  ? -6.148  -22.174 -11.941 1.00 107.50 ? 1   DG A N2    1 
ATOM   18  N  N3    . DG A 1 1  ? -8.181  -21.766 -12.976 1.00 100.72 ? 1   DG A N3    1 
ATOM   19  C  C4    . DG A 1 1  ? -8.722  -21.317 -14.133 1.00 95.09  ? 1   DG A C4    1 
ATOM   20  P  P     . DA A 1 2  ? -12.370 -18.709 -9.859  1.00 185.21 ? 2   DA A P     1 
ATOM   21  O  OP1   . DA A 1 2  ? -13.644 -17.951 -9.753  1.00 216.90 ? 2   DA A OP1   1 
ATOM   22  O  OP2   . DA A 1 2  ? -11.164 -18.031 -10.370 1.00 157.35 ? 2   DA A OP2   1 
ATOM   23  O  "O5'" . DA A 1 2  ? -12.051 -19.345 -8.428  1.00 190.61 ? 2   DA A "O5'" 1 
ATOM   24  C  "C5'" . DA A 1 2  ? -11.246 -20.531 -8.237  1.00 195.80 ? 2   DA A "C5'" 1 
ATOM   25  C  "C4'" . DA A 1 2  ? -9.777  -20.206 -8.073  1.00 190.86 ? 2   DA A "C4'" 1 
ATOM   26  O  "O4'" . DA A 1 2  ? -9.141  -20.204 -9.374  1.00 152.70 ? 2   DA A "O4'" 1 
ATOM   27  C  "C3'" . DA A 1 2  ? -9.427  -18.854 -7.422  1.00 180.43 ? 2   DA A "C3'" 1 
ATOM   28  O  "O3'" . DA A 1 2  ? -8.631  -18.981 -6.231  1.00 181.04 ? 2   DA A "O3'" 1 
ATOM   29  C  "C2'" . DA A 1 2  ? -8.628  -18.135 -8.494  1.00 152.13 ? 2   DA A "C2'" 1 
ATOM   30  C  "C1'" . DA A 1 2  ? -8.090  -19.279 -9.305  1.00 125.80 ? 2   DA A "C1'" 1 
ATOM   31  N  N9    . DA A 1 2  ? -7.785  -18.837 -10.644 1.00 104.36 ? 2   DA A N9    1 
ATOM   32  C  C8    . DA A 1 2  ? -8.624  -18.315 -11.600 1.00 111.55 ? 2   DA A C8    1 
ATOM   33  N  N7    . DA A 1 2  ? -8.009  -17.940 -12.693 1.00 99.54  ? 2   DA A N7    1 
ATOM   34  C  C5    . DA A 1 2  ? -6.674  -18.205 -12.428 1.00 86.58  ? 2   DA A C5    1 
ATOM   35  C  C6    . DA A 1 2  ? -5.518  -18.047 -13.196 1.00 86.32  ? 2   DA A C6    1 
ATOM   36  N  N6    . DA A 1 2  ? -5.526  -17.533 -14.424 1.00 93.22  ? 2   DA A N6    1 
ATOM   37  N  N1    . DA A 1 2  ? -4.336  -18.417 -12.646 1.00 82.95  ? 2   DA A N1    1 
ATOM   38  C  C2    . DA A 1 2  ? -4.338  -18.920 -11.402 1.00 97.88  ? 2   DA A C2    1 
ATOM   39  N  N3    . DA A 1 2  ? -5.370  -19.135 -10.584 1.00 102.15 ? 2   DA A N3    1 
ATOM   40  C  C4    . DA A 1 2  ? -6.521  -18.740 -11.162 1.00 96.53  ? 2   DA A C4    1 
ATOM   41  P  P     . DA A 1 3  ? -7.880  -17.695 -5.611  1.00 150.68 ? 3   DA A P     1 
ATOM   42  O  OP1   . DA A 1 3  ? -7.579  -17.986 -4.182  1.00 182.71 ? 3   DA A OP1   1 
ATOM   43  O  OP2   . DA A 1 3  ? -8.642  -16.484 -5.986  1.00 150.23 ? 3   DA A OP2   1 
ATOM   44  O  "O5'" . DA A 1 3  ? -6.512  -17.628 -6.419  1.00 128.98 ? 3   DA A "O5'" 1 
ATOM   45  C  "C5'" . DA A 1 3  ? -5.559  -18.702 -6.328  1.00 157.22 ? 3   DA A "C5'" 1 
ATOM   46  C  "C4'" . DA A 1 3  ? -4.193  -18.178 -5.948  1.00 150.75 ? 3   DA A "C4'" 1 
ATOM   47  O  "O4'" . DA A 1 3  ? -3.518  -17.710 -7.133  1.00 148.03 ? 3   DA A "O4'" 1 
ATOM   48  C  "C3'" . DA A 1 3  ? -4.197  -16.981 -5.011  1.00 151.98 ? 3   DA A "C3'" 1 
ATOM   49  O  "O3'" . DA A 1 3  ? -2.929  -16.948 -4.355  1.00 167.41 ? 3   DA A "O3'" 1 
ATOM   50  C  "C2'" . DA A 1 3  ? -4.364  -15.814 -5.967  1.00 140.14 ? 3   DA A "C2'" 1 
ATOM   51  C  "C1'" . DA A 1 3  ? -3.635  -16.294 -7.218  1.00 125.76 ? 3   DA A "C1'" 1 
ATOM   52  N  N9    . DA A 1 3  ? -4.284  -15.971 -8.488  1.00 105.58 ? 3   DA A N9    1 
ATOM   53  C  C8    . DA A 1 3  ? -5.617  -15.811 -8.796  1.00 104.82 ? 3   DA A C8    1 
ATOM   54  N  N7    . DA A 1 3  ? -5.835  -15.496 -10.052 1.00 87.71  ? 3   DA A N7    1 
ATOM   55  C  C5    . DA A 1 3  ? -4.564  -15.442 -10.606 1.00 84.65  ? 3   DA A C5    1 
ATOM   56  C  C6    . DA A 1 3  ? -4.111  -15.171 -11.914 1.00 95.55  ? 3   DA A C6    1 
ATOM   57  N  N6    . DA A 1 3  ? -4.929  -14.882 -12.933 1.00 97.18  ? 3   DA A N6    1 
ATOM   58  N  N1    . DA A 1 3  ? -2.773  -15.203 -12.137 1.00 83.63  ? 3   DA A N1    1 
ATOM   59  C  C2    . DA A 1 3  ? -1.956  -15.499 -11.109 1.00 86.56  ? 3   DA A C2    1 
ATOM   60  N  N3    . DA A 1 3  ? -2.266  -15.795 -9.842  1.00 80.04  ? 3   DA A N3    1 
ATOM   61  C  C4    . DA A 1 3  ? -3.598  -15.735 -9.654  1.00 87.52  ? 3   DA A C4    1 
ATOM   62  P  P     . DC A 1 4  ? -2.563  -15.738 -3.392  1.00 162.79 ? 4   DC A P     1 
ATOM   63  O  OP1   . DC A 1 4  ? -1.688  -16.266 -2.317  1.00 179.91 ? 4   DC A OP1   1 
ATOM   64  O  OP2   . DC A 1 4  ? -3.824  -15.018 -3.055  1.00 152.39 ? 4   DC A OP2   1 
ATOM   65  O  "O5'" . DC A 1 4  ? -1.661  -14.808 -4.312  1.00 124.40 ? 4   DC A "O5'" 1 
ATOM   66  C  "C5'" . DC A 1 4  ? -0.233  -14.890 -4.242  1.00 115.40 ? 4   DC A "C5'" 1 
ATOM   67  C  "C4'" . DC A 1 4  ? 0.354   -14.198 -5.449  1.00 124.50 ? 4   DC A "C4'" 1 
ATOM   68  O  "O4'" . DC A 1 4  ? -0.638  -14.156 -6.492  1.00 118.26 ? 4   DC A "O4'" 1 
ATOM   69  C  "C3'" . DC A 1 4  ? 0.770   -12.741 -5.234  1.00 125.93 ? 4   DC A "C3'" 1 
ATOM   70  O  "O3'" . DC A 1 4  ? 2.161   -12.668 -4.881  1.00 145.92 ? 4   DC A "O3'" 1 
ATOM   71  C  "C2'" . DC A 1 4  ? 0.406   -12.052 -6.546  1.00 111.56 ? 4   DC A "C2'" 1 
ATOM   72  C  "C1'" . DC A 1 4  ? -0.242  -13.142 -7.400  1.00 109.46 ? 4   DC A "C1'" 1 
ATOM   73  N  N1    . DC A 1 4  ? -1.426  -12.769 -8.223  1.00 105.83 ? 4   DC A N1    1 
ATOM   74  C  C2    . DC A 1 4  ? -1.237  -12.427 -9.582  1.00 91.78  ? 4   DC A C2    1 
ATOM   75  O  O2    . DC A 1 4  ? -0.084  -12.394 -10.039 1.00 81.70  ? 4   DC A O2    1 
ATOM   76  N  N3    . DC A 1 4  ? -2.320  -12.122 -10.346 1.00 70.89  ? 4   DC A N3    1 
ATOM   77  C  C4    . DC A 1 4  ? -3.546  -12.154 -9.809  1.00 88.01  ? 4   DC A C4    1 
ATOM   78  N  N4    . DC A 1 4  ? -4.584  -11.850 -10.593 1.00 90.00  ? 4   DC A N4    1 
ATOM   79  C  C5    . DC A 1 4  ? -3.765  -12.504 -8.438  1.00 89.16  ? 4   DC A C5    1 
ATOM   80  C  C6    . DC A 1 4  ? -2.688  -12.808 -7.692  1.00 98.20  ? 4   DC A C6    1 
ATOM   81  P  P     . DG A 1 5  ? 2.789   -11.300 -4.330  1.00 141.90 ? 5   DG A P     1 
ATOM   82  O  OP1   . DG A 1 5  ? 4.122   -11.596 -3.711  1.00 129.49 ? 5   DG A OP1   1 
ATOM   83  O  OP2   . DG A 1 5  ? 1.745   -10.621 -3.517  1.00 140.11 ? 5   DG A OP2   1 
ATOM   84  O  "O5'" . DG A 1 5  ? 2.999   -10.483 -5.679  1.00 113.68 ? 5   DG A "O5'" 1 
ATOM   85  C  "C5'" . DG A 1 5  ? 3.915   -10.956 -6.673  1.00 121.35 ? 5   DG A "C5'" 1 
ATOM   86  C  "C4'" . DG A 1 5  ? 3.949   -10.028 -7.867  1.00 133.16 ? 5   DG A "C4'" 1 
ATOM   87  O  "O4'" . DG A 1 5  ? 2.666   -9.996  -8.540  1.00 125.12 ? 5   DG A "O4'" 1 
ATOM   88  C  "C3'" . DG A 1 5  ? 4.301   -8.571  -7.565  1.00 128.96 ? 5   DG A "C3'" 1 
ATOM   89  O  "O3'" . DG A 1 5  ? 5.158   -8.058  -8.578  1.00 135.48 ? 5   DG A "O3'" 1 
ATOM   90  C  "C2'" . DG A 1 5  ? 2.968   -7.857  -7.656  1.00 126.98 ? 5   DG A "C2'" 1 
ATOM   91  C  "C1'" . DG A 1 5  ? 2.252   -8.654  -8.730  1.00 116.29 ? 5   DG A "C1'" 1 
ATOM   92  N  N9    . DG A 1 5  ? 0.793   -8.635  -8.656  1.00 115.05 ? 5   DG A N9    1 
ATOM   93  C  C8    . DG A 1 5  ? 0.002   -8.780  -7.539  1.00 134.78 ? 5   DG A C8    1 
ATOM   94  N  N7    . DG A 1 5  ? -1.278  -8.754  -7.806  1.00 114.36 ? 5   DG A N7    1 
ATOM   95  C  C5    . DG A 1 5  ? -1.335  -8.604  -9.184  1.00 97.99  ? 5   DG A C5    1 
ATOM   96  C  C6    . DG A 1 5  ? -2.456  -8.528  -10.054 1.00 92.97  ? 5   DG A C6    1 
ATOM   97  O  O6    . DG A 1 5  ? -3.662  -8.585  -9.767  1.00 93.81  ? 5   DG A O6    1 
ATOM   98  N  N1    . DG A 1 5  ? -2.061  -8.364  -11.381 1.00 87.47  ? 5   DG A N1    1 
ATOM   99  C  C2    . DG A 1 5  ? -0.749  -8.306  -11.817 1.00 98.58  ? 5   DG A C2    1 
ATOM   100 N  N2    . DG A 1 5  ? -0.559  -8.158  -13.140 1.00 104.33 ? 5   DG A N2    1 
ATOM   101 N  N3    . DG A 1 5  ? 0.302   -8.394  -11.016 1.00 85.55  ? 5   DG A N3    1 
ATOM   102 C  C4    . DG A 1 5  ? -0.062  -8.534  -9.723  1.00 98.82  ? 5   DG A C4    1 
ATOM   103 P  P     . DA A 1 6  ? 5.963   -6.726  -8.331  1.00 153.16 ? 6   DA A P     1 
ATOM   104 O  OP1   . DA A 1 6  ? 7.416   -7.048  -8.446  1.00 159.62 ? 6   DA A OP1   1 
ATOM   105 O  OP2   . DA A 1 6  ? 5.436   -6.082  -7.094  1.00 141.96 ? 6   DA A OP2   1 
ATOM   106 O  "O5'" . DA A 1 6  ? 5.547   -5.858  -9.593  1.00 129.22 ? 6   DA A "O5'" 1 
ATOM   107 C  "C5'" . DA A 1 6  ? 6.017   -6.257  -10.879 1.00 132.53 ? 6   DA A "C5'" 1 
ATOM   108 C  "C4'" . DA A 1 6  ? 5.242   -5.507  -11.930 1.00 130.01 ? 6   DA A "C4'" 1 
ATOM   109 O  "O4'" . DA A 1 6  ? 3.833   -5.799  -11.784 1.00 117.68 ? 6   DA A "O4'" 1 
ATOM   110 C  "C3'" . DA A 1 6  ? 5.395   -3.993  -11.813 1.00 120.93 ? 6   DA A "C3'" 1 
ATOM   111 O  "O3'" . DA A 1 6  ? 5.821   -3.528  -13.094 1.00 139.31 ? 6   DA A "O3'" 1 
ATOM   112 C  "C2'" . DA A 1 6  ? 4.042   -3.526  -11.298 1.00 109.55 ? 6   DA A "C2'" 1 
ATOM   113 C  "C1'" . DA A 1 6  ? 3.083   -4.599  -11.774 1.00 103.51 ? 6   DA A "C1'" 1 
ATOM   114 N  N9    . DA A 1 6  ? 1.916   -4.817  -10.910 1.00 96.23  ? 6   DA A N9    1 
ATOM   115 C  C8    . DA A 1 6  ? 1.906   -5.068  -9.557  1.00 104.35 ? 6   DA A C8    1 
ATOM   116 N  N7    . DA A 1 6  ? 0.701   -5.228  -9.053  1.00 82.88  ? 6   DA A N7    1 
ATOM   117 C  C5    . DA A 1 6  ? -0.138  -5.089  -10.152 1.00 73.20  ? 6   DA A C5    1 
ATOM   118 C  C6    . DA A 1 6  ? -1.544  -5.180  -10.292 1.00 70.06  ? 6   DA A C6    1 
ATOM   119 N  N6    . DA A 1 6  ? -2.372  -5.431  -9.280  1.00 69.09  ? 6   DA A N6    1 
ATOM   120 N  N1    . DA A 1 6  ? -2.070  -4.988  -11.523 1.00 68.35  ? 6   DA A N1    1 
ATOM   121 C  C2    . DA A 1 6  ? -1.229  -4.738  -12.546 1.00 89.36  ? 6   DA A C2    1 
ATOM   122 N  N3    . DA A 1 6  ? 0.110   -4.646  -12.543 1.00 80.34  ? 6   DA A N3    1 
ATOM   123 C  C4    . DA A 1 6  ? 0.598   -4.840  -11.303 1.00 77.96  ? 6   DA A C4    1 
ATOM   124 P  P     . DC A 1 7  ? 6.090   -1.985  -13.342 1.00 141.82 ? 7   DC A P     1 
ATOM   125 O  OP1   . DC A 1 7  ? 6.750   -1.848  -14.662 1.00 158.00 ? 7   DC A OP1   1 
ATOM   126 O  OP2   . DC A 1 7  ? 6.781   -1.432  -12.143 1.00 154.45 ? 7   DC A OP2   1 
ATOM   127 O  "O5'" . DC A 1 7  ? 4.607   -1.442  -13.541 1.00 125.99 ? 7   DC A "O5'" 1 
ATOM   128 C  "C5'" . DC A 1 7  ? 3.747   -2.106  -14.479 1.00 123.78 ? 7   DC A "C5'" 1 
ATOM   129 C  "C4'" . DC A 1 7  ? 2.403   -1.423  -14.569 1.00 135.51 ? 7   DC A "C4'" 1 
ATOM   130 O  "O4'" . DC A 1 7  ? 1.524   -1.913  -13.533 1.00 128.97 ? 7   DC A "O4'" 1 
ATOM   131 C  "C3'" . DC A 1 7  ? 2.391   0.112   -14.455 1.00 134.82 ? 7   DC A "C3'" 1 
ATOM   132 O  "O3'" . DC A 1 7  ? 1.940   0.672   -15.703 1.00 156.65 ? 7   DC A "O3'" 1 
ATOM   133 C  "C2'" . DC A 1 7  ? 1.449   0.386   -13.288 1.00 133.24 ? 7   DC A "C2'" 1 
ATOM   134 C  "C1'" . DC A 1 7  ? 0.607   -0.872  -13.227 1.00 118.68 ? 7   DC A "C1'" 1 
ATOM   135 N  N1    . DC A 1 7  ? 0.012   -1.169  -11.912 1.00 102.29 ? 7   DC A N1    1 
ATOM   136 C  C2    . DC A 1 7  ? -1.363  -1.469  -11.797 1.00 95.78  ? 7   DC A C2    1 
ATOM   137 O  O2    . DC A 1 7  ? -2.078  -1.440  -12.813 1.00 98.50  ? 7   DC A O2    1 
ATOM   138 N  N3    . DC A 1 7  ? -1.871  -1.778  -10.578 1.00 69.75  ? 7   DC A N3    1 
ATOM   139 C  C4    . DC A 1 7  ? -1.059  -1.834  -9.515  1.00 81.97  ? 7   DC A C4    1 
ATOM   140 N  N4    . DC A 1 7  ? -1.586  -2.158  -8.337  1.00 91.90  ? 7   DC A N4    1 
ATOM   141 C  C5    . DC A 1 7  ? 0.330   -1.524  -9.605  1.00 89.80  ? 7   DC A C5    1 
ATOM   142 C  C6    . DC A 1 7  ? 0.820   -1.212  -10.810 1.00 97.53  ? 7   DC A C6    1 
ATOM   143 P  P     . DA A 1 8  ? 1.425   2.202   -15.820 1.00 141.88 ? 8   DA A P     1 
ATOM   144 O  OP1   . DA A 1 8  ? 1.476   2.593   -17.256 1.00 157.91 ? 8   DA A OP1   1 
ATOM   145 O  OP2   . DA A 1 8  ? 2.152   3.001   -14.799 1.00 131.35 ? 8   DA A OP2   1 
ATOM   146 O  "O5'" . DA A 1 8  ? -0.131  2.101   -15.488 1.00 103.76 ? 8   DA A "O5'" 1 
ATOM   147 C  "C5'" . DA A 1 8  ? -0.919  1.084   -16.119 1.00 103.11 ? 8   DA A "C5'" 1 
ATOM   148 C  "C4'" . DA A 1 8  ? -2.380  1.459   -16.125 1.00 107.62 ? 8   DA A "C4'" 1 
ATOM   149 O  "O4'" . DA A 1 8  ? -3.037  1.066   -14.893 1.00 98.71  ? 8   DA A "O4'" 1 
ATOM   150 C  "C3'" . DA A 1 8  ? -2.636  2.948   -16.258 1.00 107.01 ? 8   DA A "C3'" 1 
ATOM   151 O  "O3'" . DA A 1 8  ? -3.913  3.035   -16.875 1.00 116.51 ? 8   DA A "O3'" 1 
ATOM   152 C  "C2'" . DA A 1 8  ? -2.682  3.398   -14.812 1.00 107.56 ? 8   DA A "C2'" 1 
ATOM   153 C  "C1'" . DA A 1 8  ? -3.401  2.226   -14.146 1.00 99.80  ? 8   DA A "C1'" 1 
ATOM   154 N  N9    . DA A 1 8  ? -3.071  1.981   -12.731 1.00 86.41  ? 8   DA A N9    1 
ATOM   155 C  C8    . DA A 1 8  ? -1.836  2.018   -12.123 1.00 84.45  ? 8   DA A C8    1 
ATOM   156 N  N7    . DA A 1 8  ? -1.871  1.744   -10.839 1.00 77.08  ? 8   DA A N7    1 
ATOM   157 C  C5    . DA A 1 8  ? -3.216  1.502   -10.585 1.00 68.58  ? 8   DA A C5    1 
ATOM   158 C  C6    . DA A 1 8  ? -3.915  1.157   -9.406  1.00 69.23  ? 8   DA A C6    1 
ATOM   159 N  N6    . DA A 1 8  ? -3.326  0.998   -8.218  1.00 61.38  ? 8   DA A N6    1 
ATOM   160 N  N1    . DA A 1 8  ? -5.256  0.992   -9.490  1.00 69.85  ? 8   DA A N1    1 
ATOM   161 C  C2    . DA A 1 8  ? -5.851  1.194   -10.676 1.00 81.12  ? 8   DA A C2    1 
ATOM   162 N  N3    . DA A 1 8  ? -5.302  1.512   -11.855 1.00 81.37  ? 8   DA A N3    1 
ATOM   163 C  C4    . DA A 1 8  ? -3.968  1.656   -11.738 1.00 71.46  ? 8   DA A C4    1 
ATOM   164 P  P     . DC A 1 9  ? -4.505  4.437   -17.259 1.00 142.47 ? 9   DC A P     1 
ATOM   165 O  OP1   . DC A 1 9  ? -5.276  4.278   -18.521 1.00 139.36 ? 9   DC A OP1   1 
ATOM   166 O  OP2   . DC A 1 9  ? -3.387  5.428   -17.204 1.00 143.24 ? 9   DC A OP2   1 
ATOM   167 O  "O5'" . DC A 1 9  ? -5.633  4.610   -16.155 1.00 99.87  ? 9   DC A "O5'" 1 
ATOM   168 C  "C5'" . DC A 1 9  ? -6.856  3.931   -16.401 1.00 104.08 ? 9   DC A "C5'" 1 
ATOM   169 C  "C4'" . DC A 1 9  ? -7.684  3.913   -15.146 1.00 112.30 ? 9   DC A "C4'" 1 
ATOM   170 O  "O4'" . DC A 1 9  ? -6.823  3.635   -14.015 1.00 105.48 ? 9   DC A "O4'" 1 
ATOM   171 C  "C3'" . DC A 1 9  ? -8.395  5.234   -14.828 1.00 105.61 ? 9   DC A "C3'" 1 
ATOM   172 O  "O3'" . DC A 1 9  ? -9.780  5.047   -14.491 1.00 96.85  ? 9   DC A "O3'" 1 
ATOM   173 C  "C2'" . DC A 1 9  ? -7.647  5.727   -13.606 1.00 116.14 ? 9   DC A "C2'" 1 
ATOM   174 C  "C1'" . DC A 1 9  ? -7.333  4.407   -12.943 1.00 109.16 ? 9   DC A "C1'" 1 
ATOM   175 N  N1    . DC A 1 9  ? -6.303  4.478   -11.889 1.00 96.48  ? 9   DC A N1    1 
ATOM   176 C  C2    . DC A 1 9  ? -6.650  4.310   -10.530 1.00 90.05  ? 9   DC A C2    1 
ATOM   177 O  O2    . DC A 1 9  ? -7.831  4.060   -10.230 1.00 88.57  ? 9   DC A O2    1 
ATOM   178 N  N3    . DC A 1 9  ? -5.679  4.402   -9.589  1.00 74.89  ? 9   DC A N3    1 
ATOM   179 C  C4    . DC A 1 9  ? -4.414  4.645   -9.958  1.00 84.94  ? 9   DC A C4    1 
ATOM   180 N  N4    . DC A 1 9  ? -3.485  4.725   -9.007  1.00 87.81  ? 9   DC A N4    1 
ATOM   181 C  C5    . DC A 1 9  ? -4.047  4.839   -11.321 1.00 80.47  ? 9   DC A C5    1 
ATOM   182 C  C6    . DC A 1 9  ? -5.012  4.752   -12.243 1.00 84.63  ? 9   DC A C6    1 
ATOM   183 P  P     . DT A 1 10 ? -10.641 6.318   -14.031 1.00 117.61 ? 10  DT A P     1 
ATOM   184 O  OP1   . DT A 1 10 ? -12.106 6.057   -14.209 1.00 107.88 ? 10  DT A OP1   1 
ATOM   185 O  OP2   . DT A 1 10 ? -9.984  7.528   -14.609 1.00 113.69 ? 10  DT A OP2   1 
ATOM   186 O  "O5'" . DT A 1 10 ? -10.501 6.260   -12.456 1.00 110.84 ? 10  DT A "O5'" 1 
ATOM   187 C  "C5'" . DT A 1 10 ? -11.046 5.143   -11.759 1.00 125.82 ? 10  DT A "C5'" 1 
ATOM   188 C  "C4'" . DT A 1 10 ? -11.637 5.620   -10.456 1.00 134.21 ? 10  DT A "C4'" 1 
ATOM   189 O  "O4'" . DT A 1 10 ? -10.582 5.671   -9.467  1.00 130.12 ? 10  DT A "O4'" 1 
ATOM   190 C  "C3'" . DT A 1 10 ? -12.275 7.012   -10.479 1.00 116.83 ? 10  DT A "C3'" 1 
ATOM   191 O  "O3'" . DT A 1 10 ? -13.431 6.955   -9.641  1.00 114.79 ? 10  DT A "O3'" 1 
ATOM   192 C  "C2'" . DT A 1 10 ? -11.199 7.902   -9.887  1.00 112.94 ? 10  DT A "C2'" 1 
ATOM   193 C  "C1'" . DT A 1 10 ? -10.512 6.966   -8.888  1.00 111.46 ? 10  DT A "C1'" 1 
ATOM   194 N  N1    . DT A 1 10 ? -9.077  7.234   -8.554  1.00 92.55  ? 10  DT A N1    1 
ATOM   195 C  C2    . DT A 1 10 ? -8.676  7.247   -7.232  1.00 88.92  ? 10  DT A C2    1 
ATOM   196 O  O2    . DT A 1 10 ? -9.441  7.090   -6.293  1.00 99.41  ? 10  DT A O2    1 
ATOM   197 N  N3    . DT A 1 10 ? -7.333  7.452   -7.049  1.00 89.08  ? 10  DT A N3    1 
ATOM   198 C  C4    . DT A 1 10 ? -6.378  7.660   -8.026  1.00 84.33  ? 10  DT A C4    1 
ATOM   199 O  O4    . DT A 1 10 ? -5.207  7.853   -7.714  1.00 81.75  ? 10  DT A O4    1 
ATOM   200 C  C5    . DT A 1 10 ? -6.862  7.633   -9.373  1.00 75.46  ? 10  DT A C5    1 
ATOM   201 C  C7    . DT A 1 10 ? -5.886  7.838   -10.487 1.00 79.00  ? 10  DT A C7    1 
ATOM   202 C  C6    . DT A 1 10 ? -8.166  7.403   -9.573  1.00 76.70  ? 10  DT A C6    1 
ATOM   203 P  P     . DG A 1 11 ? -14.560 8.057   -9.723  1.00 123.87 ? 11  DG A P     1 
ATOM   204 O  OP1   . DG A 1 11 ? -15.888 7.379   -9.607  1.00 135.13 ? 11  DG A OP1   1 
ATOM   205 O  OP2   . DG A 1 11 ? -14.256 8.986   -10.859 1.00 114.05 ? 11  DG A OP2   1 
ATOM   206 O  "O5'" . DG A 1 11 ? -14.332 8.818   -8.358  1.00 106.96 ? 11  DG A "O5'" 1 
ATOM   207 C  "C5'" . DG A 1 11 ? -14.473 8.139   -7.103  1.00 122.06 ? 11  DG A "C5'" 1 
ATOM   208 C  "C4'" . DG A 1 11 ? -14.334 9.171   -6.008  1.00 121.71 ? 11  DG A "C4'" 1 
ATOM   209 O  "O4'" . DG A 1 11 ? -12.936 9.456   -5.734  1.00 119.88 ? 11  DG A "O4'" 1 
ATOM   210 C  "C3'" . DG A 1 11 ? -14.948 10.522  -6.367  1.00 101.55 ? 11  DG A "C3'" 1 
ATOM   211 O  "O3'" . DG A 1 11 ? -15.542 11.007  -5.156  1.00 114.36 ? 11  DG A "O3'" 1 
ATOM   212 C  "C2'" . DG A 1 11 ? -13.763 11.268  -6.962  1.00 80.17  ? 11  DG A "C2'" 1 
ATOM   213 C  "C1'" . DG A 1 11 ? -12.642 10.809  -6.063  1.00 80.25  ? 11  DG A "C1'" 1 
ATOM   214 N  N9    . DG A 1 11 ? -11.315 10.844  -6.665  1.00 73.43  ? 11  DG A N9    1 
ATOM   215 C  C8    . DG A 1 11 ? -10.996 11.032  -7.990  1.00 81.78  ? 11  DG A C8    1 
ATOM   216 N  N7    . DG A 1 11 ? -9.708  11.029  -8.212  1.00 73.71  ? 11  DG A N7    1 
ATOM   217 C  C5    . DG A 1 11 ? -9.145  10.824  -6.961  1.00 61.14  ? 11  DG A C5    1 
ATOM   218 C  C6    . DG A 1 11 ? -7.789  10.730  -6.576  1.00 66.47  ? 11  DG A C6    1 
ATOM   219 O  O6    . DG A 1 11 ? -6.779  10.786  -7.292  1.00 72.85  ? 11  DG A O6    1 
ATOM   220 N  N1    . DG A 1 11 ? -7.658  10.570  -5.200  1.00 63.16  ? 11  DG A N1    1 
ATOM   221 C  C2    . DG A 1 11 ? -8.707  10.484  -4.314  1.00 69.94  ? 11  DG A C2    1 
ATOM   222 N  N2    . DG A 1 11 ? -8.381  10.305  -3.033  1.00 82.08  ? 11  DG A N2    1 
ATOM   223 N  N3    . DG A 1 11 ? -9.982  10.548  -4.664  1.00 60.95  ? 11  DG A N3    1 
ATOM   224 C  C4    . DG A 1 11 ? -10.125 10.722  -5.992  1.00 62.69  ? 11  DG A C4    1 
ATOM   225 P  P     . DA A 1 12 ? -15.935 12.558  -4.963  1.00 116.78 ? 12  DA A P     1 
ATOM   226 O  OP1   . DA A 1 12 ? -17.314 12.612  -4.383  1.00 97.53  ? 12  DA A OP1   1 
ATOM   227 O  OP2   . DA A 1 12 ? -15.622 13.303  -6.218  1.00 89.96  ? 12  DA A OP2   1 
ATOM   228 O  "O5'" . DA A 1 12 ? -14.912 13.003  -3.830  1.00 100.90 ? 12  DA A "O5'" 1 
ATOM   229 C  "C5'" . DA A 1 12 ? -14.942 12.298  -2.578  1.00 105.05 ? 12  DA A "C5'" 1 
ATOM   230 C  "C4'" . DA A 1 12 ? -14.118 13.039  -1.554  1.00 103.30 ? 12  DA A "C4'" 1 
ATOM   231 O  "O4'" . DA A 1 12 ? -12.737 12.868  -1.927  1.00 93.78  ? 12  DA A "O4'" 1 
ATOM   232 C  "C3'" . DA A 1 12 ? -14.394 14.548  -1.502  1.00 106.71 ? 12  DA A "C3'" 1 
ATOM   233 O  "O3'" . DA A 1 12 ? -14.547 15.130  -0.203  1.00 92.61  ? 12  DA A "O3'" 1 
ATOM   234 C  "C2'" . DA A 1 12 ? -13.206 15.171  -2.199  1.00 99.36  ? 12  DA A "C2'" 1 
ATOM   235 C  "C1'" . DA A 1 12 ? -12.127 14.116  -2.181  1.00 86.74  ? 12  DA A "C1'" 1 
ATOM   236 N  N9    . DA A 1 12 ? -11.455 14.035  -3.469  1.00 70.01  ? 12  DA A N9    1 
ATOM   237 C  C8    . DA A 1 12 ? -12.001 14.001  -4.727  1.00 75.24  ? 12  DA A C8    1 
ATOM   238 N  N7    . DA A 1 12 ? -11.107 13.985  -5.689  1.00 82.86  ? 12  DA A N7    1 
ATOM   239 C  C5    . DA A 1 12 ? -9.893  14.026  -5.019  1.00 63.58  ? 12  DA A C5    1 
ATOM   240 C  C6    . DA A 1 12 ? -8.558  13.990  -5.470  1.00 67.65  ? 12  DA A C6    1 
ATOM   241 N  N6    . DA A 1 12 ? -8.211  13.946  -6.756  1.00 69.26  ? 12  DA A N6    1 
ATOM   242 N  N1    . DA A 1 12 ? -7.579  14.027  -4.542  1.00 67.03  ? 12  DA A N1    1 
ATOM   243 C  C2    . DA A 1 12 ? -7.929  14.077  -3.247  1.00 83.75  ? 12  DA A C2    1 
ATOM   244 N  N3    . DA A 1 12 ? -9.148  14.092  -2.698  1.00 70.22  ? 12  DA A N3    1 
ATOM   245 C  C4    . DA A 1 12 ? -10.094 14.065  -3.651  1.00 63.21  ? 12  DA A C4    1 
ATOM   246 P  P     . DC B 2 1  ? -2.369  18.634  14.718  1.00 116.85 ? 12  DC B P     1 
ATOM   247 O  OP1   . DC B 2 1  ? -1.570  19.427  13.724  1.00 119.58 ? 12  DC B OP1   1 
ATOM   248 O  OP2   . DC B 2 1  ? -3.757  19.017  15.089  1.00 103.59 ? 12  DC B OP2   1 
ATOM   249 O  "O5'" . DC B 2 1  ? -2.643  17.237  14.021  1.00 92.47  ? 12  DC B "O5'" 1 
ATOM   250 C  "C5'" . DC B 2 1  ? -1.960  16.080  14.492  1.00 101.78 ? 12  DC B "C5'" 1 
ATOM   251 C  "C4'" . DC B 2 1  ? -2.468  15.636  15.846  1.00 83.37  ? 12  DC B "C4'" 1 
ATOM   252 O  "O4'" . DC B 2 1  ? -3.771  15.073  15.655  1.00 80.91  ? 12  DC B "O4'" 1 
ATOM   253 C  "C3'" . DC B 2 1  ? -1.594  14.518  16.422  1.00 89.81  ? 12  DC B "C3'" 1 
ATOM   254 O  "O3'" . DC B 2 1  ? -0.870  14.852  17.600  1.00 89.38  ? 12  DC B "O3'" 1 
ATOM   255 C  "C2'" . DC B 2 1  ? -2.538  13.404  16.802  1.00 85.96  ? 12  DC B "C2'" 1 
ATOM   256 C  "C1'" . DC B 2 1  ? -3.812  13.715  16.091  1.00 75.24  ? 12  DC B "C1'" 1 
ATOM   257 N  N1    . DC B 2 1  ? -4.244  12.834  14.977  1.00 54.30  ? 12  DC B N1    1 
ATOM   258 C  C2    . DC B 2 1  ? -4.750  11.568  15.316  1.00 57.18  ? 12  DC B C2    1 
ATOM   259 O  O2    . DC B 2 1  ? -4.656  11.177  16.490  1.00 63.68  ? 12  DC B O2    1 
ATOM   260 N  N3    . DC B 2 1  ? -5.338  10.811  14.365  1.00 51.02  ? 12  DC B N3    1 
ATOM   261 C  C4    . DC B 2 1  ? -5.461  11.284  13.124  1.00 63.43  ? 12  DC B C4    1 
ATOM   262 N  N4    . DC B 2 1  ? -6.009  10.490  12.207  1.00 77.85  ? 12  DC B N4    1 
ATOM   263 C  C5    . DC B 2 1  ? -5.000  12.584  12.760  1.00 55.24  ? 12  DC B C5    1 
ATOM   264 C  C6    . DC B 2 1  ? -4.412  13.322  13.711  1.00 55.06  ? 12  DC B C6    1 
ATOM   265 P  P     . DG B 2 2  ? 0.687   14.456  17.689  1.00 96.83  ? 13  DG B P     1 
ATOM   266 O  OP1   . DG B 2 2  ? 1.216   15.129  18.892  1.00 99.30  ? 13  DG B OP1   1 
ATOM   267 O  OP2   . DG B 2 2  ? 1.348   14.748  16.359  1.00 93.19  ? 13  DG B OP2   1 
ATOM   268 O  "O5'" . DG B 2 2  ? 0.619   12.889  17.958  1.00 71.04  ? 13  DG B "O5'" 1 
ATOM   269 C  "C5'" . DG B 2 2  ? 0.173   12.453  19.251  1.00 82.53  ? 13  DG B "C5'" 1 
ATOM   270 C  "C4'" . DG B 2 2  ? -0.279  11.013  19.198  1.00 94.47  ? 13  DG B "C4'" 1 
ATOM   271 O  "O4'" . DG B 2 2  ? -1.148  10.869  18.065  1.00 102.50 ? 13  DG B "O4'" 1 
ATOM   272 C  "C3'" . DG B 2 2  ? 0.840   9.992   18.994  1.00 97.44  ? 13  DG B "C3'" 1 
ATOM   273 O  "O3'" . DG B 2 2  ? 0.999   9.147   20.135  1.00 102.38 ? 13  DG B "O3'" 1 
ATOM   274 C  "C2'" . DG B 2 2  ? 0.380   9.148   17.820  1.00 99.06  ? 13  DG B "C2'" 1 
ATOM   275 C  "C1'" . DG B 2 2  ? -1.053  9.553   17.598  1.00 88.36  ? 13  DG B "C1'" 1 
ATOM   276 N  N9    . DG B 2 2  ? -1.469  9.551   16.203  1.00 75.67  ? 13  DG B N9    1 
ATOM   277 C  C8    . DG B 2 2  ? -1.231  10.501  15.234  1.00 76.34  ? 13  DG B C8    1 
ATOM   278 N  N7    . DG B 2 2  ? -1.809  10.224  14.094  1.00 67.25  ? 13  DG B N7    1 
ATOM   279 C  C5    . DG B 2 2  ? -2.421  8.998   14.314  1.00 63.37  ? 13  DG B C5    1 
ATOM   280 C  C6    . DG B 2 2  ? -3.190  8.198   13.447  1.00 73.53  ? 13  DG B C6    1 
ATOM   281 O  O6    . DG B 2 2  ? -3.459  8.402   12.258  1.00 72.11  ? 13  DG B O6    1 
ATOM   282 N  N1    . DG B 2 2  ? -3.671  7.058   14.089  1.00 66.66  ? 13  DG B N1    1 
ATOM   283 C  C2    . DG B 2 2  ? -3.447  6.742   15.409  1.00 79.14  ? 13  DG B C2    1 
ATOM   284 N  N2    . DG B 2 2  ? -3.998  5.601   15.855  1.00 101.39 ? 13  DG B N2    1 
ATOM   285 N  N3    . DG B 2 2  ? -2.727  7.487   16.232  1.00 63.01  ? 13  DG B N3    1 
ATOM   286 C  C4    . DG B 2 2  ? -2.243  8.586   15.620  1.00 64.07  ? 13  DG B C4    1 
ATOM   287 P  P     . DA B 2 3  ? 2.332   8.271   20.317  1.00 110.87 ? 14  DA B P     1 
ATOM   288 O  OP1   . DA B 2 3  ? 2.491   8.028   21.789  1.00 92.28  ? 14  DA B OP1   1 
ATOM   289 O  OP2   . DA B 2 3  ? 3.417   8.898   19.499  1.00 88.52  ? 14  DA B OP2   1 
ATOM   290 O  "O5'" . DA B 2 3  ? 1.913   6.862   19.712  1.00 96.06  ? 14  DA B "O5'" 1 
ATOM   291 C  "C5'" . DA B 2 3  ? 0.740   6.267   20.289  1.00 117.98 ? 14  DA B "C5'" 1 
ATOM   292 C  "C4'" . DA B 2 3  ? 0.241   5.139   19.424  1.00 112.86 ? 14  DA B "C4'" 1 
ATOM   293 O  "O4'" . DA B 2 3  ? -0.377  5.642   18.214  1.00 95.23  ? 14  DA B "O4'" 1 
ATOM   294 C  "C3'" . DA B 2 3  ? 1.369   4.206   19.002  1.00 102.56 ? 14  DA B "C3'" 1 
ATOM   295 O  "O3'" . DA B 2 3  ? 0.994   2.912   19.444  1.00 110.70 ? 14  DA B "O3'" 1 
ATOM   296 C  "C2'" . DA B 2 3  ? 1.417   4.360   17.501  1.00 100.13 ? 14  DA B "C2'" 1 
ATOM   297 C  "C1'" . DA B 2 3  ? 0.010   4.814   17.160  1.00 84.82  ? 14  DA B "C1'" 1 
ATOM   298 N  N9    . DA B 2 3  ? -0.027  5.598   15.933  1.00 73.24  ? 14  DA B N9    1 
ATOM   299 C  C8    . DA B 2 3  ? 0.641   6.761   15.641  1.00 77.41  ? 14  DA B C8    1 
ATOM   300 N  N7    . DA B 2 3  ? 0.475   7.173   14.404  1.00 68.25  ? 14  DA B N7    1 
ATOM   301 C  C5    . DA B 2 3  ? -0.319  6.192   13.834  1.00 61.33  ? 14  DA B C5    1 
ATOM   302 C  C6    . DA B 2 3  ? -0.832  6.034   12.542  1.00 68.56  ? 14  DA B C6    1 
ATOM   303 N  N6    . DA B 2 3  ? -0.629  6.916   11.563  1.00 68.02  ? 14  DA B N6    1 
ATOM   304 N  N1    . DA B 2 3  ? -1.584  4.934   12.289  1.00 76.13  ? 14  DA B N1    1 
ATOM   305 C  C2    . DA B 2 3  ? -1.776  4.044   13.281  1.00 81.38  ? 14  DA B C2    1 
ATOM   306 N  N3    . DA B 2 3  ? -1.333  4.079   14.540  1.00 67.13  ? 14  DA B N3    1 
ATOM   307 C  C4    . DA B 2 3  ? -0.612  5.198   14.756  1.00 67.59  ? 14  DA B C4    1 
ATOM   308 P  P     . DC B 2 4  ? 2.021   1.738   19.399  1.00 121.73 ? 15  DC B P     1 
ATOM   309 O  OP1   . DC B 2 4  ? 1.765   0.910   20.622  1.00 113.40 ? 15  DC B OP1   1 
ATOM   310 O  OP2   . DC B 2 4  ? 3.379   2.301   19.099  1.00 100.71 ? 15  DC B OP2   1 
ATOM   311 O  "O5'" . DC B 2 4  ? 1.546   0.975   18.091  1.00 101.01 ? 15  DC B "O5'" 1 
ATOM   312 C  "C5'" . DC B 2 4  ? 0.223   0.428   18.083  1.00 117.07 ? 15  DC B "C5'" 1 
ATOM   313 C  "C4'" . DC B 2 4  ? 0.021   -0.359  16.814  1.00 115.25 ? 15  DC B "C4'" 1 
ATOM   314 O  "O4'" . DC B 2 4  ? -0.264  0.572   15.744  1.00 112.22 ? 15  DC B "O4'" 1 
ATOM   315 C  "C3'" . DC B 2 4  ? 1.274   -1.133  16.400  1.00 109.98 ? 15  DC B "C3'" 1 
ATOM   316 O  "O3'" . DC B 2 4  ? 1.092   -2.522  16.158  1.00 119.60 ? 15  DC B "O3'" 1 
ATOM   317 C  "C2'" . DC B 2 4  ? 1.662   -0.535  15.070  1.00 102.82 ? 15  DC B "C2'" 1 
ATOM   318 C  "C1'" . DC B 2 4  ? 0.402   0.137   14.587  1.00 86.56  ? 15  DC B "C1'" 1 
ATOM   319 N  N1    . DC B 2 4  ? 0.761   1.308   13.783  1.00 64.59  ? 15  DC B N1    1 
ATOM   320 C  C2    . DC B 2 4  ? 0.494   1.296   12.415  1.00 70.86  ? 15  DC B C2    1 
ATOM   321 O  O2    . DC B 2 4  ? -0.154  0.351   11.939  1.00 89.06  ? 15  DC B O2    1 
ATOM   322 N  N3    . DC B 2 4  ? 0.915   2.333   11.649  1.00 68.38  ? 15  DC B N3    1 
ATOM   323 C  C4    . DC B 2 4  ? 1.623   3.323   12.200  1.00 64.08  ? 15  DC B C4    1 
ATOM   324 N  N4    . DC B 2 4  ? 2.015   4.326   11.417  1.00 62.21  ? 15  DC B N4    1 
ATOM   325 C  C5    . DC B 2 4  ? 1.929   3.345   13.587  1.00 60.36  ? 15  DC B C5    1 
ATOM   326 C  C6    . DC B 2 4  ? 1.507   2.312   14.329  1.00 63.43  ? 15  DC B C6    1 
ATOM   327 P  P     . DG B 2 5  ? 2.384   -3.441  15.959  1.00 120.52 ? 16  DG B P     1 
ATOM   328 O  OP1   . DG B 2 5  ? 2.220   -4.626  16.848  1.00 126.82 ? 16  DG B OP1   1 
ATOM   329 O  OP2   . DG B 2 5  ? 3.617   -2.598  16.038  1.00 95.41  ? 16  DG B OP2   1 
ATOM   330 O  "O5'" . DG B 2 5  ? 2.229   -3.900  14.452  1.00 90.11  ? 16  DG B "O5'" 1 
ATOM   331 C  "C5'" . DG B 2 5  ? 1.120   -4.731  14.141  1.00 97.73  ? 16  DG B "C5'" 1 
ATOM   332 C  "C4'" . DG B 2 5  ? 1.126   -4.947  12.653  1.00 104.32 ? 16  DG B "C4'" 1 
ATOM   333 O  "O4'" . DG B 2 5  ? 1.259   -3.667  12.000  1.00 112.98 ? 16  DG B "O4'" 1 
ATOM   334 C  "C3'" . DG B 2 5  ? 2.314   -5.759  12.175  1.00 100.68 ? 16  DG B "C3'" 1 
ATOM   335 O  "O3'" . DG B 2 5  ? 1.858   -6.424  11.014  1.00 104.37 ? 16  DG B "O3'" 1 
ATOM   336 C  "C2'" . DG B 2 5  ? 3.340   -4.702  11.825  1.00 93.80  ? 16  DG B "C2'" 1 
ATOM   337 C  "C1'" . DG B 2 5  ? 2.457   -3.618  11.249  1.00 89.14  ? 16  DG B "C1'" 1 
ATOM   338 N  N9    . DG B 2 5  ? 2.996   -2.272  11.370  1.00 82.38  ? 16  DG B N9    1 
ATOM   339 C  C8    . DG B 2 5  ? 3.612   -1.736  12.474  1.00 84.86  ? 16  DG B C8    1 
ATOM   340 N  N7    . DG B 2 5  ? 3.997   -0.500  12.296  1.00 89.27  ? 16  DG B N7    1 
ATOM   341 C  C5    . DG B 2 5  ? 3.606   -0.199  10.996  1.00 71.32  ? 16  DG B C5    1 
ATOM   342 C  C6    . DG B 2 5  ? 3.762   0.997   10.241  1.00 79.06  ? 16  DG B C6    1 
ATOM   343 O  O6    . DG B 2 5  ? 4.287   2.061   10.585  1.00 94.24  ? 16  DG B O6    1 
ATOM   344 N  N1    . DG B 2 5  ? 3.243   0.866   8.958   1.00 68.45  ? 16  DG B N1    1 
ATOM   345 C  C2    . DG B 2 5  ? 2.621   -0.254  8.475   1.00 73.48  ? 16  DG B C2    1 
ATOM   346 N  N2    . DG B 2 5  ? 2.150   -0.165  7.225   1.00 82.08  ? 16  DG B N2    1 
ATOM   347 N  N3    . DG B 2 5  ? 2.477   -1.381  9.163   1.00 69.29  ? 16  DG B N3    1 
ATOM   348 C  C4    . DG B 2 5  ? 2.980   -1.277  10.412  1.00 68.87  ? 16  DG B C4    1 
ATOM   349 P  P     . DA B 2 6  ? 2.793   -7.459  10.321  1.00 118.63 ? 17  DA B P     1 
ATOM   350 O  OP1   . DA B 2 6  ? 1.923   -8.599  9.878   1.00 109.47 ? 17  DA B OP1   1 
ATOM   351 O  OP2   . DA B 2 6  ? 4.003   -7.655  11.169  1.00 115.32 ? 17  DA B OP2   1 
ATOM   352 O  "O5'" . DA B 2 6  ? 3.387   -6.630  9.113   1.00 92.69  ? 17  DA B "O5'" 1 
ATOM   353 C  "C5'" . DA B 2 6  ? 2.583   -6.608  7.957   1.00 102.65 ? 17  DA B "C5'" 1 
ATOM   354 C  "C4'" . DA B 2 6  ? 3.286   -5.786  6.917   1.00 107.09 ? 17  DA B "C4'" 1 
ATOM   355 O  "O4'" . DA B 2 6  ? 3.605   -4.487  7.446   1.00 105.97 ? 17  DA B "O4'" 1 
ATOM   356 C  "C3'" . DA B 2 6  ? 4.609   -6.396  6.491   1.00 104.91 ? 17  DA B "C3'" 1 
ATOM   357 O  "O3'" . DA B 2 6  ? 4.554   -6.344  5.082   1.00 114.72 ? 17  DA B "O3'" 1 
ATOM   358 C  "C2'" . DA B 2 6  ? 5.649   -5.440  7.032   1.00 91.84  ? 17  DA B "C2'" 1 
ATOM   359 C  "C1'" . DA B 2 6  ? 4.893   -4.146  7.011   1.00 80.80  ? 17  DA B "C1'" 1 
ATOM   360 N  N9    . DA B 2 6  ? 5.389   -3.168  7.947   1.00 76.55  ? 17  DA B N9    1 
ATOM   361 C  C8    . DA B 2 6  ? 5.524   -3.298  9.307   1.00 93.14  ? 17  DA B C8    1 
ATOM   362 N  N7    . DA B 2 6  ? 5.965   -2.215  9.899   1.00 81.77  ? 17  DA B N7    1 
ATOM   363 C  C5    . DA B 2 6  ? 6.055   -1.291  8.869   1.00 65.85  ? 17  DA B C5    1 
ATOM   364 C  C6    . DA B 2 6  ? 6.471   0.043   8.840   1.00 73.57  ? 17  DA B C6    1 
ATOM   365 N  N6    . DA B 2 6  ? 6.862   0.710   9.928   1.00 91.72  ? 17  DA B N6    1 
ATOM   366 N  N1    . DA B 2 6  ? 6.459   0.685   7.648   1.00 67.20  ? 17  DA B N1    1 
ATOM   367 C  C2    . DA B 2 6  ? 6.096   -0.007  6.555   1.00 73.72  ? 17  DA B C2    1 
ATOM   368 N  N3    . DA B 2 6  ? 5.706   -1.281  6.455   1.00 63.82  ? 17  DA B N3    1 
ATOM   369 C  C4    . DA B 2 6  ? 5.688   -1.863  7.664   1.00 61.93  ? 17  DA B C4    1 
ATOM   370 P  P     . DC B 2 7  ? 5.447   -7.290  4.250   1.00 129.61 ? 18  DC B P     1 
ATOM   371 O  OP1   . DC B 2 7  ? 4.677   -7.652  3.025   1.00 136.68 ? 18  DC B OP1   1 
ATOM   372 O  OP2   . DC B 2 7  ? 5.905   -8.390  5.146   1.00 149.65 ? 18  DC B OP2   1 
ATOM   373 O  "O5'" . DC B 2 7  ? 6.669   -6.327  3.925   1.00 93.29  ? 18  DC B "O5'" 1 
ATOM   374 C  "C5'" . DC B 2 7  ? 6.604   -5.538  2.754   1.00 94.44  ? 18  DC B "C5'" 1 
ATOM   375 C  "C4'" . DC B 2 7  ? 7.314   -4.227  2.967   1.00 108.95 ? 18  DC B "C4'" 1 
ATOM   376 O  "O4'" . DC B 2 7  ? 7.299   -3.779  4.338   1.00 99.95  ? 18  DC B "O4'" 1 
ATOM   377 C  "C3'" . DC B 2 7  ? 8.790   -4.248  2.596   1.00 114.51 ? 18  DC B "C3'" 1 
ATOM   378 O  "O3'" . DC B 2 7  ? 8.956   -4.065  1.194   1.00 118.66 ? 18  DC B "O3'" 1 
ATOM   379 C  "C2'" . DC B 2 7  ? 9.367   -3.101  3.411   1.00 108.62 ? 18  DC B "C2'" 1 
ATOM   380 C  "C1'" . DC B 2 7  ? 8.213   -2.681  4.320   1.00 105.11 ? 18  DC B "C1'" 1 
ATOM   381 N  N1    . DC B 2 7  ? 8.610   -2.360  5.702   1.00 88.07  ? 18  DC B N1    1 
ATOM   382 C  C2    . DC B 2 7  ? 9.259   -1.138  5.950   1.00 84.18  ? 18  DC B C2    1 
ATOM   383 O  O2    . DC B 2 7  ? 9.469   -0.362  4.997   1.00 80.62  ? 18  DC B O2    1 
ATOM   384 N  N3    . DC B 2 7  ? 9.618   -0.826  7.221   1.00 70.81  ? 18  DC B N3    1 
ATOM   385 C  C4    . DC B 2 7  ? 9.368   -1.684  8.214   1.00 79.64  ? 18  DC B C4    1 
ATOM   386 N  N4    . DC B 2 7  ? 9.745   -1.345  9.447   1.00 87.26  ? 18  DC B N4    1 
ATOM   387 C  C5    . DC B 2 7  ? 8.730   -2.939  7.984   1.00 84.19  ? 18  DC B C5    1 
ATOM   388 C  C6    . DC B 2 7  ? 8.367   -3.231  6.727   1.00 87.31  ? 18  DC B C6    1 
ATOM   389 P  P     . DT B 2 8  ? 10.365  -4.301  0.560   1.00 130.92 ? 19  DT B P     1 
ATOM   390 O  OP1   . DT B 2 8  ? 10.175  -4.383  -0.915  1.00 164.84 ? 19  DT B OP1   1 
ATOM   391 O  OP2   . DT B 2 8  ? 11.020  -5.426  1.290   1.00 148.11 ? 19  DT B OP2   1 
ATOM   392 O  "O5'" . DT B 2 8  ? 11.143  -2.978  0.970   1.00 106.81 ? 19  DT B "O5'" 1 
ATOM   393 C  "C5'" . DT B 2 8  ? 10.753  -1.736  0.392   1.00 108.66 ? 19  DT B "C5'" 1 
ATOM   394 C  "C4'" . DT B 2 8  ? 11.701  -0.659  0.851   1.00 119.08 ? 19  DT B "C4'" 1 
ATOM   395 O  "O4'" . DT B 2 8  ? 11.653  -0.536  2.293   1.00 117.45 ? 19  DT B "O4'" 1 
ATOM   396 C  "C3'" . DT B 2 8  ? 13.162  -0.931  0.490   1.00 131.57 ? 19  DT B "C3'" 1 
ATOM   397 O  "O3'" . DT B 2 8  ? 13.623  0.233   -0.187  1.00 144.52 ? 19  DT B "O3'" 1 
ATOM   398 C  "C2'" . DT B 2 8  ? 13.834  -1.192  1.832   1.00 133.71 ? 19  DT B "C2'" 1 
ATOM   399 C  "C1'" . DT B 2 8  ? 12.976  -0.371  2.782   1.00 124.23 ? 19  DT B "C1'" 1 
ATOM   400 N  N1    . DT B 2 8  ? 12.990  -0.761  4.229   1.00 97.13  ? 19  DT B N1    1 
ATOM   401 C  C2    . DT B 2 8  ? 13.372  0.163   5.184   1.00 97.05  ? 19  DT B C2    1 
ATOM   402 O  O2    . DT B 2 8  ? 13.737  1.302   4.914   1.00 108.23 ? 19  DT B O2    1 
ATOM   403 N  N3    . DT B 2 8  ? 13.316  -0.298  6.480   1.00 91.59  ? 19  DT B N3    1 
ATOM   404 C  C4    . DT B 2 8  ? 12.910  -1.554  6.907   1.00 94.48  ? 19  DT B C4    1 
ATOM   405 O  O4    . DT B 2 8  ? 12.892  -1.825  8.114   1.00 85.56  ? 19  DT B O4    1 
ATOM   406 C  C5    . DT B 2 8  ? 12.526  -2.467  5.853   1.00 84.65  ? 19  DT B C5    1 
ATOM   407 C  C7    . DT B 2 8  ? 12.072  -3.844  6.222   1.00 91.38  ? 19  DT B C7    1 
ATOM   408 C  C6    . DT B 2 8  ? 12.583  -2.030  4.585   1.00 80.77  ? 19  DT B C6    1 
ATOM   409 P  P     . DC B 2 9  ? 15.105  0.318   -0.685  1.00 167.14 ? 20  DC B P     1 
ATOM   410 O  OP1   . DC B 2 9  ? 15.079  1.069   -1.970  1.00 159.57 ? 20  DC B OP1   1 
ATOM   411 O  OP2   . DC B 2 9  ? 15.700  -1.058  -0.620  1.00 160.01 ? 20  DC B OP2   1 
ATOM   412 O  "O5'" . DC B 2 9  ? 15.798  1.204   0.444   1.00 153.56 ? 20  DC B "O5'" 1 
ATOM   413 C  "C5'" . DC B 2 9  ? 15.920  2.637   0.303   1.00 146.37 ? 20  DC B "C5'" 1 
ATOM   414 C  "C4'" . DC B 2 9  ? 16.922  3.178   1.297   1.00 145.89 ? 20  DC B "C4'" 1 
ATOM   415 O  "O4'" . DC B 2 9  ? 16.677  2.585   2.593   1.00 143.86 ? 20  DC B "O4'" 1 
ATOM   416 C  "C3'" . DC B 2 9  ? 18.387  2.864   0.984   1.00 149.31 ? 20  DC B "C3'" 1 
ATOM   417 O  "O3'" . DC B 2 9  ? 19.226  3.908   1.488   1.00 153.52 ? 20  DC B "O3'" 1 
ATOM   418 C  "C2'" . DC B 2 9  ? 18.632  1.590   1.767   1.00 137.26 ? 20  DC B "C2'" 1 
ATOM   419 C  "C1'" . DC B 2 9  ? 17.857  1.930   3.030   1.00 133.16 ? 20  DC B "C1'" 1 
ATOM   420 N  N1    . DC B 2 9  ? 17.456  0.822   3.903   1.00 120.22 ? 20  DC B N1    1 
ATOM   421 C  C2    . DC B 2 9  ? 17.152  1.105   5.247   1.00 117.59 ? 20  DC B C2    1 
ATOM   422 O  O2    . DC B 2 9  ? 17.228  2.283   5.651   1.00 112.60 ? 20  DC B O2    1 
ATOM   423 N  N3    . DC B 2 9  ? 16.791  0.089   6.071   1.00 98.03  ? 20  DC B N3    1 
ATOM   424 C  C4    . DC B 2 9  ? 16.702  -1.157  5.592   1.00 98.09  ? 20  DC B C4    1 
ATOM   425 N  N4    . DC B 2 9  ? 16.330  -2.123  6.429   1.00 89.20  ? 20  DC B N4    1 
ATOM   426 C  C5    . DC B 2 9  ? 17.006  -1.469  4.232   1.00 109.68 ? 20  DC B C5    1 
ATOM   427 C  C6    . DC B 2 9  ? 17.371  -0.459  3.430   1.00 117.73 ? 20  DC B C6    1 
ATOM   428 P  P     . DT C 3 1  ? 3.251   15.039  -6.396  1.00 134.53 ? 0   DT C P     1 
ATOM   429 O  OP1   . DT C 3 1  ? 3.204   13.837  -7.278  1.00 150.32 ? 0   DT C OP1   1 
ATOM   430 O  OP2   . DT C 3 1  ? 3.544   16.394  -6.969  1.00 115.98 ? 0   DT C OP2   1 
ATOM   431 O  "O5'" . DT C 3 1  ? 1.909   15.012  -5.540  1.00 106.68 ? 0   DT C "O5'" 1 
ATOM   432 C  "C5'" . DT C 3 1  ? 1.823   15.818  -4.359  1.00 111.63 ? 0   DT C "C5'" 1 
ATOM   433 C  "C4'" . DT C 3 1  ? 0.792   15.240  -3.425  1.00 107.50 ? 0   DT C "C4'" 1 
ATOM   434 O  "O4'" . DT C 3 1  ? -0.518  15.281  -4.047  1.00 100.50 ? 0   DT C "O4'" 1 
ATOM   435 C  "C3'" . DT C 3 1  ? 1.039   13.777  -3.039  1.00 107.83 ? 0   DT C "C3'" 1 
ATOM   436 O  "O3'" . DT C 3 1  ? 0.886   13.742  -1.606  1.00 114.12 ? 0   DT C "O3'" 1 
ATOM   437 C  "C2'" . DT C 3 1  ? -0.002  13.037  -3.865  1.00 107.07 ? 0   DT C "C2'" 1 
ATOM   438 C  "C1'" . DT C 3 1  ? -1.136  14.041  -3.785  1.00 102.38 ? 0   DT C "C1'" 1 
ATOM   439 N  N1    . DT C 3 1  ? -2.312  13.900  -4.689  1.00 93.18  ? 0   DT C N1    1 
ATOM   440 C  C2    . DT C 3 1  ? -3.566  13.959  -4.114  1.00 87.90  ? 0   DT C C2    1 
ATOM   441 O  O2    . DT C 3 1  ? -3.743  14.120  -2.919  1.00 98.56  ? 0   DT C O2    1 
ATOM   442 N  N3    . DT C 3 1  ? -4.612  13.850  -4.999  1.00 80.45  ? 0   DT C N3    1 
ATOM   443 C  C4    . DT C 3 1  ? -4.531  13.725  -6.374  1.00 91.08  ? 0   DT C C4    1 
ATOM   444 O  O4    . DT C 3 1  ? -5.560  13.649  -7.046  1.00 83.83  ? 0   DT C O4    1 
ATOM   445 C  C5    . DT C 3 1  ? -3.188  13.684  -6.910  1.00 87.42  ? 0   DT C C5    1 
ATOM   446 C  C7    . DT C 3 1  ? -3.008  13.529  -8.386  1.00 88.51  ? 0   DT C C7    1 
ATOM   447 C  C6    . DT C 3 1  ? -2.159  13.759  -6.051  1.00 83.69  ? 0   DT C C6    1 
ATOM   448 P  P     . DC C 3 2  ? 1.503   12.562  -0.672  1.00 112.14 ? 1   DC C P     1 
ATOM   449 O  OP1   . DC C 3 2  ? 2.085   13.201  0.540   1.00 100.13 ? 1   DC C OP1   1 
ATOM   450 O  OP2   . DC C 3 2  ? 2.295   11.618  -1.521  1.00 108.14 ? 1   DC C OP2   1 
ATOM   451 O  "O5'" . DC C 3 2  ? 0.197   11.827  -0.157  1.00 88.39  ? 1   DC C "O5'" 1 
ATOM   452 C  "C5'" . DC C 3 2  ? -1.025  12.480  -0.413  1.00 82.33  ? 1   DC C "C5'" 1 
ATOM   453 C  "C4'" . DC C 3 2  ? -2.098  12.044  0.547   1.00 89.35  ? 1   DC C "C4'" 1 
ATOM   454 O  "O4'" . DC C 3 2  ? -3.290  11.832  -0.240  1.00 107.33 ? 1   DC C "O4'" 1 
ATOM   455 C  "C3'" . DC C 3 2  ? -1.885  10.723  1.256   1.00 82.61  ? 1   DC C "C3'" 1 
ATOM   456 O  "O3'" . DC C 3 2  ? -2.818  10.649  2.343   1.00 70.81  ? 1   DC C "O3'" 1 
ATOM   457 C  "C2'" . DC C 3 2  ? -2.282  9.742   0.171   1.00 101.79 ? 1   DC C "C2'" 1 
ATOM   458 C  "C1'" . DC C 3 2  ? -3.446  10.448  -0.530  1.00 88.26  ? 1   DC C "C1'" 1 
ATOM   459 N  N1    . DC C 3 2  ? -3.579  10.319  -2.003  1.00 81.85  ? 1   DC C N1    1 
ATOM   460 C  C2    . DC C 3 2  ? -4.867  10.257  -2.564  1.00 82.69  ? 1   DC C C2    1 
ATOM   461 O  O2    . DC C 3 2  ? -5.854  10.275  -1.812  1.00 73.60  ? 1   DC C O2    1 
ATOM   462 N  N3    . DC C 3 2  ? -5.002  10.188  -3.910  1.00 72.24  ? 1   DC C N3    1 
ATOM   463 C  C4    . DC C 3 2  ? -3.919  10.231  -4.689  1.00 80.77  ? 1   DC C C4    1 
ATOM   464 N  N4    . DC C 3 2  ? -4.099  10.169  -6.009  1.00 82.27  ? 1   DC C N4    1 
ATOM   465 C  C5    . DC C 3 2  ? -2.599  10.307  -4.147  1.00 80.20  ? 1   DC C C5    1 
ATOM   466 C  C6    . DC C 3 2  ? -2.478  10.364  -2.814  1.00 76.70  ? 1   DC C C6    1 
ATOM   467 P  P     . DA C 3 3  ? -2.625  9.556   3.496   1.00 81.75  ? 2   DA C P     1 
ATOM   468 O  OP1   . DA C 3 3  ? -3.443  9.937   4.678   1.00 65.80  ? 2   DA C OP1   1 
ATOM   469 O  OP2   . DA C 3 3  ? -1.113  9.279   3.638   1.00 75.50  ? 2   DA C OP2   1 
ATOM   470 O  "O5'" . DA C 3 3  ? -3.561  8.380   2.981   1.00 72.10  ? 2   DA C "O5'" 1 
ATOM   471 C  "C5'" . DA C 3 3  ? -4.902  8.236   3.484   1.00 83.53  ? 2   DA C "C5'" 1 
ATOM   472 C  "C4'" . DA C 3 3  ? -5.681  7.284   2.605   1.00 80.61  ? 2   DA C "C4'" 1 
ATOM   473 O  "O4'" . DA C 3 3  ? -5.286  7.557   1.261   1.00 83.17  ? 2   DA C "O4'" 1 
ATOM   474 C  "C3'" . DA C 3 3  ? -5.348  5.811   2.760   1.00 68.60  ? 2   DA C "C3'" 1 
ATOM   475 O  "O3'" . DA C 3 3  ? -5.874  5.104   3.891   1.00 67.65  ? 2   DA C "O3'" 1 
ATOM   476 C  "C2'" . DA C 3 3  ? -5.636  5.251   1.385   1.00 67.82  ? 2   DA C "C2'" 1 
ATOM   477 C  "C1'" . DA C 3 3  ? -5.700  6.467   0.484   1.00 71.68  ? 2   DA C "C1'" 1 
ATOM   478 N  N9    . DA C 3 3  ? -4.875  6.477   -0.710  1.00 72.55  ? 2   DA C N9    1 
ATOM   479 C  C8    . DA C 3 3  ? -3.508  6.586   -0.818  1.00 73.97  ? 2   DA C C8    1 
ATOM   480 N  N7    . DA C 3 3  ? -3.087  6.737   -2.053  1.00 62.52  ? 2   DA C N7    1 
ATOM   481 C  C5    . DA C 3 3  ? -4.254  6.757   -2.798  1.00 57.84  ? 2   DA C C5    1 
ATOM   482 C  C6    . DA C 3 3  ? -4.485  6.878   -4.167  1.00 64.26  ? 2   DA C C6    1 
ATOM   483 N  N6    . DA C 3 3  ? -3.506  7.000   -5.060  1.00 72.74  ? 2   DA C N6    1 
ATOM   484 N  N1    . DA C 3 3  ? -5.768  6.851   -4.596  1.00 70.68  ? 2   DA C N1    1 
ATOM   485 C  C2    . DA C 3 3  ? -6.749  6.765   -3.681  1.00 81.80  ? 2   DA C C2    1 
ATOM   486 N  N3    . DA C 3 3  ? -6.653  6.657   -2.355  1.00 67.97  ? 2   DA C N3    1 
ATOM   487 C  C4    . DA C 3 3  ? -5.364  6.626   -1.981  1.00 61.25  ? 2   DA C C4    1 
ATOM   488 P  P     . DT C 3 4  ? -7.389  5.031   4.231   1.00 85.75  ? 3   DT C P     1 
ATOM   489 O  OP1   . DT C 3 4  ? -8.144  4.692   2.994   1.00 96.23  ? 3   DT C OP1   1 
ATOM   490 O  OP2   . DT C 3 4  ? -7.763  6.180   5.089   1.00 96.03  ? 3   DT C OP2   1 
ATOM   491 O  "O5'" . DT C 3 4  ? -7.431  3.853   5.298   1.00 88.73  ? 3   DT C "O5'" 1 
ATOM   492 C  "C5'" . DT C 3 4  ? -6.808  2.631   4.919   1.00 88.88  ? 3   DT C "C5'" 1 
ATOM   493 C  "C4'" . DT C 3 4  ? -6.155  1.932   6.083   1.00 76.59  ? 3   DT C "C4'" 1 
ATOM   494 O  "O4'" . DT C 3 4  ? -4.784  2.327   6.201   1.00 63.02  ? 3   DT C "O4'" 1 
ATOM   495 C  "C3'" . DT C 3 4  ? -6.763  2.169   7.454   1.00 73.16  ? 3   DT C "C3'" 1 
ATOM   496 O  "O3'" . DT C 3 4  ? -7.982  1.414   7.458   1.00 81.47  ? 3   DT C "O3'" 1 
ATOM   497 C  "C2'" . DT C 3 4  ? -5.630  1.727   8.359   1.00 58.71  ? 3   DT C "C2'" 1 
ATOM   498 C  "C1'" . DT C 3 4  ? -4.403  2.211   7.574   1.00 61.98  ? 3   DT C "C1'" 1 
ATOM   499 N  N1    . DT C 3 4  ? -3.851  3.493   7.970   1.00 56.70  ? 3   DT C N1    1 
ATOM   500 C  C2    . DT C 3 4  ? -3.496  3.655   9.271   1.00 67.73  ? 3   DT C C2    1 
ATOM   501 O  O2    . DT C 3 4  ? -3.651  2.782   10.108  1.00 82.83  ? 3   DT C O2    1 
ATOM   502 N  N3    . DT C 3 4  ? -2.963  4.890   9.572   1.00 75.38  ? 3   DT C N3    1 
ATOM   503 C  C4    . DT C 3 4  ? -2.764  5.947   8.699   1.00 62.30  ? 3   DT C C4    1 
ATOM   504 O  O4    . DT C 3 4  ? -2.247  6.991   9.094   1.00 64.90  ? 3   DT C O4    1 
ATOM   505 C  C5    . DT C 3 4  ? -3.168  5.702   7.351   1.00 60.61  ? 3   DT C C5    1 
ATOM   506 C  C7    . DT C 3 4  ? -2.998  6.792   6.339   1.00 77.37  ? 3   DT C C7    1 
ATOM   507 C  C6    . DT C 3 4  ? -3.668  4.500   7.049   1.00 64.72  ? 3   DT C C6    1 
ATOM   508 P  P     . DC C 3 5  ? -9.260  1.974   8.198   1.00 100.88 ? 4   DC C P     1 
ATOM   509 O  OP1   . DC C 3 5  ? -10.354 1.001   7.973   1.00 110.13 ? 4   DC C OP1   1 
ATOM   510 O  OP2   . DC C 3 5  ? -9.442  3.422   7.817   1.00 94.56  ? 4   DC C OP2   1 
ATOM   511 O  "O5'" . DC C 3 5  ? -8.845  1.798   9.728   1.00 86.84  ? 4   DC C "O5'" 1 
ATOM   512 C  "C5'" . DC C 3 5  ? -8.364  0.517   10.195  1.00 96.68  ? 4   DC C "C5'" 1 
ATOM   513 C  "C4'" . DC C 3 5  ? -7.988  0.579   11.659  1.00 93.58  ? 4   DC C "C4'" 1 
ATOM   514 O  "O4'" . DC C 3 5  ? -6.702  1.201   11.822  1.00 87.80  ? 4   DC C "O4'" 1 
ATOM   515 C  "C3'" . DC C 3 5  ? -8.945  1.370   12.539  1.00 86.23  ? 4   DC C "C3'" 1 
ATOM   516 O  "O3'" . DC C 3 5  ? -9.742  0.409   13.202  1.00 106.65 ? 4   DC C "O3'" 1 
ATOM   517 C  "C2'" . DC C 3 5  ? -8.045  1.982   13.585  1.00 83.76  ? 4   DC C "C2'" 1 
ATOM   518 C  "C1'" . DC C 3 5  ? -6.738  2.151   12.878  1.00 82.89  ? 4   DC C "C1'" 1 
ATOM   519 N  N1    . DC C 3 5  ? -6.477  3.486   12.306  1.00 76.20  ? 4   DC C N1    1 
ATOM   520 C  C2    . DC C 3 5  ? -5.833  4.453   13.095  1.00 77.44  ? 4   DC C C2    1 
ATOM   521 O  O2    . DC C 3 5  ? -5.577  4.194   14.284  1.00 84.61  ? 4   DC C O2    1 
ATOM   522 N  N3    . DC C 3 5  ? -5.501  5.639   12.542  1.00 66.74  ? 4   DC C N3    1 
ATOM   523 C  C4    . DC C 3 5  ? -5.774  5.873   11.257  1.00 76.50  ? 4   DC C C4    1 
ATOM   524 N  N4    . DC C 3 5  ? -5.440  7.057   10.754  1.00 84.59  ? 4   DC C N4    1 
ATOM   525 C  C5    . DC C 3 5  ? -6.413  4.906   10.430  1.00 76.57  ? 4   DC C C5    1 
ATOM   526 C  C6    . DC C 3 5  ? -6.738  3.734   10.988  1.00 77.74  ? 4   DC C C6    1 
ATOM   527 P  P     . DG C 3 6  ? -10.726 0.864   14.325  1.00 112.03 ? 5   DG C P     1 
ATOM   528 O  OP1   . DG C 3 6  ? -11.373 -0.372  14.841  1.00 121.98 ? 5   DG C OP1   1 
ATOM   529 O  OP2   . DG C 3 6  ? -11.539 1.998   13.776  1.00 96.94  ? 5   DG C OP2   1 
ATOM   530 O  "O5'" . DG C 3 6  ? -9.755  1.392   15.473  1.00 89.38  ? 5   DG C "O5'" 1 
ATOM   531 C  "C5'" . DG C 3 6  ? -9.985  1.093   16.868  1.00 106.32 ? 5   DG C "C5'" 1 
ATOM   532 C  "C4'" . DG C 3 6  ? -9.592  2.279   17.721  1.00 105.18 ? 5   DG C "C4'" 1 
ATOM   533 O  "O4'" . DG C 3 6  ? -8.570  3.002   17.014  1.00 96.03  ? 5   DG C "O4'" 1 
ATOM   534 C  "C3'" . DG C 3 6  ? -10.684 3.322   17.984  1.00 111.73 ? 5   DG C "C3'" 1 
ATOM   535 O  "O3'" . DG C 3 6  ? -11.432 3.210   19.202  1.00 106.61 ? 5   DG C "O3'" 1 
ATOM   536 C  "C2'" . DG C 3 6  ? -9.899  4.602   18.150  1.00 99.81  ? 5   DG C "C2'" 1 
ATOM   537 C  "C1'" . DG C 3 6  ? -8.677  4.387   17.298  1.00 83.85  ? 5   DG C "C1'" 1 
ATOM   538 N  N9    . DG C 3 6  ? -8.743  5.095   16.034  1.00 67.69  ? 5   DG C N9    1 
ATOM   539 C  C8    . DG C 3 6  ? -9.413  4.741   14.888  1.00 76.90  ? 5   DG C C8    1 
ATOM   540 N  N7    . DG C 3 6  ? -9.198  5.565   13.896  1.00 70.52  ? 5   DG C N7    1 
ATOM   541 C  C5    . DG C 3 6  ? -8.365  6.533   14.433  1.00 57.78  ? 5   DG C C5    1 
ATOM   542 C  C6    . DG C 3 6  ? -7.801  7.677   13.838  1.00 70.88  ? 5   DG C C6    1 
ATOM   543 O  O6    . DG C 3 6  ? -7.979  8.111   12.696  1.00 84.88  ? 5   DG C O6    1 
ATOM   544 N  N1    . DG C 3 6  ? -6.963  8.355   14.722  1.00 71.06  ? 5   DG C N1    1 
ATOM   545 C  C2    . DG C 3 6  ? -6.728  7.986   16.026  1.00 76.81  ? 5   DG C C2    1 
ATOM   546 N  N2    . DG C 3 6  ? -5.902  8.773   16.731  1.00 75.88  ? 5   DG C N2    1 
ATOM   547 N  N3    . DG C 3 6  ? -7.280  6.932   16.602  1.00 68.79  ? 5   DG C N3    1 
ATOM   548 C  C4    . DG C 3 6  ? -8.086  6.261   15.755  1.00 60.02  ? 5   DG C C4    1 
ATOM   549 O  "O5'" . DT D 4 1  ? 18.551  -11.853 14.176  1.00 195.26 ? 2   DT D "O5'" 1 
ATOM   550 C  "C5'" . DT D 4 1  ? 18.435  -10.543 13.576  1.00 176.84 ? 2   DT D "C5'" 1 
ATOM   551 C  "C4'" . DT D 4 1  ? 19.486  -9.608  14.131  1.00 147.78 ? 2   DT D "C4'" 1 
ATOM   552 O  "O4'" . DT D 4 1  ? 20.356  -9.144  13.079  1.00 119.10 ? 2   DT D "O4'" 1 
ATOM   553 C  "C3'" . DT D 4 1  ? 18.961  -8.315  14.740  1.00 141.06 ? 2   DT D "C3'" 1 
ATOM   554 O  "O3'" . DT D 4 1  ? 18.339  -8.520  16.016  1.00 148.46 ? 2   DT D "O3'" 1 
ATOM   555 C  "C2'" . DT D 4 1  ? 20.207  -7.449  14.730  1.00 112.97 ? 2   DT D "C2'" 1 
ATOM   556 C  "C1'" . DT D 4 1  ? 21.010  -7.973  13.547  1.00 100.33 ? 2   DT D "C1'" 1 
ATOM   557 N  N1    . DT D 4 1  ? 21.149  -7.036  12.422  1.00 87.97  ? 2   DT D N1    1 
ATOM   558 C  C2    . DT D 4 1  ? 21.667  -5.783  12.700  1.00 101.09 ? 2   DT D C2    1 
ATOM   559 O  O2    . DT D 4 1  ? 21.968  -5.416  13.826  1.00 130.14 ? 2   DT D O2    1 
ATOM   560 N  N3    . DT D 4 1  ? 21.834  -4.975  11.603  1.00 91.02  ? 2   DT D N3    1 
ATOM   561 C  C4    . DT D 4 1  ? 21.552  -5.288  10.289  1.00 92.91  ? 2   DT D C4    1 
ATOM   562 O  O4    . DT D 4 1  ? 21.743  -4.452  9.414   1.00 95.00  ? 2   DT D O4    1 
ATOM   563 C  C5    . DT D 4 1  ? 21.021  -6.621  10.066  1.00 88.92  ? 2   DT D C5    1 
ATOM   564 C  C7    . DT D 4 1  ? 20.665  -7.033  8.671   1.00 91.54  ? 2   DT D C7    1 
ATOM   565 C  C6    . DT D 4 1  ? 20.856  -7.421  11.129  1.00 74.39  ? 2   DT D C6    1 
ATOM   566 P  P     . DC D 4 2  ? 18.382  -7.381  17.162  1.00 155.95 ? 3   DC D P     1 
ATOM   567 O  OP1   . DC D 4 2  ? 19.674  -6.659  17.081  1.00 171.63 ? 3   DC D OP1   1 
ATOM   568 O  OP2   . DC D 4 2  ? 17.982  -8.013  18.440  1.00 175.11 ? 3   DC D OP2   1 
ATOM   569 O  "O5'" . DC D 4 2  ? 17.206  -6.377  16.786  1.00 139.42 ? 3   DC D "O5'" 1 
ATOM   570 C  "C5'" . DC D 4 2  ? 17.405  -5.308  15.863  1.00 125.82 ? 3   DC D "C5'" 1 
ATOM   571 C  "C4'" . DC D 4 2  ? 18.401  -4.293  16.382  1.00 121.05 ? 3   DC D "C4'" 1 
ATOM   572 O  "O4'" . DC D 4 2  ? 19.404  -4.133  15.351  1.00 121.54 ? 3   DC D "O4'" 1 
ATOM   573 C  "C3'" . DC D 4 2  ? 17.816  -2.899  16.624  1.00 140.89 ? 3   DC D "C3'" 1 
ATOM   574 O  "O3'" . DC D 4 2  ? 18.375  -2.089  17.665  1.00 139.10 ? 3   DC D "O3'" 1 
ATOM   575 C  "C2'" . DC D 4 2  ? 18.077  -2.180  15.316  1.00 152.75 ? 3   DC D "C2'" 1 
ATOM   576 C  "C1'" . DC D 4 2  ? 19.294  -2.854  14.726  1.00 127.76 ? 3   DC D "C1'" 1 
ATOM   577 N  N1    . DC D 4 2  ? 19.135  -3.033  13.261  1.00 107.12 ? 3   DC D N1    1 
ATOM   578 C  C2    . DC D 4 2  ? 19.570  -1.991  12.401  1.00 112.94 ? 3   DC D C2    1 
ATOM   579 O  O2    . DC D 4 2  ? 20.139  -0.994  12.890  1.00 101.60 ? 3   DC D O2    1 
ATOM   580 N  N3    . DC D 4 2  ? 19.384  -2.119  11.063  1.00 92.55  ? 3   DC D N3    1 
ATOM   581 C  C4    . DC D 4 2  ? 18.780  -3.211  10.576  1.00 95.63  ? 3   DC D C4    1 
ATOM   582 N  N4    . DC D 4 2  ? 18.634  -3.303  9.253   1.00 85.67  ? 3   DC D N4    1 
ATOM   583 C  C5    . DC D 4 2  ? 18.289  -4.256  11.426  1.00 84.96  ? 3   DC D C5    1 
ATOM   584 C  C6    . DC D 4 2  ? 18.474  -4.119  12.748  1.00 82.55  ? 3   DC D C6    1 
ATOM   585 P  P     . DG D 4 3  ? 17.527  -0.841  18.246  1.00 155.88 ? 4   DG D P     1 
ATOM   586 O  OP1   . DG D 4 3  ? 18.479  0.197   18.765  1.00 155.52 ? 4   DG D OP1   1 
ATOM   587 O  OP2   . DG D 4 3  ? 16.395  -1.388  19.072  1.00 140.84 ? 4   DG D OP2   1 
ATOM   588 O  "O5'" . DG D 4 3  ? 16.933  -0.140  16.951  1.00 146.96 ? 4   DG D "O5'" 1 
ATOM   589 C  "C5'" . DG D 4 3  ? 16.465  1.201   17.022  1.00 144.01 ? 4   DG D "C5'" 1 
ATOM   590 C  "C4'" . DG D 4 3  ? 17.473  2.159   16.434  1.00 143.22 ? 4   DG D "C4'" 1 
ATOM   591 O  "O4'" . DG D 4 3  ? 18.120  1.639   15.245  1.00 131.94 ? 4   DG D "O4'" 1 
ATOM   592 C  "C3'" . DG D 4 3  ? 16.768  3.417   15.979  1.00 149.24 ? 4   DG D "C3'" 1 
ATOM   593 O  "O3'" . DG D 4 3  ? 17.588  4.546   16.164  1.00 166.51 ? 4   DG D "O3'" 1 
ATOM   594 C  "C2'" . DG D 4 3  ? 16.420  3.120   14.537  1.00 146.48 ? 4   DG D "C2'" 1 
ATOM   595 C  "C1'" . DG D 4 3  ? 17.532  2.204   14.067  1.00 125.61 ? 4   DG D "C1'" 1 
ATOM   596 N  N9    . DG D 4 3  ? 17.034  1.113   13.217  1.00 107.72 ? 4   DG D N9    1 
ATOM   597 C  C8    . DG D 4 3  ? 16.406  -0.046  13.618  1.00 89.89  ? 4   DG D C8    1 
ATOM   598 N  N7    . DG D 4 3  ? 16.067  -0.821  12.619  1.00 68.05  ? 4   DG D N7    1 
ATOM   599 C  C5    . DG D 4 3  ? 16.457  -0.115  11.490  1.00 78.27  ? 4   DG D C5    1 
ATOM   600 C  C6    . DG D 4 3  ? 16.340  -0.449  10.117  1.00 87.75  ? 4   DG D C6    1 
ATOM   601 O  O6    . DG D 4 3  ? 15.846  -1.469  9.614   1.00 78.56  ? 4   DG D O6    1 
ATOM   602 N  N1    . DG D 4 3  ? 16.861  0.555   9.298   1.00 88.06  ? 4   DG D N1    1 
ATOM   603 C  C2    . DG D 4 3  ? 17.420  1.737   9.750   1.00 102.12 ? 4   DG D C2    1 
ATOM   604 N  N2    . DG D 4 3  ? 17.871  2.586   8.809   1.00 108.21 ? 4   DG D N2    1 
ATOM   605 N  N3    . DG D 4 3  ? 17.541  2.054   11.032  1.00 93.75  ? 4   DG D N3    1 
ATOM   606 C  C4    . DG D 4 3  ? 17.042  1.090   11.840  1.00 97.42  ? 4   DG D C4    1 
ATOM   607 P  P     . DA D 4 4  ? 16.862  5.892   16.429  1.00 182.59 ? 5   DA D P     1 
ATOM   608 O  OP1   . DA D 4 4  ? 17.882  6.902   16.780  1.00 205.48 ? 5   DA D OP1   1 
ATOM   609 O  OP2   . DA D 4 4  ? 15.693  5.629   17.323  1.00 160.76 ? 5   DA D OP2   1 
ATOM   610 O  "O5'" . DA D 4 4  ? 16.328  6.230   14.984  1.00 171.41 ? 5   DA D "O5'" 1 
ATOM   611 C  "C5'" . DA D 4 4  ? 17.249  6.419   13.905  1.00 175.37 ? 5   DA D "C5'" 1 
ATOM   612 C  "C4'" . DA D 4 4  ? 16.444  6.808   12.692  1.00 175.98 ? 5   DA D "C4'" 1 
ATOM   613 O  "O4'" . DA D 4 4  ? 16.030  5.622   11.982  1.00 159.92 ? 5   DA D "O4'" 1 
ATOM   614 C  "C3'" . DA D 4 4  ? 15.148  7.550   13.021  1.00 160.22 ? 5   DA D "C3'" 1 
ATOM   615 O  "O3'" . DA D 4 4  ? 14.938  8.476   11.959  1.00 165.70 ? 5   DA D "O3'" 1 
ATOM   616 C  "C2'" . DA D 4 4  ? 14.114  6.441   13.030  1.00 126.89 ? 5   DA D "C2'" 1 
ATOM   617 C  "C1'" . DA D 4 4  ? 14.619  5.635   11.863  1.00 118.58 ? 5   DA D "C1'" 1 
ATOM   618 N  N9    . DA D 4 4  ? 14.176  4.261   11.826  1.00 96.17  ? 5   DA D N9    1 
ATOM   619 C  C8    . DA D 4 4  ? 13.804  3.432   12.851  1.00 98.95  ? 5   DA D C8    1 
ATOM   620 N  N7    . DA D 4 4  ? 13.486  2.221   12.460  1.00 95.64  ? 5   DA D N7    1 
ATOM   621 C  C5    . DA D 4 4  ? 13.650  2.262   11.084  1.00 73.32  ? 5   DA D C5    1 
ATOM   622 C  C6    . DA D 4 4  ? 13.450  1.303   10.082  1.00 72.06  ? 5   DA D C6    1 
ATOM   623 N  N6    . DA D 4 4  ? 13.049  0.055   10.330  1.00 75.80  ? 5   DA D N6    1 
ATOM   624 N  N1    . DA D 4 4  ? 13.676  1.673   8.800   1.00 71.17  ? 5   DA D N1    1 
ATOM   625 C  C2    . DA D 4 4  ? 14.100  2.924   8.559   1.00 88.63  ? 5   DA D C2    1 
ATOM   626 N  N3    . DA D 4 4  ? 14.330  3.916   9.421   1.00 82.91  ? 5   DA D N3    1 
ATOM   627 C  C4    . DA D 4 4  ? 14.077  3.513   10.679  1.00 82.93  ? 5   DA D C4    1 
ATOM   628 P  P     . DG D 4 5  ? 13.841  9.613   12.084  1.00 165.58 ? 6   DG D P     1 
ATOM   629 O  OP1   . DG D 4 5  ? 14.527  10.901  12.357  1.00 187.51 ? 6   DG D OP1   1 
ATOM   630 O  OP2   . DG D 4 5  ? 12.746  9.135   12.979  1.00 145.54 ? 6   DG D OP2   1 
ATOM   631 O  "O5'" . DG D 4 5  ? 13.268  9.652   10.610  1.00 153.03 ? 6   DG D "O5'" 1 
ATOM   632 C  "C5'" . DG D 4 5  ? 12.661  8.465   10.120  1.00 131.37 ? 6   DG D "C5'" 1 
ATOM   633 C  "C4'" . DG D 4 5  ? 12.568  8.530   8.619   1.00 117.52 ? 6   DG D "C4'" 1 
ATOM   634 O  "O4'" . DG D 4 5  ? 12.720  7.211   8.065   1.00 106.14 ? 6   DG D "O4'" 1 
ATOM   635 C  "C3'" . DG D 4 5  ? 11.210  9.021   8.165   1.00 104.24 ? 6   DG D "C3'" 1 
ATOM   636 O  "O3'" . DG D 4 5  ? 11.291  9.817   6.999   1.00 121.97 ? 6   DG D "O3'" 1 
ATOM   637 C  "C2'" . DG D 4 5  ? 10.430  7.753   7.909   1.00 100.18 ? 6   DG D "C2'" 1 
ATOM   638 C  "C1'" . DG D 4 5  ? 11.462  6.655   7.798   1.00 82.70  ? 6   DG D "C1'" 1 
ATOM   639 N  N9    . DG D 4 5  ? 11.200  5.599   8.767   1.00 71.57  ? 6   DG D N9    1 
ATOM   640 C  C8    . DG D 4 5  ? 11.117  5.660   10.141  1.00 76.77  ? 6   DG D C8    1 
ATOM   641 N  N7    . DG D 4 5  ? 10.765  4.524   10.683  1.00 68.27  ? 6   DG D N7    1 
ATOM   642 C  C5    . DG D 4 5  ? 10.570  3.679   9.601   1.00 63.22  ? 6   DG D C5    1 
ATOM   643 C  C6    . DG D 4 5  ? 10.179  2.321   9.563   1.00 66.79  ? 6   DG D C6    1 
ATOM   644 O  O6    . DG D 4 5  ? 9.895   1.577   10.514  1.00 71.20  ? 6   DG D O6    1 
ATOM   645 N  N1    . DG D 4 5  ? 10.098  1.849   8.250   1.00 65.83  ? 6   DG D N1    1 
ATOM   646 C  C2    . DG D 4 5  ? 10.364  2.601   7.121   1.00 88.18  ? 6   DG D C2    1 
ATOM   647 N  N2    . DG D 4 5  ? 10.241  1.980   5.933   1.00 86.95  ? 6   DG D N2    1 
ATOM   648 N  N3    . DG D 4 5  ? 10.725  3.874   7.150   1.00 72.71  ? 6   DG D N3    1 
ATOM   649 C  C4    . DG D 4 5  ? 10.806  4.342   8.412   1.00 65.82  ? 6   DG D C4    1 
ATOM   650 P  P     . DT D 4 6  ? 9.980   10.572  6.521   1.00 140.16 ? 7   DT D P     1 
ATOM   651 O  OP1   . DT D 4 6  ? 10.421  11.728  5.692   1.00 124.85 ? 7   DT D OP1   1 
ATOM   652 O  OP2   . DT D 4 6  ? 9.064   10.765  7.701   1.00 103.96 ? 7   DT D OP2   1 
ATOM   653 O  "O5'" . DT D 4 6  ? 9.221   9.448   5.684   1.00 124.63 ? 7   DT D "O5'" 1 
ATOM   654 C  "C5'" . DT D 4 6  ? 9.798   8.886   4.489   1.00 119.61 ? 7   DT D "C5'" 1 
ATOM   655 C  "C4'" . DT D 4 6  ? 8.896   7.807   3.937   1.00 103.43 ? 7   DT D "C4'" 1 
ATOM   656 O  "O4'" . DT D 4 6  ? 8.851   6.730   4.893   1.00 93.39  ? 7   DT D "O4'" 1 
ATOM   657 C  "C3'" . DT D 4 6  ? 7.433   8.222   3.704   1.00 100.12 ? 7   DT D "C3'" 1 
ATOM   658 O  "O3'" . DT D 4 6  ? 7.050   8.138   2.319   1.00 88.75  ? 7   DT D "O3'" 1 
ATOM   659 C  "C2'" . DT D 4 6  ? 6.641   7.300   4.620   1.00 87.24  ? 7   DT D "C2'" 1 
ATOM   660 C  "C1'" . DT D 4 6  ? 7.581   6.144   4.785   1.00 78.29  ? 7   DT D "C1'" 1 
ATOM   661 N  N1    . DT D 4 6  ? 7.365   5.341   5.980   1.00 66.89  ? 7   DT D N1    1 
ATOM   662 C  C2    . DT D 4 6  ? 7.049   4.004   5.819   1.00 73.98  ? 7   DT D C2    1 
ATOM   663 O  O2    . DT D 4 6  ? 6.912   3.476   4.725   1.00 79.93  ? 7   DT D O2    1 
ATOM   664 N  N3    . DT D 4 6  ? 6.901   3.304   6.993   1.00 72.08  ? 7   DT D N3    1 
ATOM   665 C  C4    . DT D 4 6  ? 7.056   3.796   8.279   1.00 81.82  ? 7   DT D C4    1 
ATOM   666 O  O4    . DT D 4 6  ? 6.892   3.055   9.247   1.00 82.73  ? 7   DT D O4    1 
ATOM   667 C  C5    . DT D 4 6  ? 7.389   5.200   8.370   1.00 65.52  ? 7   DT D C5    1 
ATOM   668 C  C7    . DT D 4 6  ? 7.546   5.809   9.724   1.00 60.25  ? 7   DT D C7    1 
ATOM   669 C  C6    . DT D 4 6  ? 7.526   5.896   7.231   1.00 55.47  ? 7   DT D C6    1 
ATOM   670 P  P     . DC D 4 7  ? 5.532   8.425   1.848   1.00 91.72  ? 8   DC D P     1 
ATOM   671 O  OP1   . DC D 4 7  ? 5.579   8.683   0.374   1.00 66.31  ? 8   DC D OP1   1 
ATOM   672 O  OP2   . DC D 4 7  ? 4.850   9.362   2.798   1.00 90.67  ? 8   DC D OP2   1 
ATOM   673 O  "O5'" . DC D 4 7  ? 4.803   7.055   2.176   1.00 74.50  ? 8   DC D "O5'" 1 
ATOM   674 C  "C5'" . DC D 4 7  ? 5.084   5.970   1.292   1.00 74.48  ? 8   DC D "C5'" 1 
ATOM   675 C  "C4'" . DC D 4 7  ? 4.130   4.851   1.607   1.00 80.09  ? 8   DC D "C4'" 1 
ATOM   676 O  "O4'" . DC D 4 7  ? 4.314   4.504   2.990   1.00 80.68  ? 8   DC D "O4'" 1 
ATOM   677 C  "C3'" . DC D 4 7  ? 2.651   5.219   1.450   1.00 83.59  ? 8   DC D "C3'" 1 
ATOM   678 O  "O3'" . DC D 4 7  ? 2.094   4.390   0.425   1.00 85.27  ? 8   DC D "O3'" 1 
ATOM   679 C  "C2'" . DC D 4 7  ? 2.065   5.033   2.844   1.00 83.68  ? 8   DC D "C2'" 1 
ATOM   680 C  "C1'" . DC D 4 7  ? 3.069   4.135   3.530   1.00 79.01  ? 8   DC D "C1'" 1 
ATOM   681 N  N1    . DC D 4 7  ? 3.178   4.286   4.980   1.00 71.97  ? 8   DC D N1    1 
ATOM   682 C  C2    . DC D 4 7  ? 2.899   3.192   5.820   1.00 76.70  ? 8   DC D C2    1 
ATOM   683 O  O2    . DC D 4 7  ? 2.495   2.135   5.322   1.00 93.64  ? 8   DC D O2    1 
ATOM   684 N  N3    . DC D 4 7  ? 3.066   3.323   7.150   1.00 78.37  ? 8   DC D N3    1 
ATOM   685 C  C4    . DC D 4 7  ? 3.522   4.473   7.653   1.00 91.28  ? 8   DC D C4    1 
ATOM   686 N  N4    . DC D 4 7  ? 3.677   4.554   8.972   1.00 103.86 ? 8   DC D N4    1 
ATOM   687 C  C5    . DC D 4 7  ? 3.853   5.586   6.820   1.00 75.51  ? 8   DC D C5    1 
ATOM   688 C  C6    . DC D 4 7  ? 3.670   5.449   5.502   1.00 67.62  ? 8   DC D C6    1 
ATOM   689 P  P     . DG D 4 8  ? 0.620   4.612   -0.105  1.00 87.75  ? 9   DG D P     1 
ATOM   690 O  OP1   . DG D 4 8  ? 0.492   3.907   -1.417  1.00 79.34  ? 9   DG D OP1   1 
ATOM   691 O  OP2   . DG D 4 8  ? 0.323   6.082   -0.062  1.00 86.09  ? 9   DG D OP2   1 
ATOM   692 O  "O5'" . DG D 4 8  ? -0.212  3.820   1.000   1.00 65.91  ? 9   DG D "O5'" 1 
ATOM   693 C  "C5'" . DG D 4 8  ? -0.683  2.498   0.732   1.00 68.00  ? 9   DG D "C5'" 1 
ATOM   694 C  "C4'" . DG D 4 8  ? -1.299  1.959   1.998   1.00 74.24  ? 9   DG D "C4'" 1 
ATOM   695 O  "O4'" . DG D 4 8  ? -0.608  2.527   3.141   1.00 79.57  ? 9   DG D "O4'" 1 
ATOM   696 C  "C3'" . DG D 4 8  ? -2.773  2.321   2.188   1.00 69.71  ? 9   DG D "C3'" 1 
ATOM   697 O  "O3'" . DG D 4 8  ? -3.564  1.141   2.367   1.00 79.09  ? 9   DG D "O3'" 1 
ATOM   698 C  "C2'" . DG D 4 8  ? -2.797  3.141   3.466   1.00 77.90  ? 9   DG D "C2'" 1 
ATOM   699 C  "C1'" . DG D 4 8  ? -1.569  2.649   4.172   1.00 74.15  ? 9   DG D "C1'" 1 
ATOM   700 N  N9    . DG D 4 8  ? -1.033  3.530   5.205   1.00 67.41  ? 9   DG D N9    1 
ATOM   701 C  C8    . DG D 4 8  ? -0.618  4.838   5.101   1.00 74.43  ? 9   DG D C8    1 
ATOM   702 N  N7    . DG D 4 8  ? -0.154  5.319   6.224   1.00 61.15  ? 9   DG D N7    1 
ATOM   703 C  C5    . DG D 4 8  ? -0.293  4.274   7.119   1.00 52.09  ? 9   DG D C5    1 
ATOM   704 C  C6    . DG D 4 8  ? 0.040   4.204   8.467   1.00 61.86  ? 9   DG D C6    1 
ATOM   705 O  O6    . DG D 4 8  ? 0.509   5.092   9.174   1.00 83.39  ? 9   DG D O6    1 
ATOM   706 N  N1    . DG D 4 8  ? -0.203  2.937   8.994   1.00 60.18  ? 9   DG D N1    1 
ATOM   707 C  C2    . DG D 4 8  ? -0.734  1.881   8.292   1.00 70.05  ? 9   DG D C2    1 
ATOM   708 N  N2    . DG D 4 8  ? -0.919  0.733   8.964   1.00 76.44  ? 9   DG D N2    1 
ATOM   709 N  N3    . DG D 4 8  ? -1.090  1.952   7.026   1.00 71.43  ? 9   DG D N3    1 
ATOM   710 C  C4    . DG D 4 8  ? -0.839  3.168   6.507   1.00 57.85  ? 9   DG D C4    1 
ATOM   711 P  P     . DG D 4 9  ? -4.196  0.474   1.093   1.00 84.28  ? 10  DG D P     1 
ATOM   712 O  OP1   . DG D 4 9  ? -3.895  -0.974  1.117   1.00 96.63  ? 10  DG D OP1   1 
ATOM   713 O  OP2   . DG D 4 9  ? -3.803  1.328   -0.059  1.00 68.77  ? 10  DG D OP2   1 
ATOM   714 O  "O5'" . DG D 4 9  ? -5.781  0.490   1.322   1.00 92.40  ? 10  DG D "O5'" 1 
ATOM   715 C  "C5'" . DG D 4 9  ? -6.544  1.707   1.543   1.00 87.12  ? 10  DG D "C5'" 1 
ATOM   716 C  "C4'" . DG D 4 9  ? -7.238  2.275   0.318   1.00 80.26  ? 10  DG D "C4'" 1 
ATOM   717 O  "O4'" . DG D 4 9  ? -6.309  2.982   -0.517  1.00 62.29  ? 10  DG D "O4'" 1 
ATOM   718 C  "C3'" . DG D 4 9  ? -7.940  1.375   -0.690  1.00 80.75  ? 10  DG D "C3'" 1 
ATOM   719 O  "O3'" . DG D 4 9  ? -9.111  0.688   -0.221  1.00 82.42  ? 10  DG D "O3'" 1 
ATOM   720 C  "C2'" . DG D 4 9  ? -8.149  2.343   -1.859  1.00 70.73  ? 10  DG D "C2'" 1 
ATOM   721 C  "C1'" . DG D 4 9  ? -7.020  3.371   -1.683  1.00 59.45  ? 10  DG D "C1'" 1 
ATOM   722 N  N9    . DG D 4 9  ? -6.034  3.463   -2.739  1.00 57.03  ? 10  DG D N9    1 
ATOM   723 C  C8    . DG D 4 9  ? -4.673  3.430   -2.552  1.00 64.49  ? 10  DG D C8    1 
ATOM   724 N  N7    . DG D 4 9  ? -3.998  3.528   -3.664  1.00 61.59  ? 10  DG D N7    1 
ATOM   725 C  C5    . DG D 4 9  ? -4.971  3.628   -4.642  1.00 54.90  ? 10  DG D C5    1 
ATOM   726 C  C6    . DG D 4 9  ? -4.833  3.773   -6.024  1.00 64.75  ? 10  DG D C6    1 
ATOM   727 O  O6    . DG D 4 9  ? -3.786  3.821   -6.681  1.00 59.98  ? 10  DG D O6    1 
ATOM   728 N  N1    . DG D 4 9  ? -6.073  3.880   -6.655  1.00 71.00  ? 10  DG D N1    1 
ATOM   729 C  C2    . DG D 4 9  ? -7.293  3.823   -6.011  1.00 82.77  ? 10  DG D C2    1 
ATOM   730 N  N2    . DG D 4 9  ? -8.386  3.916   -6.787  1.00 94.56  ? 10  DG D N2    1 
ATOM   731 N  N3    . DG D 4 9  ? -7.429  3.672   -4.702  1.00 55.80  ? 10  DG D N3    1 
ATOM   732 C  C4    . DG D 4 9  ? -6.236  3.570   -4.089  1.00 52.89  ? 10  DG D C4    1 
ATOM   733 P  P     . DT D 4 10 ? -9.467  -0.764  -0.853  1.00 99.31  ? 11  DT D P     1 
ATOM   734 O  OP1   . DT D 4 10 ? -10.579 -1.351  0.002   1.00 68.83  ? 11  DT D OP1   1 
ATOM   735 O  OP2   . DT D 4 10 ? -8.197  -1.511  -1.097  1.00 77.46  ? 11  DT D OP2   1 
ATOM   736 O  "O5'" . DT D 4 10 ? -9.812  -0.441  -2.381  1.00 57.66  ? 11  DT D "O5'" 1 
ATOM   737 C  "C5'" . DT D 4 10 ? -11.203 -0.164  -2.625  1.00 74.31  ? 11  DT D "C5'" 1 
ATOM   738 C  "C4'" . DT D 4 10 ? -11.453 0.083   -4.091  1.00 80.36  ? 11  DT D "C4'" 1 
ATOM   739 O  "O4'" . DT D 4 10 ? -10.319 0.734   -4.695  1.00 72.12  ? 11  DT D "O4'" 1 
ATOM   740 C  "C3'" . DT D 4 10 ? -11.694 -1.171  -4.914  1.00 92.21  ? 11  DT D "C3'" 1 
ATOM   741 O  "O3'" . DT D 4 10 ? -12.805 -0.900  -5.744  1.00 102.75 ? 11  DT D "O3'" 1 
ATOM   742 C  "C2'" . DT D 4 10 ? -10.419 -1.341  -5.724  1.00 85.22  ? 11  DT D "C2'" 1 
ATOM   743 C  "C1'" . DT D 4 10 ? -9.906  0.070   -5.861  1.00 64.16  ? 11  DT D "C1'" 1 
ATOM   744 N  N1    . DT D 4 10 ? -8.461  0.135   -5.867  1.00 54.56  ? 11  DT D N1    1 
ATOM   745 C  C2    . DT D 4 10 ? -7.749  0.385   -7.027  1.00 61.87  ? 11  DT D C2    1 
ATOM   746 O  O2    . DT D 4 10 ? -8.273  0.536   -8.119  1.00 85.75  ? 11  DT D O2    1 
ATOM   747 N  N3    . DT D 4 10 ? -6.389  0.433   -6.863  1.00 56.41  ? 11  DT D N3    1 
ATOM   748 C  C4    . DT D 4 10 ? -5.689  0.287   -5.683  1.00 61.39  ? 11  DT D C4    1 
ATOM   749 O  O4    . DT D 4 10 ? -4.463  0.363   -5.687  1.00 59.15  ? 11  DT D O4    1 
ATOM   750 C  C5    . DT D 4 10 ? -6.500  0.013   -4.512  1.00 63.50  ? 11  DT D C5    1 
ATOM   751 C  C7    . DT D 4 10 ? -5.828  -0.206  -3.198  1.00 70.34  ? 11  DT D C7    1 
ATOM   752 C  C6    . DT D 4 10 ? -7.827  -0.040  -4.660  1.00 51.97  ? 11  DT D C6    1 
ATOM   753 P  P     . DG D 4 11 ? -13.293 -2.005  -6.717  1.00 117.55 ? 12  DG D P     1 
ATOM   754 O  OP1   . DG D 4 11 ? -14.709 -1.649  -7.046  1.00 102.41 ? 12  DG D OP1   1 
ATOM   755 O  OP2   . DG D 4 11 ? -12.993 -3.315  -6.068  1.00 116.22 ? 12  DG D OP2   1 
ATOM   756 O  "O5'" . DG D 4 11 ? -12.268 -1.882  -7.945  1.00 86.22  ? 12  DG D "O5'" 1 
ATOM   757 C  "C5'" . DG D 4 11 ? -12.491 -0.845  -8.907  1.00 90.81  ? 12  DG D "C5'" 1 
ATOM   758 C  "C4'" . DG D 4 11 ? -11.631 -1.024  -10.132 1.00 98.88  ? 12  DG D "C4'" 1 
ATOM   759 O  "O4'" . DG D 4 11 ? -10.238 -1.000  -9.766  1.00 94.44  ? 12  DG D "O4'" 1 
ATOM   760 C  "C3'" . DG D 4 11 ? -11.845 -2.335  -10.888 1.00 118.28 ? 12  DG D "C3'" 1 
ATOM   761 O  "O3'" . DG D 4 11 ? -12.130 -1.987  -12.251 1.00 137.17 ? 12  DG D "O3'" 1 
ATOM   762 C  "C2'" . DG D 4 11 ? -10.544 -3.093  -10.653 1.00 119.45 ? 12  DG D "C2'" 1 
ATOM   763 C  "C1'" . DG D 4 11 ? -9.552  -1.965  -10.528 1.00 93.33  ? 12  DG D "C1'" 1 
ATOM   764 N  N9    . DG D 4 11 ? -8.343  -2.283  -9.798  1.00 73.63  ? 12  DG D N9    1 
ATOM   765 C  C8    . DG D 4 11 ? -8.272  -2.652  -8.476  1.00 82.37  ? 12  DG D C8    1 
ATOM   766 N  N7    . DG D 4 11 ? -7.047  -2.771  -8.044  1.00 71.85  ? 12  DG D N7    1 
ATOM   767 C  C5    . DG D 4 11 ? -6.265  -2.443  -9.142  1.00 54.14  ? 12  DG D C5    1 
ATOM   768 C  C6    . DG D 4 11 ? -4.861  -2.372  -9.265  1.00 61.22  ? 12  DG D C6    1 
ATOM   769 O  O6    . DG D 4 11 ? -4.011  -2.626  -8.409  1.00 68.82  ? 12  DG D O6    1 
ATOM   770 N  N1    . DG D 4 11 ? -4.470  -1.982  -10.543 1.00 48.08  ? 12  DG D N1    1 
ATOM   771 C  C2    . DG D 4 11 ? -5.335  -1.685  -11.566 1.00 69.18  ? 12  DG D C2    1 
ATOM   772 N  N2    . DG D 4 11 ? -4.764  -1.308  -12.725 1.00 74.93  ? 12  DG D N2    1 
ATOM   773 N  N3    . DG D 4 11 ? -6.665  -1.728  -11.455 1.00 59.68  ? 12  DG D N3    1 
ATOM   774 C  C4    . DG D 4 11 ? -7.051  -2.130  -10.228 1.00 53.51  ? 12  DG D C4    1 
ATOM   775 P  P     . DT D 4 12 ? -12.664 -3.080  -13.307 1.00 122.92 ? 13  DT D P     1 
ATOM   776 O  OP1   . DT D 4 12 ? -14.000 -2.626  -13.799 1.00 126.09 ? 13  DT D OP1   1 
ATOM   777 O  OP2   . DT D 4 12 ? -12.532 -4.420  -12.685 1.00 118.00 ? 13  DT D OP2   1 
ATOM   778 O  "O5'" . DT D 4 12 ? -11.539 -3.018  -14.435 1.00 94.05  ? 13  DT D "O5'" 1 
ATOM   779 C  "C5'" . DT D 4 12 ? -10.179 -3.075  -14.011 1.00 89.70  ? 13  DT D "C5'" 1 
ATOM   780 C  "C4'" . DT D 4 12 ? -9.233  -3.085  -15.184 1.00 109.15 ? 13  DT D "C4'" 1 
ATOM   781 O  "O4'" . DT D 4 12 ? -7.906  -3.073  -14.621 1.00 127.13 ? 13  DT D "O4'" 1 
ATOM   782 C  "C3'" . DT D 4 12 ? -9.275  -4.365  -16.011 1.00 144.67 ? 13  DT D "C3'" 1 
ATOM   783 O  "O3'" . DT D 4 12 ? -8.452  -4.238  -17.188 1.00 163.98 ? 13  DT D "O3'" 1 
ATOM   784 C  "C2'" . DT D 4 12 ? -8.537  -5.316  -15.105 1.00 143.72 ? 13  DT D "C2'" 1 
ATOM   785 C  "C1'" . DT D 4 12 ? -7.381  -4.405  -14.668 1.00 132.25 ? 13  DT D "C1'" 1 
ATOM   786 N  N1    . DT D 4 12 ? -6.755  -4.721  -13.356 1.00 104.95 ? 13  DT D N1    1 
ATOM   787 C  C2    . DT D 4 12 ? -5.376  -4.641  -13.250 1.00 91.75  ? 13  DT D C2    1 
ATOM   788 O  O2    . DT D 4 12 ? -4.651  -4.268  -14.168 1.00 88.00  ? 13  DT D O2    1 
ATOM   789 N  N3    . DT D 4 12 ? -4.880  -4.968  -12.008 1.00 69.83  ? 13  DT D N3    1 
ATOM   790 C  C4    . DT D 4 12 ? -5.606  -5.366  -10.899 1.00 73.42  ? 13  DT D C4    1 
ATOM   791 O  O4    . DT D 4 12 ? -5.020  -5.647  -9.856  1.00 69.07  ? 13  DT D O4    1 
ATOM   792 C  C5    . DT D 4 12 ? -7.043  -5.433  -11.087 1.00 66.29  ? 13  DT D C5    1 
ATOM   793 C  C7    . DT D 4 12 ? -7.910  -5.858  -9.946  1.00 65.85  ? 13  DT D C7    1 
ATOM   794 C  C6    . DT D 4 12 ? -7.536  -5.127  -12.292 1.00 76.28  ? 13  DT D C6    1 
ATOM   795 P  P     . DC D 4 13 ? -8.655  -5.203  -18.462 1.00 142.47 ? 14  DC D P     1 
ATOM   796 O  OP1   . DC D 4 13 ? -8.020  -4.537  -19.638 1.00 129.19 ? 14  DC D OP1   1 
ATOM   797 O  OP2   . DC D 4 13 ? -10.092 -5.645  -18.494 1.00 134.07 ? 14  DC D OP2   1 
ATOM   798 O  "O5'" . DC D 4 13 ? -7.777  -6.483  -18.113 1.00 144.13 ? 14  DC D "O5'" 1 
ATOM   799 C  "C5'" . DC D 4 13 ? -6.822  -7.000  -19.049 1.00 147.05 ? 14  DC D "C5'" 1 
ATOM   800 C  "C4'" . DC D 4 13 ? -5.443  -6.620  -18.576 1.00 146.85 ? 14  DC D "C4'" 1 
ATOM   801 O  "O4'" . DC D 4 13 ? -5.528  -6.302  -17.178 1.00 149.68 ? 14  DC D "O4'" 1 
ATOM   802 C  "C3'" . DC D 4 13 ? -4.421  -7.746  -18.684 1.00 167.81 ? 14  DC D "C3'" 1 
ATOM   803 O  "O3'" . DC D 4 13 ? -3.663  -7.531  -19.867 1.00 180.86 ? 14  DC D "O3'" 1 
ATOM   804 C  "C2'" . DC D 4 13 ? -3.537  -7.574  -17.465 1.00 155.56 ? 14  DC D "C2'" 1 
ATOM   805 C  "C1'" . DC D 4 13 ? -4.437  -6.878  -16.468 1.00 150.40 ? 14  DC D "C1'" 1 
ATOM   806 N  N1    . DC D 4 13 ? -4.963  -7.654  -15.314 1.00 134.20 ? 14  DC D N1    1 
ATOM   807 C  C2    . DC D 4 13 ? -4.047  -8.032  -14.327 1.00 128.75 ? 14  DC D C2    1 
ATOM   808 O  O2    . DC D 4 13 ? -2.835  -7.819  -14.525 1.00 106.32 ? 14  DC D O2    1 
ATOM   809 N  N3    . DC D 4 13 ? -4.499  -8.632  -13.193 1.00 111.26 ? 14  DC D N3    1 
ATOM   810 C  C4    . DC D 4 13 ? -5.809  -8.849  -13.029 1.00 117.14 ? 14  DC D C4    1 
ATOM   811 N  N4    . DC D 4 13 ? -6.210  -9.461  -11.912 1.00 119.78 ? 14  DC D N4    1 
ATOM   812 C  C5    . DC D 4 13 ? -6.764  -8.467  -14.018 1.00 116.55 ? 14  DC D C5    1 
ATOM   813 C  C6    . DC D 4 13 ? -6.304  -7.872  -15.131 1.00 118.54 ? 14  DC D C6    1 
ATOM   814 P  P     . DG D 4 14 ? -3.690  -8.606  -21.025 1.00 157.01 ? 15  DG D P     1 
ATOM   815 O  OP1   . DG D 4 14 ? -3.417  -7.886  -22.287 1.00 162.21 ? 15  DG D OP1   1 
ATOM   816 O  OP2   . DG D 4 14 ? -4.945  -9.433  -20.887 1.00 134.78 ? 15  DG D OP2   1 
ATOM   817 O  "O5'" . DG D 4 14 ? -2.344  -9.404  -20.748 1.00 141.77 ? 15  DG D "O5'" 1 
ATOM   818 C  "C5'" . DG D 4 14 ? -1.049  -8.794  -20.956 1.00 133.64 ? 15  DG D "C5'" 1 
ATOM   819 C  "C4'" . DG D 4 14 ? -0.004  -9.576  -20.192 1.00 145.06 ? 15  DG D "C4'" 1 
ATOM   820 O  "O4'" . DG D 4 14 ? -0.361  -9.458  -18.796 1.00 133.93 ? 15  DG D "O4'" 1 
ATOM   821 C  "C3'" . DG D 4 14 ? 0.052   -11.083 -20.515 1.00 151.31 ? 15  DG D "C3'" 1 
ATOM   822 O  "O3'" . DG D 4 14 ? 1.077   -11.626 -21.399 1.00 163.94 ? 15  DG D "O3'" 1 
ATOM   823 C  "C2'" . DG D 4 14 ? 0.055   -11.768 -19.161 1.00 143.68 ? 15  DG D "C2'" 1 
ATOM   824 C  "C1'" . DG D 4 14 ? -0.284  -10.701 -18.126 1.00 133.07 ? 15  DG D "C1'" 1 
ATOM   825 N  N9    . DG D 4 14 ? -1.562  -10.937 -17.462 1.00 115.31 ? 15  DG D N9    1 
ATOM   826 C  C8    . DG D 4 14 ? -2.803  -11.034 -18.050 1.00 124.64 ? 15  DG D C8    1 
ATOM   827 N  N7    . DG D 4 14 ? -3.755  -11.303 -17.196 1.00 120.12 ? 15  DG D N7    1 
ATOM   828 C  C5    . DG D 4 14 ? -3.105  -11.389 -15.974 1.00 102.07 ? 15  DG D C5    1 
ATOM   829 C  C6    . DG D 4 14 ? -3.621  -11.650 -14.676 1.00 104.22 ? 15  DG D C6    1 
ATOM   830 O  O6    . DG D 4 14 ? -4.798  -11.868 -14.343 1.00 101.83 ? 15  DG D O6    1 
ATOM   831 N  N1    . DG D 4 14 ? -2.611  -11.643 -13.714 1.00 99.12  ? 15  DG D N1    1 
ATOM   832 C  C2    . DG D 4 14 ? -1.274  -11.418 -13.970 1.00 99.91  ? 15  DG D C2    1 
ATOM   833 N  N2    . DG D 4 14 ? -0.450  -11.456 -12.909 1.00 88.33  ? 15  DG D N2    1 
ATOM   834 N  N3    . DG D 4 14 ? -0.782  -11.174 -15.179 1.00 79.88  ? 15  DG D N3    1 
ATOM   835 C  C4    . DG D 4 14 ? -1.747  -11.174 -16.123 1.00 96.01  ? 15  DG D C4    1 
ATOM   836 P  P     . DT D 4 15 ? 2.698   -11.338 -21.241 1.00 184.24 ? 16  DT D P     1 
ATOM   837 O  OP1   . DT D 4 15 ? 2.947   -9.886  -21.422 1.00 242.43 ? 16  DT D OP1   1 
ATOM   838 O  OP2   . DT D 4 15 ? 3.435   -12.292 -22.118 1.00 203.29 ? 16  DT D OP2   1 
ATOM   839 O  "O5'" . DT D 4 15 ? 3.033   -11.728 -19.735 1.00 147.42 ? 16  DT D "O5'" 1 
ATOM   840 C  "C5'" . DT D 4 15 ? 3.766   -12.923 -19.437 1.00 144.34 ? 16  DT D "C5'" 1 
ATOM   841 C  "C4'" . DT D 4 15 ? 3.700   -13.227 -17.959 1.00 149.57 ? 16  DT D "C4'" 1 
ATOM   842 O  "O4'" . DT D 4 15 ? 2.332   -13.241 -17.492 1.00 139.33 ? 16  DT D "O4'" 1 
ATOM   843 C  "C3'" . DT D 4 15 ? 4.289   -14.586 -17.568 1.00 150.79 ? 16  DT D "C3'" 1 
ATOM   844 O  "O3'" . DT D 4 15 ? 5.394   -14.383 -16.683 1.00 166.76 ? 16  DT D "O3'" 1 
ATOM   845 C  "C2'" . DT D 4 15 ? 3.130   -15.329 -16.910 1.00 130.94 ? 16  DT D "C2'" 1 
ATOM   846 C  "C1'" . DT D 4 15 ? 2.236   -14.202 -16.460 1.00 121.72 ? 16  DT D "C1'" 1 
ATOM   847 N  N1    . DT D 4 15 ? 0.798   -14.486 -16.225 1.00 112.22 ? 16  DT D N1    1 
ATOM   848 C  C2    . DT D 4 15 ? 0.374   -14.693 -14.927 1.00 115.00 ? 16  DT D C2    1 
ATOM   849 O  O2    . DT D 4 15 ? 1.136   -14.737 -13.974 1.00 138.28 ? 16  DT D O2    1 
ATOM   850 N  N3    . DT D 4 15 ? -0.985  -14.868 -14.785 1.00 94.77  ? 16  DT D N3    1 
ATOM   851 C  C4    . DT D 4 15 ? -1.940  -14.823 -15.788 1.00 103.82 ? 16  DT D C4    1 
ATOM   852 O  O4    . DT D 4 15 ? -3.130  -14.989 -15.513 1.00 94.17  ? 16  DT D O4    1 
ATOM   853 C  C5    . DT D 4 15 ? -1.426  -14.575 -17.119 1.00 102.96 ? 16  DT D C5    1 
ATOM   854 C  C7    . DT D 4 15 ? -2.383  -14.542 -18.268 1.00 110.55 ? 16  DT D C7    1 
ATOM   855 C  C6    . DT D 4 15 ? -0.102  -14.416 -17.268 1.00 96.20  ? 16  DT D C6    1 
HETATM 856 MG MG    . MG E 5 .  ? -12.055 8.446   -2.630  1.00 96.22  ? 101 MG A MG    1 
HETATM 857 MG MG    . MG F 5 .  ? -5.066  -8.112  -6.556  1.00 93.22  ? 102 MG A MG    1 
HETATM 858 MG MG    . MG G 5 .  ? 0.639   9.577   7.562   1.00 71.45  ? 101 MG C MG    1 
HETATM 859 MG MG    . MG H 5 .  ? -10.874 7.001   9.645   1.00 105.19 ? 102 MG C MG    1 
# 
loop_
_pdbx_poly_seq_scheme.asym_id 
_pdbx_poly_seq_scheme.entity_id 
_pdbx_poly_seq_scheme.seq_id 
_pdbx_poly_seq_scheme.mon_id 
_pdbx_poly_seq_scheme.ndb_seq_num 
_pdbx_poly_seq_scheme.pdb_seq_num 
_pdbx_poly_seq_scheme.auth_seq_num 
_pdbx_poly_seq_scheme.pdb_mon_id 
_pdbx_poly_seq_scheme.auth_mon_id 
_pdbx_poly_seq_scheme.pdb_strand_id 
_pdbx_poly_seq_scheme.pdb_ins_code 
_pdbx_poly_seq_scheme.hetero 
A 1 1  DG 1  1  1  DG DG A . n 
A 1 2  DA 2  2  2  DA DA A . n 
A 1 3  DA 3  3  3  DA DA A . n 
A 1 4  DC 4  4  4  DC DC A . n 
A 1 5  DG 5  5  5  DG DG A . n 
A 1 6  DA 6  6  6  DA DA A . n 
A 1 7  DC 7  7  7  DC DC A . n 
A 1 8  DA 8  8  8  DA DA A . n 
A 1 9  DC 9  9  9  DC DC A . n 
A 1 10 DT 10 10 10 DT DT A . n 
A 1 11 DG 11 11 11 DG DG A . n 
A 1 12 DA 12 12 12 DA DA A . n 
B 2 1  DC 1  12 12 DC DC B . n 
B 2 2  DG 2  13 13 DG DG B . n 
B 2 3  DA 3  14 14 DA DA B . n 
B 2 4  DC 4  15 15 DC DC B . n 
B 2 5  DG 5  16 16 DG DG B . n 
B 2 6  DA 6  17 17 DA DA B . n 
B 2 7  DC 7  18 18 DC DC B . n 
B 2 8  DT 8  19 19 DT DT B . n 
B 2 9  DC 9  20 20 DC DC B . n 
C 3 1  DT 1  0  0  DT DT C . n 
C 3 2  DC 2  1  1  DC DC C . n 
C 3 3  DA 3  2  2  DA DA C . n 
C 3 4  DT 4  3  3  DT DT C . n 
C 3 5  DC 5  4  4  DC DC C . n 
C 3 6  DG 6  5  5  DG DG C . n 
D 4 1  DT 1  2  2  DT DT D . n 
D 4 2  DC 2  3  3  DC DC D . n 
D 4 3  DG 3  4  4  DG DG D . n 
D 4 4  DA 4  5  5  DA DA D . n 
D 4 5  DG 5  6  6  DG DG D . n 
D 4 6  DT 6  7  7  DT DT D . n 
D 4 7  DC 7  8  8  DC DC D . n 
D 4 8  DG 8  9  9  DG DG D . n 
D 4 9  DG 9  10 10 DG DG D . n 
D 4 10 DT 10 11 11 DT DT D . n 
D 4 11 DG 11 12 12 DG DG D . n 
D 4 12 DT 12 13 13 DT DT D . n 
D 4 13 DC 13 14 14 DC DC D . n 
D 4 14 DG 14 15 15 DG DG D . n 
D 4 15 DT 15 16 16 DT DT D . n 
# 
loop_
_pdbx_nonpoly_scheme.asym_id 
_pdbx_nonpoly_scheme.entity_id 
_pdbx_nonpoly_scheme.mon_id 
_pdbx_nonpoly_scheme.ndb_seq_num 
_pdbx_nonpoly_scheme.pdb_seq_num 
_pdbx_nonpoly_scheme.auth_seq_num 
_pdbx_nonpoly_scheme.pdb_mon_id 
_pdbx_nonpoly_scheme.auth_mon_id 
_pdbx_nonpoly_scheme.pdb_strand_id 
_pdbx_nonpoly_scheme.pdb_ins_code 
E 5 MG 1 101 1 MG MG A . 
F 5 MG 1 102 3 MG MG A . 
G 5 MG 1 101 2 MG MG C . 
H 5 MG 1 102 4 MG MG C . 
# 
_pdbx_struct_assembly.id                   1 
_pdbx_struct_assembly.details              author_and_software_defined_assembly 
_pdbx_struct_assembly.method_details       PISA 
_pdbx_struct_assembly.oligomeric_details   tetrameric 
_pdbx_struct_assembly.oligomeric_count     4 
# 
_pdbx_struct_assembly_gen.assembly_id       1 
_pdbx_struct_assembly_gen.oper_expression   1 
_pdbx_struct_assembly_gen.asym_id_list      A,B,C,D,E,F,G,H 
# 
loop_
_pdbx_struct_assembly_prop.biol_id 
_pdbx_struct_assembly_prop.type 
_pdbx_struct_assembly_prop.value 
_pdbx_struct_assembly_prop.details 
1 'ABSA (A^2)' 2720 ? 
1 MORE         -28  ? 
1 'SSA (A^2)'  7950 ? 
# 
_pdbx_struct_oper_list.id                   1 
_pdbx_struct_oper_list.type                 'identity operation' 
_pdbx_struct_oper_list.name                 1_555 
_pdbx_struct_oper_list.symmetry_operation   x,y,z 
_pdbx_struct_oper_list.matrix[1][1]         1.0000000000 
_pdbx_struct_oper_list.matrix[1][2]         0.0000000000 
_pdbx_struct_oper_list.matrix[1][3]         0.0000000000 
_pdbx_struct_oper_list.vector[1]            0.0000000000 
_pdbx_struct_oper_list.matrix[2][1]         0.0000000000 
_pdbx_struct_oper_list.matrix[2][2]         1.0000000000 
_pdbx_struct_oper_list.matrix[2][3]         0.0000000000 
_pdbx_struct_oper_list.vector[2]            0.0000000000 
_pdbx_struct_oper_list.matrix[3][1]         0.0000000000 
_pdbx_struct_oper_list.matrix[3][2]         0.0000000000 
_pdbx_struct_oper_list.matrix[3][3]         1.0000000000 
_pdbx_struct_oper_list.vector[3]            0.0000000000 
# 
loop_
_pdbx_audit_revision_history.ordinal 
_pdbx_audit_revision_history.data_content_type 
_pdbx_audit_revision_history.major_revision 
_pdbx_audit_revision_history.minor_revision 
_pdbx_audit_revision_history.revision_date 
1 'Structure model' 1 0 2021-07-14 
2 'Structure model' 1 1 2022-07-06 
3 'Structure model' 1 2 2023-10-18 
# 
_pdbx_audit_revision_details.ordinal             1 
_pdbx_audit_revision_details.revision_ordinal    1 
_pdbx_audit_revision_details.data_content_type   'Structure model' 
_pdbx_audit_revision_details.provider            repository 
_pdbx_audit_revision_details.type                'Initial release' 
_pdbx_audit_revision_details.description         ? 
_pdbx_audit_revision_details.details             ? 
# 
loop_
_pdbx_audit_revision_group.ordinal 
_pdbx_audit_revision_group.revision_ordinal 
_pdbx_audit_revision_group.data_content_type 
_pdbx_audit_revision_group.group 
1 2 'Structure model' 'Database references'    
2 3 'Structure model' 'Data collection'        
3 3 'Structure model' 'Refinement description' 
# 
loop_
_pdbx_audit_revision_category.ordinal 
_pdbx_audit_revision_category.revision_ordinal 
_pdbx_audit_revision_category.data_content_type 
_pdbx_audit_revision_category.category 
1 2 'Structure model' citation                      
2 2 'Structure model' citation_author               
3 2 'Structure model' database_2                    
4 3 'Structure model' chem_comp_atom                
5 3 'Structure model' chem_comp_bond                
6 3 'Structure model' pdbx_initial_refinement_model 
# 
loop_
_pdbx_audit_revision_item.ordinal 
_pdbx_audit_revision_item.revision_ordinal 
_pdbx_audit_revision_item.data_content_type 
_pdbx_audit_revision_item.item 
1  2 'Structure model' '_citation.country'                   
2  2 'Structure model' '_citation.journal_abbrev'            
3  2 'Structure model' '_citation.journal_id_CSD'            
4  2 'Structure model' '_citation.journal_id_ISSN'           
5  2 'Structure model' '_citation.journal_volume'            
6  2 'Structure model' '_citation.page_first'                
7  2 'Structure model' '_citation.page_last'                 
8  2 'Structure model' '_citation.pdbx_database_id_DOI'      
9  2 'Structure model' '_citation.pdbx_database_id_PubMed'   
10 2 'Structure model' '_citation.title'                     
11 2 'Structure model' '_citation.year'                      
12 2 'Structure model' '_database_2.pdbx_DOI'                
13 2 'Structure model' '_database_2.pdbx_database_accession' 
# 
loop_
_software.citation_id 
_software.classification 
_software.compiler_name 
_software.compiler_version 
_software.contact_author 
_software.contact_author_email 
_software.date 
_software.description 
_software.dependencies 
_software.hardware 
_software.language 
_software.location 
_software.mods 
_software.name 
_software.os 
_software.os_version 
_software.type 
_software.version 
_software.pdbx_ordinal 
? 'data reduction'  ? ? ? ? ? ? ? ? ? ? ? HKL-2000    ? ? ? .           1 
? 'data scaling'    ? ? ? ? ? ? ? ? ? ? ? HKL-2000    ? ? ? .           2 
? refinement        ? ? ? ? ? ? ? ? ? ? ? PHENIX      ? ? ? 1.11.1_2575 3 
? 'data extraction' ? ? ? ? ? ? ? ? ? ? ? PDB_EXTRACT ? ? ? 3.25        4 
? phasing           ? ? ? ? ? ? ? ? ? ? ? PHASER      ? ? ? .           5 
# 
_pdbx_entry_details.entry_id                 7JIO 
_pdbx_entry_details.has_ligand_of_interest   N 
_pdbx_entry_details.compound_details         ? 
_pdbx_entry_details.source_details           ? 
_pdbx_entry_details.nonpolymer_details       ? 
_pdbx_entry_details.sequence_details         ? 
# 
loop_
_pdbx_validate_symm_contact.id 
_pdbx_validate_symm_contact.PDB_model_num 
_pdbx_validate_symm_contact.auth_atom_id_1 
_pdbx_validate_symm_contact.auth_asym_id_1 
_pdbx_validate_symm_contact.auth_comp_id_1 
_pdbx_validate_symm_contact.auth_seq_id_1 
_pdbx_validate_symm_contact.PDB_ins_code_1 
_pdbx_validate_symm_contact.label_alt_id_1 
_pdbx_validate_symm_contact.site_symmetry_1 
_pdbx_validate_symm_contact.auth_atom_id_2 
_pdbx_validate_symm_contact.auth_asym_id_2 
_pdbx_validate_symm_contact.auth_comp_id_2 
_pdbx_validate_symm_contact.auth_seq_id_2 
_pdbx_validate_symm_contact.PDB_ins_code_2 
_pdbx_validate_symm_contact.label_alt_id_2 
_pdbx_validate_symm_contact.site_symmetry_2 
_pdbx_validate_symm_contact.dist 
1 1 OP1   C DT 0  ? ? 1_555 "O3'" C DG 5  ? ? 6_555 1.81 
2 1 "O3'" A DA 12 ? ? 1_555 OP2   B DC 12 ? ? 6_555 1.83 
3 1 "O3'" A DA 12 ? ? 1_555 P     B DC 12 ? ? 6_555 2.05 
4 1 "O3'" A DA 12 ? ? 1_555 "O5'" B DC 12 ? ? 6_555 2.16 
# 
loop_
_pdbx_validate_rmsd_angle.id 
_pdbx_validate_rmsd_angle.PDB_model_num 
_pdbx_validate_rmsd_angle.auth_atom_id_1 
_pdbx_validate_rmsd_angle.auth_asym_id_1 
_pdbx_validate_rmsd_angle.auth_comp_id_1 
_pdbx_validate_rmsd_angle.auth_seq_id_1 
_pdbx_validate_rmsd_angle.PDB_ins_code_1 
_pdbx_validate_rmsd_angle.label_alt_id_1 
_pdbx_validate_rmsd_angle.auth_atom_id_2 
_pdbx_validate_rmsd_angle.auth_asym_id_2 
_pdbx_validate_rmsd_angle.auth_comp_id_2 
_pdbx_validate_rmsd_angle.auth_seq_id_2 
_pdbx_validate_rmsd_angle.PDB_ins_code_2 
_pdbx_validate_rmsd_angle.label_alt_id_2 
_pdbx_validate_rmsd_angle.auth_atom_id_3 
_pdbx_validate_rmsd_angle.auth_asym_id_3 
_pdbx_validate_rmsd_angle.auth_comp_id_3 
_pdbx_validate_rmsd_angle.auth_seq_id_3 
_pdbx_validate_rmsd_angle.PDB_ins_code_3 
_pdbx_validate_rmsd_angle.label_alt_id_3 
_pdbx_validate_rmsd_angle.angle_value 
_pdbx_validate_rmsd_angle.angle_target_value 
_pdbx_validate_rmsd_angle.angle_deviation 
_pdbx_validate_rmsd_angle.angle_standard_deviation 
_pdbx_validate_rmsd_angle.linker_flag 
1 1 "O5'" B DC 12 ? ? P     B DC 12 ? ? OP2   B DC 12 ? ? 100.12 105.70 -5.58 0.90 N 
2 1 "C1'" B DC 18 ? ? "O4'" B DC 18 ? ? "C4'" B DC 18 ? ? 102.71 110.10 -7.39 1.00 N 
3 1 "O5'" C DA 2  ? ? P     C DA 2  ? ? OP1   C DA 2  ? ? 97.11  105.70 -8.59 0.90 N 
4 1 "O5'" C DA 2  ? ? P     C DA 2  ? ? OP2   C DA 2  ? ? 118.29 110.70 7.59  1.20 N 
5 1 "O4'" D DG 10 ? ? "C4'" D DG 10 ? ? "C3'" D DG 10 ? ? 101.82 104.50 -2.68 0.40 N 
6 1 "O5'" D DT 11 ? ? P     D DT 11 ? ? OP2   D DT 11 ? ? 97.39  105.70 -8.31 0.90 N 
# 
loop_
_chem_comp_atom.comp_id 
_chem_comp_atom.atom_id 
_chem_comp_atom.type_symbol 
_chem_comp_atom.pdbx_aromatic_flag 
_chem_comp_atom.pdbx_stereo_config 
_chem_comp_atom.pdbx_ordinal 
DA OP3    O  N N 1   
DA P      P  N N 2   
DA OP1    O  N N 3   
DA OP2    O  N N 4   
DA "O5'"  O  N N 5   
DA "C5'"  C  N N 6   
DA "C4'"  C  N R 7   
DA "O4'"  O  N N 8   
DA "C3'"  C  N S 9   
DA "O3'"  O  N N 10  
DA "C2'"  C  N N 11  
DA "C1'"  C  N R 12  
DA N9     N  Y N 13  
DA C8     C  Y N 14  
DA N7     N  Y N 15  
DA C5     C  Y N 16  
DA C6     C  Y N 17  
DA N6     N  N N 18  
DA N1     N  Y N 19  
DA C2     C  Y N 20  
DA N3     N  Y N 21  
DA C4     C  Y N 22  
DA HOP3   H  N N 23  
DA HOP2   H  N N 24  
DA "H5'"  H  N N 25  
DA "H5''" H  N N 26  
DA "H4'"  H  N N 27  
DA "H3'"  H  N N 28  
DA "HO3'" H  N N 29  
DA "H2'"  H  N N 30  
DA "H2''" H  N N 31  
DA "H1'"  H  N N 32  
DA H8     H  N N 33  
DA H61    H  N N 34  
DA H62    H  N N 35  
DA H2     H  N N 36  
DC OP3    O  N N 37  
DC P      P  N N 38  
DC OP1    O  N N 39  
DC OP2    O  N N 40  
DC "O5'"  O  N N 41  
DC "C5'"  C  N N 42  
DC "C4'"  C  N R 43  
DC "O4'"  O  N N 44  
DC "C3'"  C  N S 45  
DC "O3'"  O  N N 46  
DC "C2'"  C  N N 47  
DC "C1'"  C  N R 48  
DC N1     N  N N 49  
DC C2     C  N N 50  
DC O2     O  N N 51  
DC N3     N  N N 52  
DC C4     C  N N 53  
DC N4     N  N N 54  
DC C5     C  N N 55  
DC C6     C  N N 56  
DC HOP3   H  N N 57  
DC HOP2   H  N N 58  
DC "H5'"  H  N N 59  
DC "H5''" H  N N 60  
DC "H4'"  H  N N 61  
DC "H3'"  H  N N 62  
DC "HO3'" H  N N 63  
DC "H2'"  H  N N 64  
DC "H2''" H  N N 65  
DC "H1'"  H  N N 66  
DC H41    H  N N 67  
DC H42    H  N N 68  
DC H5     H  N N 69  
DC H6     H  N N 70  
DG OP3    O  N N 71  
DG P      P  N N 72  
DG OP1    O  N N 73  
DG OP2    O  N N 74  
DG "O5'"  O  N N 75  
DG "C5'"  C  N N 76  
DG "C4'"  C  N R 77  
DG "O4'"  O  N N 78  
DG "C3'"  C  N S 79  
DG "O3'"  O  N N 80  
DG "C2'"  C  N N 81  
DG "C1'"  C  N R 82  
DG N9     N  Y N 83  
DG C8     C  Y N 84  
DG N7     N  Y N 85  
DG C5     C  Y N 86  
DG C6     C  N N 87  
DG O6     O  N N 88  
DG N1     N  N N 89  
DG C2     C  N N 90  
DG N2     N  N N 91  
DG N3     N  N N 92  
DG C4     C  Y N 93  
DG HOP3   H  N N 94  
DG HOP2   H  N N 95  
DG "H5'"  H  N N 96  
DG "H5''" H  N N 97  
DG "H4'"  H  N N 98  
DG "H3'"  H  N N 99  
DG "HO3'" H  N N 100 
DG "H2'"  H  N N 101 
DG "H2''" H  N N 102 
DG "H1'"  H  N N 103 
DG H8     H  N N 104 
DG H1     H  N N 105 
DG H21    H  N N 106 
DG H22    H  N N 107 
DT OP3    O  N N 108 
DT P      P  N N 109 
DT OP1    O  N N 110 
DT OP2    O  N N 111 
DT "O5'"  O  N N 112 
DT "C5'"  C  N N 113 
DT "C4'"  C  N R 114 
DT "O4'"  O  N N 115 
DT "C3'"  C  N S 116 
DT "O3'"  O  N N 117 
DT "C2'"  C  N N 118 
DT "C1'"  C  N R 119 
DT N1     N  N N 120 
DT C2     C  N N 121 
DT O2     O  N N 122 
DT N3     N  N N 123 
DT C4     C  N N 124 
DT O4     O  N N 125 
DT C5     C  N N 126 
DT C7     C  N N 127 
DT C6     C  N N 128 
DT HOP3   H  N N 129 
DT HOP2   H  N N 130 
DT "H5'"  H  N N 131 
DT "H5''" H  N N 132 
DT "H4'"  H  N N 133 
DT "H3'"  H  N N 134 
DT "HO3'" H  N N 135 
DT "H2'"  H  N N 136 
DT "H2''" H  N N 137 
DT "H1'"  H  N N 138 
DT H3     H  N N 139 
DT H71    H  N N 140 
DT H72    H  N N 141 
DT H73    H  N N 142 
DT H6     H  N N 143 
MG MG     MG N N 144 
# 
loop_
_chem_comp_bond.comp_id 
_chem_comp_bond.atom_id_1 
_chem_comp_bond.atom_id_2 
_chem_comp_bond.value_order 
_chem_comp_bond.pdbx_aromatic_flag 
_chem_comp_bond.pdbx_stereo_config 
_chem_comp_bond.pdbx_ordinal 
DA OP3   P      sing N N 1   
DA OP3   HOP3   sing N N 2   
DA P     OP1    doub N N 3   
DA P     OP2    sing N N 4   
DA P     "O5'"  sing N N 5   
DA OP2   HOP2   sing N N 6   
DA "O5'" "C5'"  sing N N 7   
DA "C5'" "C4'"  sing N N 8   
DA "C5'" "H5'"  sing N N 9   
DA "C5'" "H5''" sing N N 10  
DA "C4'" "O4'"  sing N N 11  
DA "C4'" "C3'"  sing N N 12  
DA "C4'" "H4'"  sing N N 13  
DA "O4'" "C1'"  sing N N 14  
DA "C3'" "O3'"  sing N N 15  
DA "C3'" "C2'"  sing N N 16  
DA "C3'" "H3'"  sing N N 17  
DA "O3'" "HO3'" sing N N 18  
DA "C2'" "C1'"  sing N N 19  
DA "C2'" "H2'"  sing N N 20  
DA "C2'" "H2''" sing N N 21  
DA "C1'" N9     sing N N 22  
DA "C1'" "H1'"  sing N N 23  
DA N9    C8     sing Y N 24  
DA N9    C4     sing Y N 25  
DA C8    N7     doub Y N 26  
DA C8    H8     sing N N 27  
DA N7    C5     sing Y N 28  
DA C5    C6     sing Y N 29  
DA C5    C4     doub Y N 30  
DA C6    N6     sing N N 31  
DA C6    N1     doub Y N 32  
DA N6    H61    sing N N 33  
DA N6    H62    sing N N 34  
DA N1    C2     sing Y N 35  
DA C2    N3     doub Y N 36  
DA C2    H2     sing N N 37  
DA N3    C4     sing Y N 38  
DC OP3   P      sing N N 39  
DC OP3   HOP3   sing N N 40  
DC P     OP1    doub N N 41  
DC P     OP2    sing N N 42  
DC P     "O5'"  sing N N 43  
DC OP2   HOP2   sing N N 44  
DC "O5'" "C5'"  sing N N 45  
DC "C5'" "C4'"  sing N N 46  
DC "C5'" "H5'"  sing N N 47  
DC "C5'" "H5''" sing N N 48  
DC "C4'" "O4'"  sing N N 49  
DC "C4'" "C3'"  sing N N 50  
DC "C4'" "H4'"  sing N N 51  
DC "O4'" "C1'"  sing N N 52  
DC "C3'" "O3'"  sing N N 53  
DC "C3'" "C2'"  sing N N 54  
DC "C3'" "H3'"  sing N N 55  
DC "O3'" "HO3'" sing N N 56  
DC "C2'" "C1'"  sing N N 57  
DC "C2'" "H2'"  sing N N 58  
DC "C2'" "H2''" sing N N 59  
DC "C1'" N1     sing N N 60  
DC "C1'" "H1'"  sing N N 61  
DC N1    C2     sing N N 62  
DC N1    C6     sing N N 63  
DC C2    O2     doub N N 64  
DC C2    N3     sing N N 65  
DC N3    C4     doub N N 66  
DC C4    N4     sing N N 67  
DC C4    C5     sing N N 68  
DC N4    H41    sing N N 69  
DC N4    H42    sing N N 70  
DC C5    C6     doub N N 71  
DC C5    H5     sing N N 72  
DC C6    H6     sing N N 73  
DG OP3   P      sing N N 74  
DG OP3   HOP3   sing N N 75  
DG P     OP1    doub N N 76  
DG P     OP2    sing N N 77  
DG P     "O5'"  sing N N 78  
DG OP2   HOP2   sing N N 79  
DG "O5'" "C5'"  sing N N 80  
DG "C5'" "C4'"  sing N N 81  
DG "C5'" "H5'"  sing N N 82  
DG "C5'" "H5''" sing N N 83  
DG "C4'" "O4'"  sing N N 84  
DG "C4'" "C3'"  sing N N 85  
DG "C4'" "H4'"  sing N N 86  
DG "O4'" "C1'"  sing N N 87  
DG "C3'" "O3'"  sing N N 88  
DG "C3'" "C2'"  sing N N 89  
DG "C3'" "H3'"  sing N N 90  
DG "O3'" "HO3'" sing N N 91  
DG "C2'" "C1'"  sing N N 92  
DG "C2'" "H2'"  sing N N 93  
DG "C2'" "H2''" sing N N 94  
DG "C1'" N9     sing N N 95  
DG "C1'" "H1'"  sing N N 96  
DG N9    C8     sing Y N 97  
DG N9    C4     sing Y N 98  
DG C8    N7     doub Y N 99  
DG C8    H8     sing N N 100 
DG N7    C5     sing Y N 101 
DG C5    C6     sing N N 102 
DG C5    C4     doub Y N 103 
DG C6    O6     doub N N 104 
DG C6    N1     sing N N 105 
DG N1    C2     sing N N 106 
DG N1    H1     sing N N 107 
DG C2    N2     sing N N 108 
DG C2    N3     doub N N 109 
DG N2    H21    sing N N 110 
DG N2    H22    sing N N 111 
DG N3    C4     sing N N 112 
DT OP3   P      sing N N 113 
DT OP3   HOP3   sing N N 114 
DT P     OP1    doub N N 115 
DT P     OP2    sing N N 116 
DT P     "O5'"  sing N N 117 
DT OP2   HOP2   sing N N 118 
DT "O5'" "C5'"  sing N N 119 
DT "C5'" "C4'"  sing N N 120 
DT "C5'" "H5'"  sing N N 121 
DT "C5'" "H5''" sing N N 122 
DT "C4'" "O4'"  sing N N 123 
DT "C4'" "C3'"  sing N N 124 
DT "C4'" "H4'"  sing N N 125 
DT "O4'" "C1'"  sing N N 126 
DT "C3'" "O3'"  sing N N 127 
DT "C3'" "C2'"  sing N N 128 
DT "C3'" "H3'"  sing N N 129 
DT "O3'" "HO3'" sing N N 130 
DT "C2'" "C1'"  sing N N 131 
DT "C2'" "H2'"  sing N N 132 
DT "C2'" "H2''" sing N N 133 
DT "C1'" N1     sing N N 134 
DT "C1'" "H1'"  sing N N 135 
DT N1    C2     sing N N 136 
DT N1    C6     sing N N 137 
DT C2    O2     doub N N 138 
DT C2    N3     sing N N 139 
DT N3    C4     sing N N 140 
DT N3    H3     sing N N 141 
DT C4    O4     doub N N 142 
DT C4    C5     sing N N 143 
DT C5    C7     sing N N 144 
DT C5    C6     doub N N 145 
DT C7    H71    sing N N 146 
DT C7    H72    sing N N 147 
DT C7    H73    sing N N 148 
DT C6    H6     sing N N 149 
# 
loop_
_ndb_struct_conf_na.entry_id 
_ndb_struct_conf_na.feature 
7JIO 'double helix'        
7JIO 'a-form double helix' 
7JIO 'b-form double helix' 
# 
loop_
_ndb_struct_na_base_pair.model_number 
_ndb_struct_na_base_pair.i_label_asym_id 
_ndb_struct_na_base_pair.i_label_comp_id 
_ndb_struct_na_base_pair.i_label_seq_id 
_ndb_struct_na_base_pair.i_symmetry 
_ndb_struct_na_base_pair.j_label_asym_id 
_ndb_struct_na_base_pair.j_label_comp_id 
_ndb_struct_na_base_pair.j_label_seq_id 
_ndb_struct_na_base_pair.j_symmetry 
_ndb_struct_na_base_pair.shear 
_ndb_struct_na_base_pair.stretch 
_ndb_struct_na_base_pair.stagger 
_ndb_struct_na_base_pair.buckle 
_ndb_struct_na_base_pair.propeller 
_ndb_struct_na_base_pair.opening 
_ndb_struct_na_base_pair.pair_number 
_ndb_struct_na_base_pair.pair_name 
_ndb_struct_na_base_pair.i_auth_asym_id 
_ndb_struct_na_base_pair.i_auth_seq_id 
_ndb_struct_na_base_pair.i_PDB_ins_code 
_ndb_struct_na_base_pair.j_auth_asym_id 
_ndb_struct_na_base_pair.j_auth_seq_id 
_ndb_struct_na_base_pair.j_PDB_ins_code 
_ndb_struct_na_base_pair.hbond_type_28 
_ndb_struct_na_base_pair.hbond_type_12 
1 A DA 3  1_555 D DT 15 1_555 0.784  0.219  0.269  -0.176  -10.992 -5.890  1  A_DA3:DT16_D A 3  ? D 16 ? 20 1 
1 A DC 4  1_555 D DG 14 1_555 -0.706 0.471  0.450  -5.909  -13.445 6.708   2  A_DC4:DG15_D A 4  ? D 15 ? 19 1 
1 A DG 5  1_555 D DC 13 1_555 -0.803 -0.120 0.984  13.230  -15.203 5.034   3  A_DG5:DC14_D A 5  ? D 14 ? 19 1 
1 A DA 6  1_555 D DT 12 1_555 0.243  -0.124 -0.065 0.691   -6.511  -5.846  4  A_DA6:DT13_D A 6  ? D 13 ? 20 1 
1 A DC 7  1_555 D DG 11 1_555 0.339  -0.504 -0.133 7.794   -9.076  -5.013  5  A_DC7:DG12_D A 7  ? D 12 ? 19 1 
1 A DA 8  1_555 D DT 10 1_555 -0.443 -0.173 0.013  4.036   -1.314  -3.724  6  A_DA8:DT11_D A 8  ? D 11 ? 20 1 
1 A DC 9  1_555 D DG 9  1_555 -0.040 -0.149 0.296  -1.253  -10.696 -15.693 7  A_DC9:DG10_D A 9  ? D 10 ? 19 1 
1 A DT 10 1_555 C DA 3  1_555 -0.734 -0.031 0.717  -6.279  -5.479  2.908   8  A_DT10:DA2_C A 10 ? C 2  ? 20 1 
1 A DG 11 1_555 C DC 2  1_555 0.067  -0.025 0.511  8.577   -5.805  0.305   9  A_DG11:DC1_C A 11 ? C 1  ? 19 1 
1 A DA 12 1_555 C DT 1  1_555 0.702  -0.010 0.170  -0.812  -3.676  -10.945 10 A_DA12:DT0_C A 12 ? C 0  ? 20 1 
1 B DC 1  1_555 C DG 6  1_555 -0.458 -0.011 0.505  -9.751  -4.257  2.294   11 B_DC12:DG5_C B 12 ? C 5  ? 19 1 
1 B DG 2  1_555 C DC 5  1_555 -0.312 -0.330 0.682  7.541   -2.760  -0.518  12 B_DG13:DC4_C B 13 ? C 4  ? 19 1 
1 B DA 3  1_555 C DT 4  1_555 -0.119 -0.056 0.728  7.559   -7.860  -7.169  13 B_DA14:DT3_C B 14 ? C 3  ? 20 1 
1 B DC 4  1_555 D DG 8  1_555 -0.160 -0.220 0.839  -5.138  -11.141 -8.748  14 B_DC15:DG9_D B 15 ? D 9  ? 19 1 
1 B DG 5  1_555 D DC 7  1_555 0.103  -0.017 0.811  10.038  -10.191 -3.932  15 B_DG16:DC8_D B 16 ? D 8  ? 19 1 
1 B DA 6  1_555 D DT 6  1_555 0.905  -0.310 0.199  -2.278  -7.427  -12.292 16 B_DA17:DT7_D B 17 ? D 7  ? 20 1 
1 B DC 7  1_555 D DG 5  1_555 -0.440 -0.098 0.841  -12.377 -7.848  2.411   17 B_DC18:DG6_D B 18 ? D 6  ? 19 1 
1 B DT 8  1_555 D DA 4  1_555 -0.204 0.065  0.384  -8.767  -4.205  -6.927  18 B_DT19:DA5_D B 19 ? D 5  ? 20 1 
1 B DC 9  1_555 D DG 3  1_555 0.183  0.258  -0.399 12.649  -17.026 0.450   19 B_DC20:DG4_D B 20 ? D 4  ? 19 1 
# 
loop_
_ndb_struct_na_base_pair_step.model_number 
_ndb_struct_na_base_pair_step.i_label_asym_id_1 
_ndb_struct_na_base_pair_step.i_label_comp_id_1 
_ndb_struct_na_base_pair_step.i_label_seq_id_1 
_ndb_struct_na_base_pair_step.i_symmetry_1 
_ndb_struct_na_base_pair_step.j_label_asym_id_1 
_ndb_struct_na_base_pair_step.j_label_comp_id_1 
_ndb_struct_na_base_pair_step.j_label_seq_id_1 
_ndb_struct_na_base_pair_step.j_symmetry_1 
_ndb_struct_na_base_pair_step.i_label_asym_id_2 
_ndb_struct_na_base_pair_step.i_label_comp_id_2 
_ndb_struct_na_base_pair_step.i_label_seq_id_2 
_ndb_struct_na_base_pair_step.i_symmetry_2 
_ndb_struct_na_base_pair_step.j_label_asym_id_2 
_ndb_struct_na_base_pair_step.j_label_comp_id_2 
_ndb_struct_na_base_pair_step.j_label_seq_id_2 
_ndb_struct_na_base_pair_step.j_symmetry_2 
_ndb_struct_na_base_pair_step.shift 
_ndb_struct_na_base_pair_step.slide 
_ndb_struct_na_base_pair_step.rise 
_ndb_struct_na_base_pair_step.tilt 
_ndb_struct_na_base_pair_step.roll 
_ndb_struct_na_base_pair_step.twist 
_ndb_struct_na_base_pair_step.x_displacement 
_ndb_struct_na_base_pair_step.y_displacement 
_ndb_struct_na_base_pair_step.helical_rise 
_ndb_struct_na_base_pair_step.inclination 
_ndb_struct_na_base_pair_step.tip 
_ndb_struct_na_base_pair_step.helical_twist 
_ndb_struct_na_base_pair_step.step_number 
_ndb_struct_na_base_pair_step.step_name 
_ndb_struct_na_base_pair_step.i_auth_asym_id_1 
_ndb_struct_na_base_pair_step.i_auth_seq_id_1 
_ndb_struct_na_base_pair_step.i_PDB_ins_code_1 
_ndb_struct_na_base_pair_step.j_auth_asym_id_1 
_ndb_struct_na_base_pair_step.j_auth_seq_id_1 
_ndb_struct_na_base_pair_step.j_PDB_ins_code_1 
_ndb_struct_na_base_pair_step.i_auth_asym_id_2 
_ndb_struct_na_base_pair_step.i_auth_seq_id_2 
_ndb_struct_na_base_pair_step.i_PDB_ins_code_2 
_ndb_struct_na_base_pair_step.j_auth_asym_id_2 
_ndb_struct_na_base_pair_step.j_auth_seq_id_2 
_ndb_struct_na_base_pair_step.j_PDB_ins_code_2 
1 A DA 3  1_555 D DT 15 1_555 A DC 4  1_555 D DG 14 1_555 0.475  -0.621 3.414 -1.085 0.231  24.744 -1.521 -1.449 3.385 0.540  
2.530   24.768 1  AA_DA3DC4:DG15DT16_DD A 3  ? D 16 ? A 4  ? D 15 ? 
1 A DC 4  1_555 D DG 14 1_555 A DG 5  1_555 D DC 13 1_555 0.340  0.790  3.024 -3.791 2.564  38.430 0.900  -0.945 3.022 3.878  
5.734   38.692 2  AA_DC4DG5:DC14DG15_DD A 4  ? D 15 ? A 5  ? D 14 ? 
1 A DG 5  1_555 D DC 13 1_555 A DA 6  1_555 D DT 12 1_555 -1.144 0.236  3.751 2.662  -1.329 40.871 0.502  1.964  3.663 -1.900 
-3.807  40.975 3  AA_DG5DA6:DT13DC14_DD A 5  ? D 14 ? A 6  ? D 13 ? 
1 A DA 6  1_555 D DT 12 1_555 A DC 7  1_555 D DG 11 1_555 0.511  -0.874 3.126 1.571  0.078  31.542 -1.619 -0.659 3.145 0.144  
-2.889  31.580 4  AA_DA6DC7:DG12DT13_DD A 6  ? D 13 ? A 7  ? D 12 ? 
1 A DC 7  1_555 D DG 11 1_555 A DA 8  1_555 D DT 10 1_555 0.117  -0.972 3.378 -1.866 -1.747 32.393 -1.418 -0.548 3.412 -3.125 
3.338   32.491 5  AA_DC7DA8:DT11DG12_DD A 7  ? D 12 ? A 8  ? D 11 ? 
1 A DA 8  1_555 D DT 10 1_555 A DC 9  1_555 D DG 9  1_555 -0.056 -0.859 3.424 -5.554 -1.134 42.205 -1.063 -0.513 3.425 -1.566 
7.671   42.566 6  AA_DA8DC9:DG10DT11_DD A 8  ? D 11 ? A 9  ? D 10 ? 
1 A DC 9  1_555 D DG 9  1_555 A DT 10 1_555 C DA 3  1_555 -0.296 -1.875 3.377 -1.732 -0.733 21.956 -4.610 0.079  3.450 -1.921 
4.536   22.035 7  AA_DC9DT10:DA2DG10_CD A 9  ? D 10 ? A 10 ? C 2  ? 
1 A DT 10 1_555 C DA 3  1_555 A DG 11 1_555 C DC 2  1_555 -0.344 0.952  3.065 2.529  4.474  35.917 0.933  0.889  3.127 7.209  
-4.074  36.271 8  AA_DT10DG11:DC1DA2_CC A 10 ? C 2  ? A 11 ? C 1  ? 
1 A DG 11 1_555 C DC 2  1_555 A DA 12 1_555 C DT 1  1_555 -0.610 0.160  3.635 -0.696 6.633  42.934 -0.503 0.749  3.629 8.997  
0.944   43.424 9  AA_DG11DA12:DT0DC1_CC A 11 ? C 1  ? A 12 ? C 0  ? 
1 B DC 1  1_555 C DG 6  1_555 B DG 2  1_555 C DC 5  1_555 0.046  -0.208 2.914 -2.424 0.012  35.048 -0.347 -0.399 2.905 0.020  
4.019   35.129 10 BB_DC12DG13:DC4DG5_CC B 12 ? C 5  ? B 13 ? C 4  ? 
1 B DG 2  1_555 C DC 5  1_555 B DA 3  1_555 C DT 4  1_555 0.197  -0.980 3.216 -1.845 -0.294 39.077 -1.430 -0.511 3.211 -0.439 
2.756   39.119 11 BB_DG13DA14:DT3DC4_CC B 13 ? C 4  ? B 14 ? C 3  ? 
1 B DA 3  1_555 C DT 4  1_555 B DC 4  1_555 D DG 8  1_555 -0.950 -1.444 3.506 -1.424 1.050  31.026 -2.911 1.481  3.495 1.961  
2.660   31.075 12 BB_DA14DC15:DG9DT3_DC B 14 ? C 3  ? B 15 ? D 9  ? 
1 B DC 4  1_555 D DG 8  1_555 B DG 5  1_555 D DC 7  1_555 -0.123 0.178  3.045 1.903  3.879  35.060 -0.242 0.465  3.036 6.409  
-3.145  35.317 13 BB_DC15DG16:DC8DG9_DD B 15 ? D 9  ? B 16 ? D 8  ? 
1 B DG 5  1_555 D DC 7  1_555 B DA 6  1_555 D DT 6  1_555 -0.500 -0.619 3.595 1.013  9.160  38.858 -2.046 0.859  3.357 13.538 
-1.497  39.895 14 BB_DG16DA17:DT7DC8_DD B 16 ? D 8  ? B 17 ? D 7  ? 
1 B DA 6  1_555 D DT 6  1_555 B DC 7  1_555 D DG 5  1_555 0.926  -1.143 3.507 -5.992 2.269  24.835 -3.233 -3.823 3.086 5.166  
13.644  25.635 15 BB_DA17DC18:DG6DT7_DD B 17 ? D 7  ? B 18 ? D 6  ? 
1 B DC 7  1_555 D DG 5  1_555 B DT 8  1_555 D DA 4  1_555 -0.440 -0.878 3.248 4.844  1.406  37.310 -1.540 1.299  3.135 2.185  
-7.530  37.638 16 BB_DC18DT19:DA5DG6_DD B 18 ? D 6  ? B 19 ? D 5  ? 
1 B DT 8  1_555 D DA 4  1_555 B DC 9  1_555 D DG 3  1_555 -0.026 0.346  2.861 6.824  2.010  35.038 0.310  0.907  2.822 3.297  
-11.193 35.731 17 BB_DT19DC20:DG4DA5_DD B 19 ? D 5  ? B 20 ? D 4  ? 
# 
loop_
_pdbx_audit_support.funding_organization 
_pdbx_audit_support.country 
_pdbx_audit_support.grant_number 
_pdbx_audit_support.ordinal 
'National Science Foundation (NSF, United States)'                                         'United States' 1360635     1 
'National Institutes of Health/National Institute of General Medical Sciences (NIH/NIGMS)' 'United States' R01GM104960 2 
'National Science Foundation (NSF, United States)'                                         'United States' NSF2004250  3 
# 
_pdbx_entity_nonpoly.entity_id   5 
_pdbx_entity_nonpoly.name        'MAGNESIUM ION' 
_pdbx_entity_nonpoly.comp_id     MG 
# 
_pdbx_initial_refinement_model.id               1 
_pdbx_initial_refinement_model.entity_id_list   ? 
_pdbx_initial_refinement_model.type             'experimental model' 
_pdbx_initial_refinement_model.source_name      PDB 
_pdbx_initial_refinement_model.accession_code   6XNA 
_pdbx_initial_refinement_model.details          ? 
# 
_pdbx_struct_assembly_auth_evidence.id                     1 
_pdbx_struct_assembly_auth_evidence.assembly_id            1 
_pdbx_struct_assembly_auth_evidence.experimental_support   none 
_pdbx_struct_assembly_auth_evidence.details                ? 
# 
